data_6MSO
#
_entry.id   6MSO
#
_cell.length_a   78.741
_cell.length_b   138.443
_cell.length_c   138.073
_cell.angle_alpha   90.00
_cell.angle_beta   90.00
_cell.angle_gamma   90.00
#
_symmetry.space_group_name_H-M   'P 1 21 1'
#
loop_
_entity.id
_entity.type
_entity.pdbx_description
1 polymer 'fumarate hydratase'
2 non-polymer 'IRON/SULFUR CLUSTER'
3 non-polymer GLYCEROL
4 non-polymer 'PENTAETHYLENE GLYCOL'
5 non-polymer '(2S)-2-sulfanylbutanedioic acid'
6 water water
#
_entity_poly.entity_id   1
_entity_poly.type   'polypeptide(L)'
_entity_poly.pdbx_seq_one_letter_code
;MGSSHHHHHHSSGLVPRGSHMASMTGGQQMGRGSEFMLRRLAPLLAEFNFVPLVSKVSHKETKYRLLTKDYVSVVQPGAG
LPEMLRVDPAALTLLSSTAFDDVEHLLRSSHLMSLRKIFDDPEASDNDKFVALQLLKNANISSARLLPGCQDTGTAIIAG
YRGDQVFVPGNDEEALSRGVYDIFQKRNFRYSQNVPLSMYDEKNTGTNLPAQIDLYASKGMEYSFMFVAKGGGSANKSFL
LQETKSVLNPKSLRNFLKEKLAMFGTSACPPYHVAVVIGGTSAEMTMKVLKYASCHYYDDLITKPDMKTGYTFRDLELEE
EVLKVCQNIGMGAQFGGKYYAHDVRVIRMPRHGASCPIGIGVSCSADRQALGKINKDGVWLEELEMEPSQYLPDLKEDEL
LKTPAVMVNLNRPMPEVLQELSKHPVRTRLSLTGTIIVARDSAHARMREMLEAGKPLPQYMKEHPVYYAGPAKQPDGLPS
GSFGPTTAGRMDPFVDLFQSHGGSMVMLAKGNRSKQVTKACHKYGGFYLGSIGGPAAVLAQNAIKKVECLDMKDLGMEAV
WRIEVENFPAFIVVDDKGNDFFEQL
;
_entity_poly.pdbx_strand_id   A,B,C,D
#
loop_
_chem_comp.id
_chem_comp.type
_chem_comp.name
_chem_comp.formula
1PE non-polymer 'PENTAETHYLENE GLYCOL' 'C10 H22 O6'
GOL non-polymer GLYCEROL 'C3 H8 O3'
JYD non-polymer '(2S)-2-sulfanylbutanedioic acid' 'C4 H6 O4 S'
SF4 non-polymer 'IRON/SULFUR CLUSTER' 'Fe4 S4'
#
# COMPACT_ATOMS: atom_id res chain seq x y z
N ALA A 46 42.18 27.69 13.67
CA ALA A 46 42.64 26.67 14.60
C ALA A 46 42.28 25.29 14.10
N GLU A 47 42.04 24.37 15.03
CA GLU A 47 41.77 22.98 14.66
C GLU A 47 40.33 22.84 14.16
N PHE A 48 40.03 21.67 13.59
CA PHE A 48 38.70 21.41 13.08
C PHE A 48 37.74 21.16 14.23
N ASN A 49 36.76 22.03 14.35
CA ASN A 49 35.70 21.94 15.35
C ASN A 49 34.41 22.08 14.56
N PHE A 50 33.76 20.96 14.28
CA PHE A 50 32.50 21.00 13.54
C PHE A 50 31.41 21.55 14.44
N VAL A 51 30.73 22.59 13.95
CA VAL A 51 29.55 23.13 14.61
C VAL A 51 28.52 23.32 13.51
N PRO A 52 27.33 22.73 13.62
CA PRO A 52 26.36 22.85 12.53
C PRO A 52 25.91 24.29 12.31
N LEU A 53 25.50 24.57 11.08
CA LEU A 53 24.94 25.87 10.73
C LEU A 53 23.75 26.23 11.62
N VAL A 54 22.84 25.27 11.83
CA VAL A 54 21.70 25.37 12.74
C VAL A 54 21.72 24.13 13.64
N SER A 55 21.54 24.34 14.94
CA SER A 55 21.56 23.19 15.84
C SER A 55 20.28 22.36 15.71
N LYS A 56 20.33 21.12 16.16
CA LYS A 56 19.13 20.30 16.24
C LYS A 56 18.19 20.86 17.30
N VAL A 57 16.90 20.76 17.05
CA VAL A 57 15.90 21.44 17.87
C VAL A 57 14.87 20.43 18.38
N SER A 58 14.51 20.55 19.65
CA SER A 58 13.42 19.79 20.22
C SER A 58 12.11 20.53 19.98
N HIS A 59 10.99 19.87 20.33
CA HIS A 59 9.67 20.46 20.28
C HIS A 59 8.89 20.06 21.54
N LYS A 60 9.26 20.68 22.67
CA LYS A 60 8.83 20.22 23.99
C LYS A 60 7.38 20.57 24.33
N GLU A 61 6.78 21.53 23.63
CA GLU A 61 5.37 21.86 23.80
C GLU A 61 4.49 21.20 22.75
N THR A 62 5.02 20.20 22.05
CA THR A 62 4.34 19.52 20.95
C THR A 62 3.91 18.13 21.43
N LYS A 63 2.61 17.96 21.67
CA LYS A 63 2.04 16.68 22.06
C LYS A 63 1.65 15.88 20.81
N TYR A 64 2.01 14.60 20.80
CA TYR A 64 1.73 13.70 19.70
C TYR A 64 0.65 12.73 20.11
N ARG A 65 -0.26 12.47 19.20
CA ARG A 65 -1.21 11.39 19.38
C ARG A 65 -0.78 10.22 18.54
N LEU A 66 -1.03 9.02 19.04
CA LEU A 66 -0.64 7.80 18.34
C LEU A 66 -1.73 7.45 17.33
N LEU A 67 -1.32 7.23 16.09
CA LEU A 67 -2.27 6.79 15.10
C LEU A 67 -2.41 5.27 15.07
N THR A 68 -1.29 4.55 15.19
CA THR A 68 -1.24 3.11 15.05
C THR A 68 0.14 2.59 15.40
N LYS A 69 0.20 1.39 15.95
CA LYS A 69 1.45 0.65 16.13
C LYS A 69 1.77 -0.28 14.96
N ASP A 70 0.92 -0.25 13.92
CA ASP A 70 1.07 -1.03 12.71
C ASP A 70 2.21 -0.49 11.84
N TYR A 71 2.60 -1.29 10.84
CA TYR A 71 3.48 -0.99 9.72
C TYR A 71 4.96 -0.98 10.09
N VAL A 72 5.33 -1.20 11.34
CA VAL A 72 6.71 -0.96 11.77
C VAL A 72 7.24 -2.23 12.46
N SER A 73 8.48 -2.58 12.13
CA SER A 73 9.15 -3.76 12.67
C SER A 73 10.65 -3.47 12.75
N VAL A 74 11.27 -3.96 13.82
CA VAL A 74 12.71 -3.83 14.03
C VAL A 74 13.35 -5.16 13.62
N VAL A 75 14.34 -5.08 12.73
CA VAL A 75 15.03 -6.26 12.22
C VAL A 75 16.52 -6.10 12.49
N GLN A 76 17.21 -7.24 12.54
CA GLN A 76 18.63 -7.24 12.84
C GLN A 76 19.41 -7.69 11.60
N PRO A 77 19.93 -6.77 10.80
CA PRO A 77 20.60 -7.17 9.56
C PRO A 77 21.97 -7.77 9.83
N GLY A 78 22.49 -8.45 8.81
CA GLY A 78 23.83 -8.99 8.89
C GLY A 78 24.86 -7.89 8.74
N ALA A 79 26.04 -8.24 8.23
CA ALA A 79 27.14 -7.29 8.10
C ALA A 79 27.38 -6.54 9.39
N GLY A 80 28.04 -5.40 9.31
CA GLY A 80 28.31 -4.62 10.50
C GLY A 80 27.23 -3.60 10.74
N LEU A 81 26.00 -3.94 10.36
CA LEU A 81 24.97 -2.91 10.36
C LEU A 81 24.19 -2.89 11.67
N PRO A 82 23.77 -1.69 12.10
CA PRO A 82 22.95 -1.61 13.31
C PRO A 82 21.55 -2.15 13.05
N GLU A 83 20.69 -2.23 14.06
CA GLU A 83 19.32 -2.62 13.79
C GLU A 83 18.63 -1.52 13.00
N MET A 84 17.70 -1.93 12.13
CA MET A 84 16.99 -1.02 11.25
C MET A 84 15.50 -1.08 11.53
N LEU A 85 14.81 0.00 11.23
CA LEU A 85 13.37 0.08 11.34
C LEU A 85 12.79 -0.02 9.94
N ARG A 86 12.22 -1.18 9.63
N ARG A 86 12.16 -1.15 9.63
CA ARG A 86 11.42 -1.32 8.41
CA ARG A 86 11.46 -1.33 8.37
C ARG A 86 10.10 -0.60 8.60
C ARG A 86 10.06 -0.73 8.48
N VAL A 87 9.78 0.29 7.67
CA VAL A 87 8.50 1.01 7.69
C VAL A 87 7.77 0.70 6.40
N ASP A 88 6.59 0.12 6.52
CA ASP A 88 5.73 -0.11 5.37
C ASP A 88 5.31 1.22 4.74
N PRO A 89 5.38 1.35 3.41
CA PRO A 89 5.02 2.64 2.78
C PRO A 89 3.61 3.11 3.10
N ALA A 90 2.66 2.19 3.32
CA ALA A 90 1.32 2.62 3.73
C ALA A 90 1.34 3.45 5.01
N ALA A 91 2.37 3.32 5.83
CA ALA A 91 2.48 4.18 7.02
C ALA A 91 2.64 5.65 6.64
N LEU A 92 3.33 5.92 5.52
CA LEU A 92 3.51 7.29 5.07
C LEU A 92 2.21 7.84 4.49
N THR A 93 1.44 6.97 3.81
CA THR A 93 0.17 7.40 3.25
C THR A 93 -0.82 7.76 4.34
N LEU A 94 -0.88 6.95 5.40
CA LEU A 94 -1.78 7.24 6.51
C LEU A 94 -1.41 8.54 7.21
N LEU A 95 -0.11 8.77 7.41
CA LEU A 95 0.32 9.96 8.14
C LEU A 95 0.07 11.24 7.35
N SER A 96 0.38 11.25 6.04
CA SER A 96 0.16 12.47 5.29
C SER A 96 -1.33 12.74 5.09
N SER A 97 -2.13 11.69 4.92
N SER A 97 -2.15 11.70 4.93
CA SER A 97 -3.57 11.89 4.75
CA SER A 97 -3.57 11.97 4.76
C SER A 97 -4.20 12.37 6.05
C SER A 97 -4.18 12.41 6.08
N THR A 98 -3.82 11.78 7.18
CA THR A 98 -4.37 12.20 8.46
C THR A 98 -3.94 13.62 8.81
N ALA A 99 -2.66 13.93 8.58
CA ALA A 99 -2.12 15.24 8.94
C ALA A 99 -2.83 16.36 8.21
N PHE A 100 -3.12 16.15 6.92
CA PHE A 100 -3.79 17.20 6.16
C PHE A 100 -5.26 17.24 6.50
N ASP A 101 -5.89 16.09 6.73
CA ASP A 101 -7.21 16.08 7.33
C ASP A 101 -7.26 16.98 8.56
N ASP A 102 -6.28 16.86 9.44
CA ASP A 102 -6.31 17.57 10.72
C ASP A 102 -5.96 19.04 10.57
N VAL A 103 -4.93 19.38 9.79
CA VAL A 103 -4.58 20.80 9.68
C VAL A 103 -5.62 21.59 8.89
N GLU A 104 -6.40 20.95 8.01
CA GLU A 104 -7.38 21.71 7.27
C GLU A 104 -8.61 22.01 8.09
N HIS A 105 -8.84 21.26 9.16
CA HIS A 105 -10.02 21.40 10.01
C HIS A 105 -9.71 21.87 11.42
N LEU A 106 -8.49 21.70 11.91
CA LEU A 106 -8.18 22.00 13.30
C LEU A 106 -7.03 23.00 13.37
N LEU A 107 -6.87 23.61 14.54
CA LEU A 107 -5.84 24.60 14.80
C LEU A 107 -5.11 24.25 16.09
N ARG A 108 -3.95 24.85 16.29
CA ARG A 108 -3.26 24.68 17.56
C ARG A 108 -3.99 25.40 18.68
N SER A 109 -3.92 24.80 19.89
CA SER A 109 -4.48 25.44 21.07
C SER A 109 -3.84 26.80 21.34
N SER A 110 -2.53 26.87 21.20
CA SER A 110 -1.83 28.14 21.40
C SER A 110 -2.33 29.21 20.44
N HIS A 111 -2.64 28.81 19.22
CA HIS A 111 -3.13 29.76 18.22
C HIS A 111 -4.54 30.23 18.57
N LEU A 112 -5.42 29.30 18.93
CA LEU A 112 -6.75 29.67 19.38
C LEU A 112 -6.69 30.50 20.66
N MET A 113 -5.74 30.20 21.53
CA MET A 113 -5.60 31.01 22.74
C MET A 113 -5.21 32.44 22.42
N SER A 114 -4.42 32.64 21.36
CA SER A 114 -4.04 33.98 20.96
C SER A 114 -5.23 34.76 20.42
N LEU A 115 -6.14 34.10 19.71
CA LEU A 115 -7.35 34.78 19.23
C LEU A 115 -8.26 35.16 20.40
N ARG A 116 -8.35 34.31 21.40
CA ARG A 116 -9.20 34.58 22.55
C ARG A 116 -8.64 35.71 23.40
N LYS A 117 -7.32 35.87 23.45
CA LYS A 117 -6.73 36.93 24.27
C LYS A 117 -7.13 38.32 23.77
N ILE A 118 -7.54 38.42 22.50
CA ILE A 118 -7.90 39.71 21.93
C ILE A 118 -9.09 40.30 22.67
N PHE A 119 -9.98 39.44 23.15
CA PHE A 119 -11.22 39.92 23.76
C PHE A 119 -10.98 40.55 25.14
N ASP A 120 -9.96 40.10 25.87
CA ASP A 120 -9.61 40.68 27.16
C ASP A 120 -8.70 41.90 27.09
N ASP A 121 -8.13 42.20 25.93
CA ASP A 121 -7.10 43.24 25.84
C ASP A 121 -7.74 44.61 25.78
N PRO A 122 -7.48 45.49 26.74
CA PRO A 122 -8.10 46.82 26.69
C PRO A 122 -7.64 47.67 25.52
N GLU A 123 -6.54 47.33 24.86
CA GLU A 123 -6.05 48.12 23.73
C GLU A 123 -6.50 47.57 22.37
N ALA A 124 -7.15 46.42 22.34
CA ALA A 124 -7.71 45.90 21.09
C ALA A 124 -8.87 46.78 20.63
N SER A 125 -8.96 46.98 19.33
CA SER A 125 -10.06 47.72 18.75
C SER A 125 -11.32 46.86 18.72
N ASP A 126 -12.44 47.53 18.46
CA ASP A 126 -13.69 46.79 18.28
C ASP A 126 -13.61 45.87 17.06
N ASN A 127 -13.00 46.36 15.97
CA ASN A 127 -12.82 45.55 14.76
C ASN A 127 -11.84 44.40 14.99
N ASP A 128 -10.78 44.62 15.75
CA ASP A 128 -9.92 43.52 16.20
C ASP A 128 -10.73 42.38 16.79
N LYS A 129 -11.68 42.72 17.67
CA LYS A 129 -12.47 41.72 18.37
C LYS A 129 -13.52 41.12 17.46
N PHE A 130 -14.16 41.94 16.62
CA PHE A 130 -15.15 41.42 15.66
C PHE A 130 -14.50 40.42 14.72
N VAL A 131 -13.30 40.72 14.25
CA VAL A 131 -12.59 39.81 13.34
C VAL A 131 -12.19 38.53 14.07
N ALA A 132 -11.55 38.65 15.24
CA ALA A 132 -11.15 37.47 16.00
C ALA A 132 -12.32 36.54 16.28
N LEU A 133 -13.52 37.09 16.50
CA LEU A 133 -14.68 36.26 16.82
C LEU A 133 -15.16 35.46 15.61
N GLN A 134 -15.15 36.07 14.42
CA GLN A 134 -15.50 35.31 13.23
C GLN A 134 -14.52 34.17 13.01
N LEU A 135 -13.24 34.41 13.30
CA LEU A 135 -12.21 33.37 13.14
C LEU A 135 -12.34 32.28 14.19
N LEU A 136 -12.86 32.60 15.35
CA LEU A 136 -13.12 31.57 16.36
C LEU A 136 -14.37 30.75 16.01
N LYS A 137 -15.44 31.41 15.53
CA LYS A 137 -16.61 30.70 15.02
C LYS A 137 -16.25 29.79 13.85
N ASN A 138 -15.38 30.28 12.97
CA ASN A 138 -14.89 29.49 11.85
C ASN A 138 -14.26 28.19 12.31
N ALA A 139 -13.41 28.25 13.33
CA ALA A 139 -12.79 27.05 13.87
C ALA A 139 -13.81 26.09 14.44
N ASN A 140 -14.82 26.61 15.13
CA ASN A 140 -15.84 25.72 15.68
C ASN A 140 -16.56 24.98 14.58
N ILE A 141 -16.91 25.69 13.50
CA ILE A 141 -17.59 25.07 12.35
C ILE A 141 -16.70 24.02 11.70
N SER A 142 -15.42 24.34 11.46
CA SER A 142 -14.58 23.46 10.68
C SER A 142 -14.17 22.22 11.47
N SER A 143 -14.21 22.25 12.80
CA SER A 143 -13.89 21.06 13.58
C SER A 143 -14.86 19.92 13.32
N ALA A 144 -16.04 20.19 12.75
CA ALA A 144 -16.98 19.14 12.38
C ALA A 144 -16.58 18.43 11.09
N ARG A 145 -15.64 18.99 10.32
CA ARG A 145 -15.02 18.39 9.14
C ARG A 145 -15.96 18.29 7.95
N LEU A 146 -17.00 19.11 7.91
CA LEU A 146 -17.73 19.28 6.66
C LEU A 146 -17.16 20.41 5.82
N LEU A 147 -16.70 21.48 6.47
CA LEU A 147 -16.14 22.63 5.79
C LEU A 147 -14.73 22.90 6.30
N PRO A 148 -13.74 23.05 5.43
CA PRO A 148 -12.41 23.46 5.90
C PRO A 148 -12.41 24.90 6.38
N GLY A 149 -11.47 25.21 7.28
CA GLY A 149 -11.39 26.57 7.77
C GLY A 149 -11.33 27.62 6.67
N CYS A 150 -10.54 27.38 5.64
CA CYS A 150 -10.41 28.33 4.55
C CYS A 150 -10.73 27.66 3.22
N GLN A 151 -11.34 28.43 2.30
CA GLN A 151 -11.59 27.93 0.96
C GLN A 151 -10.28 27.56 0.27
N ASP A 152 -9.20 28.27 0.54
CA ASP A 152 -7.92 27.85 -0.01
C ASP A 152 -7.35 26.80 0.91
N THR A 153 -7.53 25.54 0.54
CA THR A 153 -6.91 24.48 1.30
C THR A 153 -5.41 24.39 1.02
N GLY A 154 -4.86 25.31 0.23
CA GLY A 154 -3.43 25.55 0.23
C GLY A 154 -2.63 24.59 -0.60
N THR A 155 -1.33 24.79 -0.55
CA THR A 155 -0.36 23.89 -1.13
C THR A 155 0.10 22.91 -0.07
N ALA A 156 0.18 21.63 -0.44
CA ALA A 156 0.64 20.58 0.46
C ALA A 156 2.15 20.54 0.46
N ILE A 157 2.75 20.92 1.57
CA ILE A 157 4.21 20.94 1.73
C ILE A 157 4.57 19.87 2.74
N ILE A 158 5.52 19.00 2.39
CA ILE A 158 5.94 17.91 3.27
C ILE A 158 7.46 17.90 3.34
N ALA A 159 7.99 17.92 4.57
CA ALA A 159 9.41 17.71 4.81
C ALA A 159 9.58 16.54 5.75
N GLY A 160 10.35 15.55 5.32
CA GLY A 160 10.59 14.37 6.12
C GLY A 160 12.08 14.21 6.35
N TYR A 161 12.43 13.61 7.47
CA TYR A 161 13.83 13.31 7.80
C TYR A 161 13.91 11.82 8.09
N ARG A 162 14.43 11.06 7.13
CA ARG A 162 14.55 9.61 7.22
C ARG A 162 15.91 9.26 7.79
N GLY A 163 15.92 8.71 9.01
CA GLY A 163 17.17 8.30 9.59
C GLY A 163 17.78 7.12 8.85
N ASP A 164 19.11 7.07 8.88
CA ASP A 164 19.85 6.05 8.16
C ASP A 164 19.45 4.64 8.55
N GLN A 165 18.83 4.46 9.72
CA GLN A 165 18.41 3.13 10.15
C GLN A 165 16.96 2.86 9.85
N VAL A 166 16.32 3.69 9.04
CA VAL A 166 14.95 3.46 8.59
C VAL A 166 15.02 3.02 7.14
N PHE A 167 14.39 1.91 6.82
CA PHE A 167 14.30 1.40 5.46
C PHE A 167 12.82 1.29 5.10
N VAL A 168 12.45 1.94 3.99
CA VAL A 168 11.09 1.93 3.46
C VAL A 168 11.09 1.18 2.13
N PRO A 169 10.45 0.01 2.03
CA PRO A 169 10.40 -0.73 0.75
C PRO A 169 9.39 -0.18 -0.25
N GLY A 170 9.71 0.97 -0.84
CA GLY A 170 8.83 1.63 -1.77
C GLY A 170 9.33 3.03 -2.08
N ASN A 171 8.48 3.82 -2.73
CA ASN A 171 8.81 5.18 -3.16
C ASN A 171 8.17 6.16 -2.17
N ASP A 172 9.01 6.84 -1.37
CA ASP A 172 8.49 7.70 -0.30
C ASP A 172 7.57 8.78 -0.81
N GLU A 173 8.03 9.56 -1.81
CA GLU A 173 7.24 10.70 -2.31
C GLU A 173 5.89 10.25 -2.82
N GLU A 174 5.89 9.14 -3.56
CA GLU A 174 4.65 8.63 -4.11
C GLU A 174 3.71 8.17 -3.02
N ALA A 175 4.23 7.54 -1.96
CA ALA A 175 3.37 7.12 -0.86
C ALA A 175 2.80 8.31 -0.09
N LEU A 176 3.60 9.38 0.05
CA LEU A 176 3.10 10.60 0.66
C LEU A 176 2.12 11.31 -0.26
N SER A 177 2.36 11.28 -1.57
CA SER A 177 1.44 11.91 -2.50
C SER A 177 0.09 11.22 -2.53
N ARG A 178 0.06 9.89 -2.35
CA ARG A 178 -1.21 9.19 -2.27
C ARG A 178 -2.03 9.67 -1.09
N GLY A 179 -1.38 9.88 0.06
CA GLY A 179 -2.12 10.37 1.20
C GLY A 179 -2.69 11.76 0.97
N VAL A 180 -1.91 12.65 0.34
CA VAL A 180 -2.45 13.94 -0.05
C VAL A 180 -3.59 13.77 -1.04
N TYR A 181 -3.36 13.02 -2.13
CA TYR A 181 -4.41 12.74 -3.09
C TYR A 181 -5.67 12.21 -2.39
N ASP A 182 -5.51 11.16 -1.58
CA ASP A 182 -6.62 10.53 -0.89
C ASP A 182 -7.46 11.52 -0.09
N ILE A 183 -6.79 12.35 0.71
CA ILE A 183 -7.56 13.15 1.65
C ILE A 183 -8.23 14.31 0.92
N PHE A 184 -7.63 14.81 -0.16
CA PHE A 184 -8.26 15.90 -0.91
C PHE A 184 -9.40 15.37 -1.76
N GLN A 185 -9.31 14.12 -2.18
CA GLN A 185 -10.44 13.47 -2.84
C GLN A 185 -11.61 13.28 -1.87
N LYS A 186 -11.34 12.82 -0.64
CA LYS A 186 -12.36 12.47 0.34
C LYS A 186 -13.02 13.70 0.97
N ARG A 187 -12.23 14.67 1.44
CA ARG A 187 -12.80 15.82 2.13
C ARG A 187 -13.22 16.91 1.15
N ASN A 188 -13.98 17.88 1.64
CA ASN A 188 -14.50 18.97 0.81
C ASN A 188 -13.49 20.10 0.74
N PHE A 189 -12.35 19.75 0.16
CA PHE A 189 -11.20 20.61 -0.04
C PHE A 189 -11.29 21.24 -1.42
N ARG A 190 -10.20 21.90 -1.83
CA ARG A 190 -10.09 22.59 -3.12
C ARG A 190 -8.87 22.10 -3.89
N TYR A 191 -9.03 21.94 -5.20
CA TYR A 191 -7.89 21.64 -6.07
C TYR A 191 -7.32 22.94 -6.60
N SER A 192 -6.15 23.31 -6.10
CA SER A 192 -5.63 24.64 -6.32
C SER A 192 -4.33 24.70 -7.12
N GLN A 193 -3.83 23.58 -7.65
CA GLN A 193 -2.51 23.57 -8.29
C GLN A 193 -2.64 23.55 -9.81
N ASN A 194 -1.86 24.40 -10.47
CA ASN A 194 -1.85 24.50 -11.92
C ASN A 194 -0.49 24.07 -12.46
N VAL A 195 -0.49 23.07 -13.33
CA VAL A 195 0.76 22.65 -13.96
C VAL A 195 0.83 23.28 -15.35
N PRO A 196 2.02 23.67 -15.81
CA PRO A 196 2.11 24.34 -17.12
C PRO A 196 2.10 23.36 -18.28
N LEU A 197 1.35 23.72 -19.33
N LEU A 197 1.35 23.72 -19.32
CA LEU A 197 1.40 23.08 -20.64
CA LEU A 197 1.45 23.07 -20.63
C LEU A 197 2.31 23.83 -21.61
C LEU A 197 2.46 23.77 -21.52
N SER A 198 2.76 25.02 -21.23
CA SER A 198 3.77 25.82 -21.90
C SER A 198 4.11 26.94 -20.92
N MET A 199 4.80 27.98 -21.38
CA MET A 199 5.09 29.10 -20.49
C MET A 199 3.81 29.78 -20.02
N TYR A 200 2.85 29.91 -20.93
CA TYR A 200 1.68 30.74 -20.70
C TYR A 200 0.38 29.96 -20.56
N ASP A 201 0.32 28.71 -21.01
CA ASP A 201 -0.85 27.86 -20.85
C ASP A 201 -0.68 26.93 -19.65
N GLU A 202 -1.80 26.70 -18.95
CA GLU A 202 -1.85 26.04 -17.66
C GLU A 202 -3.09 25.18 -17.55
N LYS A 203 -3.05 24.20 -16.66
CA LYS A 203 -4.19 23.35 -16.40
C LYS A 203 -4.19 23.05 -14.91
N ASN A 204 -5.35 23.19 -14.29
CA ASN A 204 -5.54 22.72 -12.93
C ASN A 204 -5.52 21.19 -12.92
N THR A 205 -4.75 20.60 -12.01
CA THR A 205 -4.59 19.14 -12.02
C THR A 205 -5.82 18.41 -11.51
N GLY A 206 -6.77 19.10 -10.89
CA GLY A 206 -7.98 18.50 -10.40
C GLY A 206 -7.82 17.63 -9.17
N THR A 207 -6.66 17.64 -8.52
CA THR A 207 -6.43 16.76 -7.39
C THR A 207 -5.65 17.44 -6.26
N ASN A 208 -5.23 18.69 -6.45
CA ASN A 208 -4.27 19.45 -5.65
C ASN A 208 -2.86 18.84 -5.61
N LEU A 209 -2.50 18.00 -6.54
CA LEU A 209 -1.10 17.65 -6.72
C LEU A 209 -0.50 18.54 -7.80
N PRO A 210 0.83 18.71 -7.83
CA PRO A 210 1.83 18.10 -6.94
C PRO A 210 1.92 18.70 -5.55
N ALA A 211 2.37 17.85 -4.64
CA ALA A 211 2.85 18.26 -3.34
C ALA A 211 4.31 18.62 -3.49
N GLN A 212 4.77 19.52 -2.63
CA GLN A 212 6.19 19.81 -2.52
C GLN A 212 6.74 18.92 -1.41
N ILE A 213 7.54 17.91 -1.76
CA ILE A 213 8.06 16.92 -0.83
C ILE A 213 9.58 16.99 -0.84
N ASP A 214 10.17 17.19 0.33
CA ASP A 214 11.62 17.22 0.49
C ASP A 214 11.99 16.18 1.54
N LEU A 215 12.71 15.15 1.13
CA LEU A 215 13.11 14.06 2.03
C LEU A 215 14.60 14.20 2.26
N TYR A 216 14.97 14.41 3.52
CA TYR A 216 16.35 14.62 3.93
C TYR A 216 16.88 13.34 4.57
N ALA A 217 18.19 13.21 4.55
CA ALA A 217 18.88 12.05 5.11
C ALA A 217 19.45 12.44 6.46
N SER A 218 18.95 11.81 7.53
CA SER A 218 19.47 12.03 8.87
C SER A 218 20.03 10.73 9.44
N LYS A 219 20.28 10.73 10.74
CA LYS A 219 20.80 9.57 11.44
C LYS A 219 19.81 9.13 12.50
N GLY A 220 19.71 7.83 12.70
CA GLY A 220 18.90 7.28 13.75
C GLY A 220 17.77 6.46 13.18
N MET A 221 16.90 6.01 14.09
CA MET A 221 15.83 5.06 13.79
C MET A 221 14.46 5.73 13.83
N GLU A 222 14.35 6.95 13.31
CA GLU A 222 13.08 7.65 13.24
C GLU A 222 12.89 8.29 11.87
N TYR A 223 11.66 8.33 11.42
CA TYR A 223 11.23 9.09 10.24
C TYR A 223 10.37 10.25 10.77
N SER A 224 10.97 11.45 10.81
CA SER A 224 10.34 12.66 11.32
C SER A 224 9.77 13.47 10.17
N PHE A 225 8.70 14.20 10.44
CA PHE A 225 7.94 14.86 9.40
C PHE A 225 7.44 16.22 9.85
N MET A 226 7.30 17.13 8.89
CA MET A 226 6.52 18.34 9.07
C MET A 226 5.60 18.51 7.88
N PHE A 227 4.32 18.67 8.14
CA PHE A 227 3.31 18.90 7.14
C PHE A 227 2.84 20.34 7.24
N VAL A 228 2.73 21.03 6.09
CA VAL A 228 2.26 22.42 6.03
C VAL A 228 1.23 22.53 4.93
N ALA A 229 0.05 23.06 5.25
CA ALA A 229 -0.94 23.42 4.24
C ALA A 229 -0.86 24.93 4.08
N LYS A 230 -0.07 25.39 3.10
CA LYS A 230 0.31 26.78 2.99
C LYS A 230 -0.61 27.49 1.99
N GLY A 231 -1.38 28.47 2.48
CA GLY A 231 -2.21 29.24 1.58
C GLY A 231 -1.38 30.07 0.62
N GLY A 232 -1.95 30.32 -0.57
CA GLY A 232 -1.23 31.08 -1.59
C GLY A 232 -0.99 32.53 -1.23
N GLY A 233 -1.96 33.16 -0.57
CA GLY A 233 -1.80 34.58 -0.28
C GLY A 233 -0.81 34.84 0.81
N SER A 234 -0.74 33.95 1.81
CA SER A 234 0.32 34.02 2.80
C SER A 234 1.68 33.64 2.20
N ALA A 235 1.69 32.67 1.27
CA ALA A 235 2.93 32.33 0.58
C ALA A 235 3.45 33.48 -0.26
N ASN A 236 2.55 34.29 -0.85
CA ASN A 236 2.96 35.46 -1.64
C ASN A 236 3.57 36.57 -0.78
N LYS A 237 3.49 36.47 0.54
CA LYS A 237 4.01 37.51 1.41
C LYS A 237 5.29 37.08 2.12
N SER A 238 5.92 36.01 1.64
CA SER A 238 7.29 35.68 2.03
C SER A 238 8.21 36.47 1.13
N PHE A 239 8.99 37.38 1.72
CA PHE A 239 9.83 38.28 0.95
C PHE A 239 11.31 38.08 1.28
N LEU A 240 12.14 38.15 0.25
CA LEU A 240 13.59 38.11 0.39
C LEU A 240 14.14 39.50 0.13
N LEU A 241 14.80 40.07 1.12
CA LEU A 241 15.39 41.39 0.99
C LEU A 241 16.89 41.20 0.99
N GLN A 242 17.54 41.66 -0.07
CA GLN A 242 18.97 41.49 -0.22
C GLN A 242 19.64 42.70 0.42
N GLU A 243 20.16 42.51 1.63
CA GLU A 243 20.74 43.58 2.43
C GLU A 243 22.24 43.36 2.60
N THR A 244 22.86 44.23 3.40
CA THR A 244 24.30 44.24 3.56
C THR A 244 24.65 44.50 5.02
N LYS A 245 25.96 44.51 5.28
CA LYS A 245 26.47 44.77 6.61
C LYS A 245 26.00 46.12 7.14
N SER A 246 25.71 47.06 6.25
CA SER A 246 25.39 48.41 6.70
C SER A 246 24.00 48.52 7.32
N VAL A 247 23.12 47.53 7.13
CA VAL A 247 21.85 47.51 7.87
C VAL A 247 21.98 46.87 9.26
N LEU A 248 23.10 46.22 9.57
CA LEU A 248 23.25 45.43 10.78
C LEU A 248 23.68 46.29 11.97
N ASN A 249 22.86 47.27 12.30
CA ASN A 249 23.04 48.08 13.49
C ASN A 249 21.66 48.45 14.01
N PRO A 250 21.52 48.75 15.31
CA PRO A 250 20.18 48.96 15.87
C PRO A 250 19.33 49.97 15.12
N LYS A 251 19.90 51.13 14.82
CA LYS A 251 19.16 52.21 14.20
C LYS A 251 18.73 51.85 12.78
N SER A 252 19.66 51.36 11.97
CA SER A 252 19.35 50.98 10.60
C SER A 252 18.38 49.81 10.52
N LEU A 253 18.55 48.79 11.35
CA LEU A 253 17.70 47.60 11.25
C LEU A 253 16.25 47.93 11.63
N ARG A 254 16.06 48.79 12.64
CA ARG A 254 14.71 49.16 13.07
C ARG A 254 14.01 50.02 12.02
N ASN A 255 14.72 51.01 11.45
CA ASN A 255 14.16 51.73 10.32
C ASN A 255 13.85 50.78 9.18
N PHE A 256 14.71 49.79 8.96
CA PHE A 256 14.48 48.81 7.92
C PHE A 256 13.22 48.00 8.22
N LEU A 257 13.14 47.43 9.42
CA LEU A 257 12.04 46.53 9.73
C LEU A 257 10.73 47.28 9.83
N LYS A 258 10.76 48.51 10.36
CA LYS A 258 9.57 49.35 10.38
C LYS A 258 8.94 49.46 8.99
N GLU A 259 9.77 49.71 7.99
CA GLU A 259 9.29 49.86 6.63
C GLU A 259 8.85 48.52 6.04
N LYS A 260 9.65 47.48 6.23
CA LYS A 260 9.39 46.25 5.52
C LYS A 260 8.21 45.48 6.09
N LEU A 261 7.95 45.59 7.39
CA LEU A 261 6.84 44.86 7.98
C LEU A 261 5.48 45.32 7.45
N ALA A 262 5.39 46.56 6.96
CA ALA A 262 4.19 47.05 6.30
C ALA A 262 3.92 46.39 4.96
N MET A 263 4.88 45.61 4.43
CA MET A 263 4.71 44.99 3.12
C MET A 263 3.64 43.92 3.11
N PHE A 264 3.37 43.28 4.26
CA PHE A 264 2.27 42.32 4.30
C PHE A 264 0.93 43.01 4.09
N GLY A 265 0.77 44.22 4.61
CA GLY A 265 -0.55 44.83 4.67
C GLY A 265 -1.53 43.94 5.41
N THR A 266 -2.80 44.02 5.00
CA THR A 266 -3.81 43.09 5.48
C THR A 266 -4.11 41.98 4.48
N SER A 267 -3.25 41.82 3.49
CA SER A 267 -3.53 40.92 2.36
C SER A 267 -3.35 39.47 2.70
N ALA A 268 -2.70 39.13 3.81
CA ALA A 268 -2.55 37.74 4.22
C ALA A 268 -3.38 37.43 5.47
N CYS A 269 -4.51 38.10 5.65
CA CYS A 269 -5.48 37.80 6.70
C CYS A 269 -4.87 37.82 8.10
N PRO A 270 -4.44 38.97 8.60
CA PRO A 270 -3.97 39.05 9.98
C PRO A 270 -5.11 38.76 10.96
N PRO A 271 -4.80 38.53 12.24
CA PRO A 271 -3.49 38.56 12.90
C PRO A 271 -2.51 37.50 12.43
N TYR A 272 -1.26 37.94 12.29
CA TYR A 272 -0.16 37.15 11.74
C TYR A 272 0.66 36.44 12.80
N HIS A 273 1.28 35.33 12.42
CA HIS A 273 2.49 34.83 13.08
C HIS A 273 3.67 35.27 12.21
N VAL A 274 4.30 36.36 12.62
CA VAL A 274 5.38 37.01 11.89
C VAL A 274 6.70 36.28 12.13
N ALA A 275 7.51 36.17 11.09
CA ALA A 275 8.84 35.62 11.23
C ALA A 275 9.83 36.55 10.54
N VAL A 276 11.02 36.68 11.11
CA VAL A 276 12.10 37.44 10.48
C VAL A 276 13.35 36.60 10.56
N VAL A 277 14.08 36.47 9.44
CA VAL A 277 15.37 35.78 9.41
C VAL A 277 16.44 36.77 8.96
N ILE A 278 17.38 37.09 9.85
CA ILE A 278 18.49 38.00 9.57
C ILE A 278 19.72 37.18 9.23
N GLY A 279 20.21 37.29 8.02
CA GLY A 279 21.35 36.49 7.62
C GLY A 279 20.93 35.18 6.99
N GLY A 280 21.93 34.36 6.71
CA GLY A 280 21.74 33.10 6.01
C GLY A 280 22.90 32.91 5.05
N THR A 281 23.15 31.65 4.69
CA THR A 281 24.26 31.31 3.80
C THR A 281 23.90 31.38 2.33
N SER A 282 22.62 31.60 2.02
CA SER A 282 22.10 31.73 0.66
C SER A 282 20.66 32.18 0.74
N ALA A 283 20.15 32.67 -0.40
CA ALA A 283 18.75 33.10 -0.47
C ALA A 283 17.80 31.92 -0.23
N GLU A 284 18.13 30.75 -0.74
CA GLU A 284 17.26 29.58 -0.57
C GLU A 284 17.28 29.06 0.86
N MET A 285 18.37 29.25 1.59
CA MET A 285 18.43 28.87 2.99
C MET A 285 17.68 29.88 3.87
N THR A 286 17.90 31.17 3.66
CA THR A 286 17.13 32.17 4.38
C THR A 286 15.63 31.91 4.24
N MET A 287 15.16 31.60 3.02
CA MET A 287 13.73 31.42 2.81
C MET A 287 13.20 30.11 3.38
N LYS A 288 14.01 29.06 3.39
CA LYS A 288 13.60 27.80 4.02
C LYS A 288 13.44 27.98 5.53
N VAL A 289 14.43 28.59 6.17
CA VAL A 289 14.39 28.82 7.61
C VAL A 289 13.22 29.72 7.95
N LEU A 290 12.94 30.68 7.08
CA LEU A 290 11.80 31.58 7.29
C LEU A 290 10.52 30.80 7.31
N LYS A 291 10.36 29.86 6.38
CA LYS A 291 9.18 29.01 6.36
C LYS A 291 9.03 28.30 7.70
N TYR A 292 10.11 27.66 8.15
CA TYR A 292 10.10 26.93 9.40
C TYR A 292 9.79 27.83 10.58
N ALA A 293 10.40 29.02 10.61
CA ALA A 293 10.21 29.94 11.74
C ALA A 293 8.75 30.39 11.85
N SER A 294 8.08 30.63 10.72
CA SER A 294 6.69 31.04 10.77
C SER A 294 5.76 29.89 11.13
N CYS A 295 6.23 28.64 11.00
CA CYS A 295 5.51 27.48 11.53
C CYS A 295 5.86 27.20 12.99
N HIS A 296 6.69 28.03 13.60
CA HIS A 296 7.09 27.92 14.99
C HIS A 296 7.87 26.63 15.27
N TYR A 297 8.49 26.10 14.22
CA TYR A 297 9.35 24.93 14.29
C TYR A 297 10.58 25.19 15.17
N TYR A 298 11.06 26.45 15.21
CA TYR A 298 12.31 26.82 15.86
C TYR A 298 12.12 27.42 17.24
N ASP A 299 10.95 27.28 17.86
CA ASP A 299 10.69 27.94 19.14
C ASP A 299 11.66 27.51 20.22
N ASP A 300 12.16 26.27 20.17
CA ASP A 300 13.09 25.75 21.17
C ASP A 300 14.57 25.96 20.84
N LEU A 301 14.91 26.66 19.74
CA LEU A 301 16.32 26.90 19.43
C LEU A 301 16.95 27.75 20.52
N ILE A 302 18.27 27.59 20.70
CA ILE A 302 19.02 28.40 21.67
C ILE A 302 18.76 29.87 21.41
N THR A 303 18.64 30.64 22.48
CA THR A 303 18.36 32.05 22.38
C THR A 303 19.60 32.91 22.52
N LYS A 304 20.76 32.30 22.64
CA LYS A 304 22.05 32.96 22.73
C LYS A 304 23.03 32.04 22.01
N PRO A 305 23.94 32.59 21.22
CA PRO A 305 25.00 31.78 20.63
C PRO A 305 25.78 31.02 21.69
N ASP A 306 26.11 29.76 21.39
CA ASP A 306 26.97 28.99 22.27
C ASP A 306 28.25 28.52 21.59
N MET A 307 28.38 28.69 20.26
CA MET A 307 29.54 28.27 19.50
C MET A 307 29.84 26.80 19.73
N LYS A 308 28.78 26.00 19.93
CA LYS A 308 28.96 24.61 20.30
C LYS A 308 27.93 23.76 19.60
N THR A 309 26.65 24.00 19.86
CA THR A 309 25.61 23.21 19.24
C THR A 309 25.20 23.75 17.87
N GLY A 310 25.41 25.04 17.61
CA GLY A 310 25.10 25.59 16.31
C GLY A 310 25.47 27.05 16.25
N TYR A 311 25.41 27.61 15.05
CA TYR A 311 25.75 29.00 14.82
C TYR A 311 24.55 29.92 14.68
N THR A 312 23.34 29.38 14.65
CA THR A 312 22.10 30.13 14.45
C THR A 312 21.32 30.19 15.76
N PHE A 313 20.70 31.35 16.06
CA PHE A 313 19.96 31.48 17.31
C PHE A 313 18.67 32.30 17.15
N ARG A 314 17.78 32.13 18.11
CA ARG A 314 16.51 32.84 18.17
C ARG A 314 16.67 34.06 19.06
N ASP A 315 16.38 35.26 18.53
CA ASP A 315 16.66 36.52 19.22
C ASP A 315 15.39 37.07 19.85
N LEU A 316 15.23 36.84 21.16
CA LEU A 316 14.01 37.27 21.85
C LEU A 316 13.88 38.79 21.91
N GLU A 317 14.99 39.51 21.99
CA GLU A 317 14.95 40.97 22.08
C GLU A 317 14.37 41.61 20.81
N LEU A 318 14.88 41.22 19.63
CA LEU A 318 14.33 41.79 18.39
C LEU A 318 12.88 41.38 18.21
N GLU A 319 12.53 40.16 18.63
CA GLU A 319 11.14 39.73 18.56
C GLU A 319 10.22 40.69 19.31
N GLU A 320 10.60 41.12 20.50
CA GLU A 320 9.76 42.06 21.24
C GLU A 320 9.70 43.42 20.55
N GLU A 321 10.82 43.86 19.94
CA GLU A 321 10.81 45.13 19.22
C GLU A 321 9.96 45.04 17.97
N VAL A 322 10.03 43.91 17.28
CA VAL A 322 9.22 43.73 16.08
C VAL A 322 7.73 43.65 16.46
N LEU A 323 7.42 42.98 17.57
CA LEU A 323 6.04 42.95 18.01
C LEU A 323 5.49 44.34 18.28
N LYS A 324 6.27 45.22 18.91
CA LYS A 324 5.74 46.55 19.22
C LYS A 324 5.45 47.34 17.95
N VAL A 325 6.31 47.22 16.94
CA VAL A 325 6.07 47.90 15.67
C VAL A 325 4.79 47.39 15.02
N CYS A 326 4.53 46.07 15.14
CA CYS A 326 3.31 45.50 14.59
C CYS A 326 2.09 45.99 15.34
N GLN A 327 2.19 46.12 16.67
CA GLN A 327 1.09 46.64 17.48
C GLN A 327 0.84 48.12 17.25
N ASN A 328 1.84 48.86 16.74
CA ASN A 328 1.71 50.29 16.46
C ASN A 328 1.47 50.60 14.98
N ILE A 329 1.38 49.59 14.10
CA ILE A 329 1.33 49.84 12.67
C ILE A 329 -0.02 50.35 12.20
N GLY A 330 -1.08 50.18 13.00
CA GLY A 330 -2.36 50.79 12.77
C GLY A 330 -3.36 49.93 12.02
N MET A 331 -2.89 48.98 11.23
CA MET A 331 -3.80 48.16 10.44
C MET A 331 -4.53 47.15 11.30
N GLY A 332 -3.91 46.72 12.39
CA GLY A 332 -4.61 45.85 13.29
C GLY A 332 -5.03 44.59 12.58
N ALA A 333 -6.05 43.94 13.13
CA ALA A 333 -6.59 42.69 12.58
C ALA A 333 -7.55 42.98 11.42
N GLN A 334 -6.94 43.35 10.29
CA GLN A 334 -7.59 43.59 9.00
C GLN A 334 -8.28 44.95 8.89
N PHE A 335 -8.95 45.44 9.93
CA PHE A 335 -9.71 46.69 9.78
C PHE A 335 -9.38 47.69 10.88
N GLY A 336 -8.11 47.84 11.21
CA GLY A 336 -7.70 48.87 12.13
C GLY A 336 -7.59 48.37 13.55
N GLY A 337 -6.47 48.67 14.20
CA GLY A 337 -6.35 48.30 15.59
C GLY A 337 -4.96 47.87 15.98
N LYS A 338 -4.87 46.95 16.92
CA LYS A 338 -3.60 46.54 17.51
C LYS A 338 -3.11 45.20 17.01
N TYR A 339 -3.98 44.34 16.52
CA TYR A 339 -3.58 42.94 16.33
C TYR A 339 -3.19 42.61 14.90
N TYR A 340 -2.24 43.39 14.35
CA TYR A 340 -1.51 42.99 13.16
C TYR A 340 -0.83 41.63 13.35
N ALA A 341 -0.27 41.38 14.53
CA ALA A 341 0.50 40.17 14.81
C ALA A 341 0.09 39.53 16.12
N HIS A 342 -0.18 38.23 16.07
CA HIS A 342 -0.25 37.41 17.27
C HIS A 342 1.06 37.43 18.03
N ASP A 343 2.17 37.15 17.34
CA ASP A 343 3.49 37.05 17.94
C ASP A 343 4.52 37.12 16.81
N VAL A 344 5.81 36.98 17.17
CA VAL A 344 6.93 37.20 16.25
C VAL A 344 8.01 36.17 16.51
N ARG A 345 8.68 35.71 15.44
CA ARG A 345 9.88 34.88 15.55
C ARG A 345 11.01 35.50 14.75
N VAL A 346 12.17 35.60 15.36
CA VAL A 346 13.34 36.22 14.73
C VAL A 346 14.49 35.24 14.89
N ILE A 347 15.09 34.86 13.76
CA ILE A 347 16.22 33.93 13.70
C ILE A 347 17.41 34.65 13.08
N ARG A 348 18.56 34.55 13.73
CA ARG A 348 19.80 35.18 13.28
C ARG A 348 20.78 34.09 12.86
N MET A 349 21.18 34.12 11.60
CA MET A 349 22.07 33.13 11.02
C MET A 349 23.43 33.73 10.70
N PRO A 350 24.44 32.89 10.51
CA PRO A 350 25.70 33.38 9.96
C PRO A 350 25.52 33.84 8.51
N ARG A 351 26.52 34.58 8.02
CA ARG A 351 26.48 35.21 6.71
C ARG A 351 27.89 35.31 6.14
N HIS A 352 27.97 35.28 4.82
CA HIS A 352 29.20 35.64 4.13
C HIS A 352 29.45 37.13 4.35
N GLY A 353 30.70 37.51 4.50
CA GLY A 353 31.00 38.91 4.77
C GLY A 353 30.36 39.90 3.82
N ALA A 354 30.14 39.50 2.57
CA ALA A 354 29.57 40.38 1.55
C ALA A 354 28.04 40.38 1.51
N SER A 355 27.38 39.60 2.38
CA SER A 355 25.97 39.33 2.24
C SER A 355 25.22 39.55 3.55
N CYS A 356 23.96 39.92 3.44
CA CYS A 356 23.01 39.83 4.56
C CYS A 356 21.62 39.68 3.99
N PRO A 357 21.29 38.48 3.50
CA PRO A 357 19.90 38.22 3.11
C PRO A 357 18.98 38.32 4.33
N ILE A 358 17.80 38.88 4.12
CA ILE A 358 16.80 39.02 5.19
C ILE A 358 15.50 38.45 4.67
N GLY A 359 14.88 37.59 5.46
CA GLY A 359 13.57 37.03 5.13
C GLY A 359 12.50 37.55 6.08
N ILE A 360 11.38 37.93 5.50
CA ILE A 360 10.19 38.25 6.29
C ILE A 360 9.01 37.50 5.68
N GLY A 361 8.11 37.02 6.54
CA GLY A 361 6.99 36.20 6.10
C GLY A 361 6.00 36.10 7.24
N VAL A 362 4.85 35.51 6.94
CA VAL A 362 3.79 35.31 7.92
C VAL A 362 3.19 33.93 7.77
N SER A 363 2.70 33.40 8.87
CA SER A 363 1.60 32.44 8.83
C SER A 363 0.30 33.23 8.96
N CYS A 364 -0.64 32.94 8.09
CA CYS A 364 -1.92 33.64 8.05
C CYS A 364 -2.88 33.04 9.08
N SER A 365 -4.12 33.50 9.07
CA SER A 365 -5.14 32.95 9.96
C SER A 365 -5.41 31.49 9.67
N ALA A 366 -5.07 31.00 8.47
CA ALA A 366 -5.04 29.57 8.21
C ALA A 366 -3.67 29.01 8.62
N ASP A 367 -3.49 28.91 9.94
CA ASP A 367 -2.20 28.53 10.55
C ASP A 367 -2.20 27.01 10.63
N ARG A 368 -1.71 26.36 9.57
CA ARG A 368 -1.92 24.91 9.30
C ARG A 368 -0.61 24.14 9.17
N GLN A 369 -0.14 23.56 10.26
CA GLN A 369 1.05 22.71 10.26
C GLN A 369 0.94 21.67 11.36
N ALA A 370 1.57 20.52 11.12
CA ALA A 370 1.55 19.41 12.06
C ALA A 370 2.88 18.68 12.00
N LEU A 371 3.48 18.44 13.16
CA LEU A 371 4.62 17.54 13.27
C LEU A 371 4.12 16.11 13.34
N GLY A 372 4.96 15.19 12.86
CA GLY A 372 4.62 13.78 12.90
C GLY A 372 5.90 12.99 12.98
N LYS A 373 5.76 11.69 13.24
CA LYS A 373 6.97 10.88 13.27
C LYS A 373 6.60 9.40 13.27
N ILE A 374 7.51 8.58 12.75
CA ILE A 374 7.34 7.14 12.74
C ILE A 374 8.58 6.54 13.39
N ASN A 375 8.37 5.69 14.39
CA ASN A 375 9.46 5.03 15.08
C ASN A 375 9.03 3.61 15.43
N LYS A 376 9.81 2.91 16.26
CA LYS A 376 9.48 1.52 16.55
C LYS A 376 8.18 1.38 17.36
N ASP A 377 7.65 2.48 17.88
CA ASP A 377 6.40 2.46 18.65
C ASP A 377 5.19 2.89 17.84
N GLY A 378 5.35 3.19 16.55
CA GLY A 378 4.19 3.38 15.71
C GLY A 378 4.24 4.68 14.94
N VAL A 379 3.07 5.13 14.53
CA VAL A 379 2.90 6.33 13.71
C VAL A 379 2.30 7.41 14.60
N TRP A 380 3.00 8.55 14.71
CA TRP A 380 2.61 9.61 15.63
C TRP A 380 2.28 10.87 14.86
N LEU A 381 1.30 11.61 15.35
CA LEU A 381 0.90 12.86 14.72
C LEU A 381 0.63 13.88 15.81
N GLU A 382 1.11 15.10 15.59
CA GLU A 382 0.82 16.19 16.49
C GLU A 382 -0.67 16.29 16.77
N GLU A 383 -1.01 16.41 18.04
CA GLU A 383 -2.39 16.57 18.45
C GLU A 383 -2.82 18.03 18.32
N LEU A 384 -3.80 18.30 17.47
CA LEU A 384 -4.35 19.64 17.39
C LEU A 384 -5.58 19.73 18.28
N GLU A 385 -6.15 20.93 18.37
CA GLU A 385 -7.24 21.19 19.31
C GLU A 385 -8.53 20.65 18.74
N MET A 386 -9.14 19.69 19.41
CA MET A 386 -10.36 19.09 18.93
C MET A 386 -11.62 19.66 19.56
N GLU A 387 -11.52 20.48 20.61
CA GLU A 387 -12.68 21.15 21.22
C GLU A 387 -12.47 22.66 21.12
N PRO A 388 -12.50 23.22 19.90
CA PRO A 388 -12.21 24.65 19.77
C PRO A 388 -13.29 25.56 20.33
N SER A 389 -14.46 24.99 20.65
CA SER A 389 -15.57 25.77 21.20
C SER A 389 -15.22 26.38 22.53
N GLN A 390 -14.27 25.80 23.25
CA GLN A 390 -13.95 26.31 24.58
C GLN A 390 -13.16 27.63 24.53
N TYR A 391 -12.67 28.02 23.36
CA TYR A 391 -12.01 29.31 23.23
C TYR A 391 -12.97 30.42 22.82
N LEU A 392 -14.24 30.12 22.58
CA LEU A 392 -15.21 31.16 22.24
C LEU A 392 -15.50 32.00 23.49
N PRO A 393 -15.47 33.32 23.39
CA PRO A 393 -15.78 34.14 24.55
C PRO A 393 -17.27 34.15 24.84
N ASP A 394 -17.59 34.39 26.09
CA ASP A 394 -18.98 34.51 26.52
C ASP A 394 -19.44 35.93 26.23
N LEU A 395 -20.19 36.09 25.15
CA LEU A 395 -20.64 37.40 24.71
C LEU A 395 -21.55 37.25 23.50
N LYS A 396 -22.47 38.20 23.35
CA LYS A 396 -23.30 38.28 22.17
C LYS A 396 -22.60 39.14 21.14
N GLU A 397 -22.42 38.59 19.94
CA GLU A 397 -21.80 39.33 18.84
C GLU A 397 -22.55 40.62 18.52
N ASP A 398 -23.84 40.72 18.89
CA ASP A 398 -24.59 41.95 18.68
C ASP A 398 -24.07 43.10 19.52
N GLU A 399 -23.20 42.83 20.50
CA GLU A 399 -22.79 43.82 21.46
C GLU A 399 -21.36 44.29 21.25
N LEU A 400 -20.65 43.71 20.28
CA LEU A 400 -19.25 44.07 20.04
C LEU A 400 -19.14 45.37 19.25
N LEU A 401 -20.06 45.62 18.33
CA LEU A 401 -20.04 46.78 17.48
C LEU A 401 -21.10 47.79 17.91
N LYS A 402 -20.67 49.04 18.10
CA LYS A 402 -21.57 50.15 18.32
C LYS A 402 -22.63 50.25 17.23
N THR A 403 -22.25 50.79 16.07
CA THR A 403 -23.24 51.09 15.04
C THR A 403 -23.66 49.81 14.30
N PRO A 404 -24.93 49.68 13.97
CA PRO A 404 -25.36 48.50 13.21
C PRO A 404 -24.91 48.62 11.76
N ALA A 405 -24.89 47.49 11.07
CA ALA A 405 -24.52 47.50 9.67
C ALA A 405 -25.56 48.21 8.82
N VAL A 406 -25.12 48.90 7.78
CA VAL A 406 -26.03 49.45 6.78
C VAL A 406 -26.39 48.32 5.84
N MET A 407 -27.68 48.10 5.64
CA MET A 407 -28.14 47.03 4.76
C MET A 407 -28.17 47.54 3.33
N VAL A 408 -27.58 46.76 2.42
CA VAL A 408 -27.52 47.11 1.00
C VAL A 408 -28.19 45.99 0.23
N ASN A 409 -29.25 46.32 -0.49
CA ASN A 409 -29.94 45.40 -1.38
C ASN A 409 -29.19 45.41 -2.71
N LEU A 410 -28.52 44.30 -3.05
CA LEU A 410 -27.77 44.26 -4.31
C LEU A 410 -28.67 44.00 -5.49
N ASN A 411 -29.86 43.47 -5.27
CA ASN A 411 -30.78 43.16 -6.36
C ASN A 411 -31.56 44.41 -6.77
N ARG A 412 -30.79 45.42 -7.16
CA ARG A 412 -31.24 46.70 -7.67
C ARG A 412 -30.41 47.00 -8.90
N PRO A 413 -30.84 47.95 -9.74
CA PRO A 413 -29.97 48.37 -10.84
C PRO A 413 -28.67 48.95 -10.30
N MET A 414 -27.57 48.62 -10.95
CA MET A 414 -26.27 49.02 -10.44
C MET A 414 -26.15 50.52 -10.18
N PRO A 415 -26.70 51.42 -10.99
CA PRO A 415 -26.69 52.83 -10.60
C PRO A 415 -27.35 53.11 -9.26
N GLU A 416 -28.40 52.36 -8.92
CA GLU A 416 -29.02 52.52 -7.61
C GLU A 416 -28.07 52.07 -6.50
N VAL A 417 -27.46 50.89 -6.68
CA VAL A 417 -26.55 50.35 -5.66
C VAL A 417 -25.41 51.32 -5.39
N LEU A 418 -24.87 51.91 -6.45
CA LEU A 418 -23.81 52.90 -6.31
C LEU A 418 -24.30 54.13 -5.58
N GLN A 419 -25.55 54.54 -5.84
CA GLN A 419 -26.13 55.70 -5.18
C GLN A 419 -26.26 55.46 -3.68
N GLU A 420 -26.69 54.26 -3.29
CA GLU A 420 -26.79 53.93 -1.88
C GLU A 420 -25.41 53.90 -1.22
N LEU A 421 -24.42 53.31 -1.89
CA LEU A 421 -23.10 53.23 -1.30
C LEU A 421 -22.45 54.59 -1.17
N SER A 422 -22.75 55.50 -2.09
CA SER A 422 -22.15 56.83 -2.09
C SER A 422 -22.55 57.69 -0.90
N LYS A 423 -23.59 57.29 -0.14
CA LYS A 423 -24.05 58.00 1.05
C LYS A 423 -23.16 57.81 2.26
N HIS A 424 -22.22 56.86 2.20
CA HIS A 424 -21.49 56.41 3.34
C HIS A 424 -19.99 56.59 3.16
N PRO A 425 -19.28 57.01 4.21
CA PRO A 425 -17.83 57.17 4.10
C PRO A 425 -17.09 55.85 4.28
N VAL A 426 -15.82 55.85 3.89
CA VAL A 426 -15.00 54.68 4.12
C VAL A 426 -14.98 54.40 5.63
N ARG A 427 -14.75 53.13 5.99
CA ARG A 427 -14.86 52.51 7.31
C ARG A 427 -16.29 52.07 7.62
N THR A 428 -17.27 52.41 6.79
CA THR A 428 -18.67 52.09 7.05
C THR A 428 -18.89 50.59 6.92
N ARG A 429 -19.35 49.96 7.99
CA ARG A 429 -19.68 48.55 7.97
C ARG A 429 -21.02 48.33 7.28
N LEU A 430 -21.07 47.29 6.43
CA LEU A 430 -22.23 47.00 5.60
C LEU A 430 -22.68 45.57 5.85
N SER A 431 -23.91 45.28 5.41
CA SER A 431 -24.44 43.92 5.39
C SER A 431 -25.14 43.73 4.05
N LEU A 432 -24.62 42.84 3.21
CA LEU A 432 -25.01 42.76 1.81
C LEU A 432 -25.92 41.56 1.56
N THR A 433 -26.98 41.78 0.78
CA THR A 433 -27.95 40.73 0.46
C THR A 433 -28.28 40.81 -1.01
N GLY A 434 -28.13 39.69 -1.73
CA GLY A 434 -28.48 39.62 -3.14
C GLY A 434 -27.49 38.81 -3.96
N THR A 435 -27.52 39.05 -5.27
CA THR A 435 -26.70 38.31 -6.24
C THR A 435 -25.34 38.95 -6.44
N ILE A 436 -24.31 38.12 -6.52
CA ILE A 436 -22.94 38.55 -6.73
C ILE A 436 -22.31 37.65 -7.80
N ILE A 437 -21.56 38.24 -8.68
CA ILE A 437 -20.75 37.51 -9.63
C ILE A 437 -19.37 37.28 -9.00
N VAL A 438 -18.82 36.08 -9.18
CA VAL A 438 -17.54 35.72 -8.58
C VAL A 438 -16.51 35.47 -9.67
N ALA A 439 -15.39 36.18 -9.59
CA ALA A 439 -14.31 36.04 -10.56
C ALA A 439 -13.00 36.51 -9.91
N ARG A 440 -11.93 35.75 -10.12
CA ARG A 440 -10.63 36.21 -9.65
C ARG A 440 -9.56 36.16 -10.75
N ASP A 441 -8.35 35.66 -10.44
CA ASP A 441 -7.17 35.92 -11.28
C ASP A 441 -7.38 35.47 -12.71
N SER A 442 -7.63 34.17 -12.91
CA SER A 442 -7.65 33.61 -14.25
C SER A 442 -8.84 34.12 -15.07
N ALA A 443 -10.01 34.25 -14.43
CA ALA A 443 -11.16 34.77 -15.17
C ALA A 443 -10.94 36.22 -15.58
N HIS A 444 -10.33 37.02 -14.69
CA HIS A 444 -9.96 38.40 -15.00
C HIS A 444 -8.91 38.45 -16.11
N ALA A 445 -7.92 37.54 -16.05
CA ALA A 445 -6.90 37.49 -17.10
C ALA A 445 -7.55 37.20 -18.45
N ARG A 446 -8.51 36.28 -18.48
CA ARG A 446 -9.17 35.92 -19.74
C ARG A 446 -10.05 37.04 -20.25
N MET A 447 -10.73 37.78 -19.36
CA MET A 447 -11.54 38.89 -19.84
C MET A 447 -10.67 39.99 -20.43
N ARG A 448 -9.49 40.22 -19.86
CA ARG A 448 -8.55 41.18 -20.43
C ARG A 448 -8.11 40.80 -21.84
N GLU A 449 -7.93 39.49 -22.09
CA GLU A 449 -7.66 39.02 -23.45
C GLU A 449 -8.83 39.32 -24.38
N MET A 450 -10.04 39.13 -23.88
CA MET A 450 -11.24 39.39 -24.66
C MET A 450 -11.32 40.86 -25.03
N LEU A 451 -11.08 41.73 -24.05
CA LEU A 451 -11.11 43.16 -24.34
C LEU A 451 -10.06 43.53 -25.36
N GLU A 452 -8.87 42.92 -25.25
CA GLU A 452 -7.79 43.25 -26.17
C GLU A 452 -8.02 42.70 -27.56
N ALA A 453 -8.89 41.70 -27.69
CA ALA A 453 -9.33 41.14 -28.95
C ALA A 453 -10.50 41.91 -29.55
N GLY A 454 -10.97 42.97 -28.89
CA GLY A 454 -12.15 43.68 -29.31
C GLY A 454 -13.46 43.02 -28.94
N LYS A 455 -13.44 42.11 -27.99
CA LYS A 455 -14.66 41.49 -27.49
C LYS A 455 -15.14 42.20 -26.24
N PRO A 456 -16.45 42.34 -26.10
CA PRO A 456 -16.98 43.11 -24.97
C PRO A 456 -16.72 42.42 -23.65
N LEU A 457 -16.61 43.24 -22.60
CA LEU A 457 -16.63 42.71 -21.26
C LEU A 457 -17.95 41.97 -21.05
N PRO A 458 -17.93 40.73 -20.52
CA PRO A 458 -19.18 40.04 -20.25
C PRO A 458 -20.16 40.92 -19.50
N GLN A 459 -21.43 40.86 -19.91
CA GLN A 459 -22.45 41.75 -19.37
C GLN A 459 -22.67 41.52 -17.89
N TYR A 460 -22.53 40.27 -17.40
CA TYR A 460 -22.77 40.02 -15.99
C TYR A 460 -21.82 40.80 -15.09
N MET A 461 -20.66 41.19 -15.61
CA MET A 461 -19.73 42.05 -14.89
C MET A 461 -20.26 43.48 -14.73
N LYS A 462 -21.21 43.88 -15.55
CA LYS A 462 -21.76 45.23 -15.52
C LYS A 462 -23.07 45.31 -14.75
N GLU A 463 -23.59 44.19 -14.26
CA GLU A 463 -24.90 44.17 -13.65
C GLU A 463 -24.89 43.78 -12.19
N HIS A 464 -23.78 43.26 -11.68
CA HIS A 464 -23.70 42.75 -10.32
C HIS A 464 -22.36 43.14 -9.72
N PRO A 465 -22.25 43.12 -8.39
CA PRO A 465 -20.94 43.20 -7.76
C PRO A 465 -20.06 42.01 -8.11
N VAL A 466 -18.75 42.22 -8.08
CA VAL A 466 -17.77 41.17 -8.31
C VAL A 466 -17.07 40.86 -6.99
N TYR A 467 -17.12 39.58 -6.62
CA TYR A 467 -16.51 39.02 -5.42
C TYR A 467 -15.32 38.19 -5.89
N TYR A 468 -14.13 38.55 -5.45
CA TYR A 468 -12.96 37.76 -5.82
C TYR A 468 -12.90 36.58 -4.88
N ALA A 469 -13.17 35.38 -5.38
CA ALA A 469 -13.15 34.19 -4.54
C ALA A 469 -13.16 32.96 -5.43
N GLY A 470 -12.74 31.84 -4.85
CA GLY A 470 -12.82 30.55 -5.49
C GLY A 470 -13.20 29.48 -4.48
N PRO A 471 -14.36 28.87 -4.65
CA PRO A 471 -14.87 27.99 -3.61
C PRO A 471 -14.15 26.66 -3.59
N ALA A 472 -14.09 26.09 -2.39
CA ALA A 472 -13.80 24.69 -2.19
C ALA A 472 -15.06 23.87 -2.51
N LYS A 473 -14.88 22.56 -2.51
CA LYS A 473 -15.94 21.66 -2.97
C LYS A 473 -17.15 21.78 -2.06
N GLN A 474 -18.33 21.63 -2.66
CA GLN A 474 -19.58 21.81 -1.96
C GLN A 474 -19.95 20.52 -1.24
N PRO A 475 -20.13 20.54 0.09
CA PRO A 475 -20.49 19.32 0.81
C PRO A 475 -21.88 18.84 0.46
N ASP A 476 -22.05 17.52 0.54
CA ASP A 476 -23.34 16.91 0.28
C ASP A 476 -24.41 17.54 1.16
N GLY A 477 -25.47 18.02 0.55
CA GLY A 477 -26.61 18.54 1.27
C GLY A 477 -26.44 19.91 1.88
N LEU A 478 -25.39 20.63 1.54
CA LEU A 478 -25.15 21.96 2.07
C LEU A 478 -25.13 22.98 0.94
N PRO A 479 -25.49 24.22 1.22
CA PRO A 479 -25.61 25.20 0.11
C PRO A 479 -24.28 25.60 -0.51
N SER A 480 -23.17 25.50 0.21
CA SER A 480 -21.94 26.08 -0.29
C SER A 480 -20.76 25.40 0.38
N GLY A 481 -19.65 25.28 -0.36
CA GLY A 481 -18.37 25.00 0.25
C GLY A 481 -17.79 26.23 0.89
N SER A 482 -16.69 26.05 1.61
CA SER A 482 -15.93 27.21 2.07
C SER A 482 -15.68 28.16 0.91
N PHE A 483 -15.89 29.45 1.15
CA PHE A 483 -16.06 30.41 0.06
C PHE A 483 -15.69 31.82 0.52
N GLY A 484 -14.54 31.96 1.17
CA GLY A 484 -14.06 33.25 1.62
C GLY A 484 -13.37 34.03 0.52
N PRO A 485 -12.97 35.26 0.83
CA PRO A 485 -12.45 36.18 -0.19
C PRO A 485 -10.96 36.01 -0.50
N THR A 486 -10.62 36.41 -1.74
CA THR A 486 -9.31 36.41 -2.37
C THR A 486 -8.63 37.76 -2.17
N THR A 487 -7.29 37.77 -2.23
CA THR A 487 -6.51 38.99 -2.09
C THR A 487 -6.84 39.99 -3.19
N ALA A 488 -7.31 41.17 -2.77
CA ALA A 488 -7.81 42.15 -3.73
C ALA A 488 -6.69 42.77 -4.55
N GLY A 489 -5.49 42.88 -3.99
CA GLY A 489 -4.38 43.53 -4.70
C GLY A 489 -3.93 42.83 -5.97
N ARG A 490 -4.11 41.51 -6.08
CA ARG A 490 -3.73 40.85 -7.31
C ARG A 490 -4.62 41.22 -8.49
N MET A 491 -5.78 41.81 -8.24
CA MET A 491 -6.67 42.22 -9.31
C MET A 491 -6.57 43.71 -9.60
N ASP A 492 -5.73 44.45 -8.89
CA ASP A 492 -5.59 45.87 -9.14
C ASP A 492 -5.31 46.24 -10.59
N PRO A 493 -4.51 45.49 -11.37
CA PRO A 493 -4.29 45.86 -12.78
C PRO A 493 -5.52 45.76 -13.68
N PHE A 494 -6.66 45.27 -13.22
CA PHE A 494 -7.85 45.17 -14.08
C PHE A 494 -8.90 46.23 -13.79
N VAL A 495 -8.76 47.01 -12.72
CA VAL A 495 -9.87 47.83 -12.24
C VAL A 495 -10.19 48.96 -13.19
N ASP A 496 -9.19 49.82 -13.47
CA ASP A 496 -9.43 50.93 -14.39
C ASP A 496 -9.88 50.42 -15.75
N LEU A 497 -9.23 49.37 -16.25
CA LEU A 497 -9.62 48.75 -17.51
C LEU A 497 -11.08 48.33 -17.53
N PHE A 498 -11.52 47.55 -16.54
CA PHE A 498 -12.88 47.04 -16.57
C PHE A 498 -13.90 48.14 -16.31
N GLN A 499 -13.58 49.10 -15.43
CA GLN A 499 -14.53 50.18 -15.17
C GLN A 499 -14.67 51.08 -16.37
N SER A 500 -13.63 51.19 -17.20
CA SER A 500 -13.75 51.95 -18.44
C SER A 500 -14.70 51.27 -19.42
N HIS A 501 -14.99 49.98 -19.23
CA HIS A 501 -16.01 49.29 -19.98
C HIS A 501 -17.33 49.21 -19.21
N GLY A 502 -17.44 49.87 -18.05
CA GLY A 502 -18.66 49.82 -17.25
C GLY A 502 -18.79 48.63 -16.30
N GLY A 503 -17.73 47.85 -16.11
CA GLY A 503 -17.77 46.70 -15.25
C GLY A 503 -16.91 46.88 -14.00
N SER A 504 -17.05 45.92 -13.09
CA SER A 504 -16.26 45.90 -11.86
C SER A 504 -16.45 47.19 -11.07
N MET A 505 -17.67 47.70 -11.05
CA MET A 505 -17.92 48.96 -10.38
C MET A 505 -18.00 48.79 -8.87
N VAL A 506 -18.45 47.64 -8.41
CA VAL A 506 -18.51 47.30 -7.00
C VAL A 506 -17.73 46.01 -6.82
N MET A 507 -16.62 46.08 -6.07
CA MET A 507 -15.77 44.92 -5.84
C MET A 507 -15.77 44.54 -4.38
N LEU A 508 -15.79 43.24 -4.11
CA LEU A 508 -15.78 42.70 -2.76
C LEU A 508 -14.66 41.68 -2.65
N ALA A 509 -13.71 41.92 -1.75
CA ALA A 509 -12.61 40.99 -1.58
C ALA A 509 -12.01 41.24 -0.20
N LYS A 510 -10.74 40.88 -0.03
CA LYS A 510 -10.04 41.14 1.22
C LYS A 510 -8.68 41.73 0.93
N GLY A 511 -8.18 42.52 1.87
CA GLY A 511 -6.87 43.13 1.79
C GLY A 511 -6.93 44.54 1.26
N ASN A 512 -5.89 45.30 1.56
CA ASN A 512 -5.77 46.66 1.05
C ASN A 512 -5.29 46.63 -0.41
N ARG A 513 -5.55 47.74 -1.13
CA ARG A 513 -5.19 47.82 -2.55
C ARG A 513 -4.28 49.01 -2.81
N SER A 514 -3.76 49.07 -4.04
CA SER A 514 -2.83 50.12 -4.45
C SER A 514 -3.57 51.43 -4.70
N LYS A 515 -2.81 52.52 -4.76
CA LYS A 515 -3.43 53.84 -4.97
C LYS A 515 -4.08 53.97 -6.35
N GLN A 516 -3.66 53.16 -7.33
CA GLN A 516 -4.28 53.22 -8.66
C GLN A 516 -5.75 52.83 -8.60
N VAL A 517 -6.12 51.93 -7.69
CA VAL A 517 -7.52 51.55 -7.55
C VAL A 517 -8.30 52.68 -6.91
N THR A 518 -7.68 53.38 -5.95
CA THR A 518 -8.36 54.53 -5.36
C THR A 518 -8.66 55.58 -6.43
N LYS A 519 -7.71 55.85 -7.31
CA LYS A 519 -7.91 56.84 -8.37
C LYS A 519 -8.93 56.37 -9.39
N ALA A 520 -8.93 55.08 -9.73
CA ALA A 520 -9.91 54.56 -10.69
C ALA A 520 -11.33 54.68 -10.16
N CYS A 521 -11.55 54.33 -8.89
CA CYS A 521 -12.88 54.46 -8.28
C CYS A 521 -13.31 55.91 -8.21
N HIS A 522 -12.37 56.82 -7.94
CA HIS A 522 -12.69 58.23 -8.00
C HIS A 522 -12.99 58.67 -9.43
N LYS A 523 -12.27 58.10 -10.40
CA LYS A 523 -12.44 58.49 -11.79
C LYS A 523 -13.77 58.03 -12.36
N TYR A 524 -14.19 56.82 -12.04
CA TYR A 524 -15.40 56.24 -12.62
C TYR A 524 -16.56 56.10 -11.65
N GLY A 525 -16.35 56.35 -10.37
CA GLY A 525 -17.44 56.31 -9.40
C GLY A 525 -17.78 54.95 -8.84
N GLY A 526 -16.79 54.07 -8.71
CA GLY A 526 -17.00 52.74 -8.18
C GLY A 526 -16.55 52.59 -6.74
N PHE A 527 -16.61 51.35 -6.27
CA PHE A 527 -16.45 51.01 -4.85
C PHE A 527 -15.63 49.73 -4.69
N TYR A 528 -14.73 49.73 -3.71
CA TYR A 528 -14.09 48.51 -3.22
C TYR A 528 -14.59 48.26 -1.81
N LEU A 529 -15.31 47.15 -1.64
CA LEU A 529 -15.80 46.72 -0.34
C LEU A 529 -14.88 45.64 0.19
N GLY A 530 -14.37 45.85 1.39
CA GLY A 530 -13.48 44.90 2.00
C GLY A 530 -14.21 43.94 2.91
N SER A 531 -13.84 42.67 2.82
CA SER A 531 -14.39 41.62 3.64
C SER A 531 -13.33 41.09 4.60
N ILE A 532 -13.80 40.46 5.67
CA ILE A 532 -12.91 39.72 6.57
C ILE A 532 -12.38 38.51 5.82
N GLY A 533 -11.06 38.38 5.71
CA GLY A 533 -10.46 37.20 5.13
C GLY A 533 -10.15 36.14 6.17
N GLY A 534 -10.39 34.88 5.84
CA GLY A 534 -10.12 33.83 6.78
C GLY A 534 -11.29 32.94 7.14
N PRO A 535 -12.42 33.52 7.60
CA PRO A 535 -13.54 32.67 8.08
C PRO A 535 -14.48 32.24 6.95
N ALA A 536 -13.94 31.38 6.08
CA ALA A 536 -14.66 30.91 4.90
C ALA A 536 -15.78 29.95 5.25
N ALA A 537 -15.64 29.21 6.35
CA ALA A 537 -16.66 28.25 6.77
C ALA A 537 -17.89 28.94 7.36
N VAL A 538 -17.71 30.04 8.09
CA VAL A 538 -18.84 30.81 8.60
C VAL A 538 -19.60 31.44 7.45
N LEU A 539 -18.88 31.92 6.44
CA LEU A 539 -19.53 32.49 5.27
C LEU A 539 -20.34 31.44 4.53
N ALA A 540 -19.75 30.26 4.31
CA ALA A 540 -20.49 29.19 3.66
C ALA A 540 -21.71 28.77 4.45
N GLN A 541 -21.60 28.80 5.78
CA GLN A 541 -22.69 28.36 6.63
C GLN A 541 -23.75 29.44 6.80
N ASN A 542 -23.35 30.70 6.90
CA ASN A 542 -24.31 31.70 7.32
C ASN A 542 -24.76 32.64 6.21
N ALA A 543 -23.90 32.95 5.24
CA ALA A 543 -24.18 34.04 4.30
C ALA A 543 -24.45 33.60 2.87
N ILE A 544 -23.79 32.56 2.39
CA ILE A 544 -23.89 32.14 0.98
C ILE A 544 -25.01 31.13 0.88
N LYS A 545 -26.06 31.48 0.13
CA LYS A 545 -27.29 30.70 0.08
C LYS A 545 -27.44 29.88 -1.18
N LYS A 546 -26.80 30.28 -2.27
CA LYS A 546 -26.90 29.51 -3.49
C LYS A 546 -25.65 29.80 -4.31
N VAL A 547 -25.15 28.75 -4.96
CA VAL A 547 -23.94 28.80 -5.75
C VAL A 547 -24.21 28.14 -7.09
N GLU A 548 -23.91 28.85 -8.18
CA GLU A 548 -24.00 28.29 -9.52
C GLU A 548 -22.75 28.67 -10.29
N CYS A 549 -22.29 27.78 -11.16
CA CYS A 549 -21.20 28.08 -12.08
C CYS A 549 -21.78 28.72 -13.33
N LEU A 550 -21.27 29.91 -13.67
CA LEU A 550 -21.85 30.72 -14.73
C LEU A 550 -21.09 30.64 -16.05
N ASP A 551 -19.77 30.56 -16.00
CA ASP A 551 -18.97 30.90 -17.16
C ASP A 551 -17.57 30.34 -16.92
N MET A 552 -16.82 30.17 -18.00
CA MET A 552 -15.41 29.76 -17.91
C MET A 552 -15.24 28.51 -17.06
N LYS A 553 -16.08 27.51 -17.32
CA LYS A 553 -16.11 26.33 -16.45
C LYS A 553 -14.80 25.53 -16.47
N ASP A 554 -13.96 25.68 -17.50
CA ASP A 554 -12.72 24.91 -17.55
C ASP A 554 -11.76 25.29 -16.43
N LEU A 555 -11.94 26.43 -15.81
CA LEU A 555 -10.98 26.94 -14.87
C LEU A 555 -11.16 26.38 -13.46
N GLY A 556 -11.94 25.32 -13.31
CA GLY A 556 -12.18 24.74 -11.99
C GLY A 556 -12.74 25.76 -11.03
N MET A 557 -12.09 25.84 -9.86
CA MET A 557 -12.46 26.79 -8.82
C MET A 557 -12.31 28.23 -9.27
N GLU A 558 -11.53 28.49 -10.33
CA GLU A 558 -11.36 29.82 -10.86
C GLU A 558 -12.37 30.19 -11.93
N ALA A 559 -13.37 29.34 -12.15
CA ALA A 559 -14.50 29.68 -13.03
C ALA A 559 -15.26 30.91 -12.49
N VAL A 560 -16.08 31.51 -13.35
CA VAL A 560 -17.00 32.55 -12.92
C VAL A 560 -18.23 31.91 -12.29
N TRP A 561 -18.54 32.33 -11.07
CA TRP A 561 -19.69 31.81 -10.33
C TRP A 561 -20.71 32.92 -10.15
N ARG A 562 -21.93 32.52 -9.89
CA ARG A 562 -22.99 33.44 -9.52
C ARG A 562 -23.56 32.93 -8.21
N ILE A 563 -23.53 33.77 -7.18
CA ILE A 563 -23.94 33.35 -5.85
C ILE A 563 -25.02 34.28 -5.32
N GLU A 564 -25.85 33.74 -4.43
CA GLU A 564 -26.85 34.52 -3.70
C GLU A 564 -26.40 34.56 -2.25
N VAL A 565 -26.26 35.78 -1.71
CA VAL A 565 -25.82 35.99 -0.34
C VAL A 565 -26.93 36.70 0.44
N GLU A 566 -26.91 36.48 1.76
CA GLU A 566 -27.78 37.17 2.71
C GLU A 566 -26.91 37.70 3.82
N ASN A 567 -26.96 39.02 4.04
CA ASN A 567 -26.25 39.64 5.16
C ASN A 567 -24.77 39.32 5.15
N PHE A 568 -24.14 39.50 4.00
CA PHE A 568 -22.71 39.32 3.87
C PHE A 568 -21.98 40.52 4.46
N PRO A 569 -21.10 40.34 5.43
CA PRO A 569 -20.45 41.49 6.05
C PRO A 569 -19.35 42.07 5.17
N ALA A 570 -19.25 43.40 5.20
CA ALA A 570 -18.28 44.15 4.41
C ALA A 570 -18.11 45.52 5.02
N PHE A 571 -16.95 46.14 4.78
CA PHE A 571 -16.70 47.53 5.12
C PHE A 571 -16.42 48.30 3.84
N ILE A 572 -16.79 49.58 3.80
CA ILE A 572 -16.37 50.41 2.68
C ILE A 572 -14.89 50.75 2.85
N VAL A 573 -14.06 50.29 1.90
CA VAL A 573 -12.62 50.50 1.98
C VAL A 573 -12.13 51.56 1.01
N VAL A 574 -12.69 51.60 -0.21
CA VAL A 574 -12.43 52.68 -1.17
C VAL A 574 -13.78 53.22 -1.61
N ASP A 575 -13.93 54.54 -1.61
CA ASP A 575 -15.22 55.07 -2.06
C ASP A 575 -15.11 55.69 -3.45
N ASP A 576 -16.17 56.36 -3.88
CA ASP A 576 -16.24 56.98 -5.19
C ASP A 576 -15.76 58.43 -5.19
N LYS A 577 -14.98 58.82 -4.17
CA LYS A 577 -14.53 60.20 -3.99
C LYS A 577 -13.05 60.33 -3.68
N GLY A 578 -12.25 59.26 -3.81
CA GLY A 578 -10.84 59.34 -3.52
C GLY A 578 -10.43 58.95 -2.12
N ASN A 579 -11.31 58.29 -1.37
CA ASN A 579 -11.03 57.96 0.01
C ASN A 579 -10.71 56.48 0.14
N ASP A 580 -9.68 56.17 0.93
CA ASP A 580 -9.23 54.80 1.17
C ASP A 580 -9.15 54.59 2.67
N PHE A 581 -9.84 53.56 3.15
CA PHE A 581 -9.78 53.19 4.57
C PHE A 581 -8.36 53.24 5.09
N PHE A 582 -7.44 52.58 4.38
CA PHE A 582 -6.10 52.32 4.88
C PHE A 582 -5.12 53.45 4.63
N GLU A 583 -5.53 54.53 3.97
CA GLU A 583 -4.66 55.69 3.89
C GLU A 583 -4.91 56.69 5.01
N GLN A 584 -6.06 56.58 5.69
CA GLN A 584 -6.48 57.46 6.77
C GLN A 584 -5.92 57.00 8.11
N LEU A 585 -6.17 55.73 8.46
CA LEU A 585 -5.52 55.04 9.57
C LEU A 585 -5.93 53.55 9.65
N ALA B 46 -9.65 11.76 -12.77
CA ALA B 46 -8.83 12.21 -11.66
C ALA B 46 -8.42 11.05 -10.76
N GLU B 47 -7.81 10.03 -11.34
CA GLU B 47 -7.17 8.94 -10.63
C GLU B 47 -5.81 9.42 -10.10
N PHE B 48 -5.29 8.67 -9.12
CA PHE B 48 -3.98 8.97 -8.57
C PHE B 48 -2.93 8.65 -9.61
N ASN B 49 -2.22 9.68 -10.04
CA ASN B 49 -1.14 9.56 -11.00
C ASN B 49 0.01 10.33 -10.38
N PHE B 50 0.97 9.64 -9.79
CA PHE B 50 2.09 10.34 -9.18
C PHE B 50 3.01 10.88 -10.27
N VAL B 51 3.25 12.19 -10.26
CA VAL B 51 4.19 12.82 -11.16
C VAL B 51 5.02 13.77 -10.31
N PRO B 52 6.34 13.64 -10.26
CA PRO B 52 7.13 14.50 -9.38
C PRO B 52 7.01 15.96 -9.78
N LEU B 53 7.24 16.83 -8.80
CA LEU B 53 7.28 18.26 -9.07
C LEU B 53 8.31 18.57 -10.15
N VAL B 54 9.51 18.02 -10.00
CA VAL B 54 10.60 18.15 -10.94
C VAL B 54 11.11 16.75 -11.26
N SER B 55 11.31 16.46 -12.54
CA SER B 55 11.80 15.12 -12.86
C SER B 55 13.27 14.99 -12.50
N LYS B 56 13.71 13.75 -12.34
CA LYS B 56 15.12 13.47 -12.23
C LYS B 56 15.80 13.81 -13.55
N VAL B 57 17.02 14.30 -13.45
CA VAL B 57 17.68 14.95 -14.57
C VAL B 57 19.00 14.24 -14.83
N SER B 58 19.32 14.02 -16.11
CA SER B 58 20.61 13.48 -16.47
C SER B 58 21.62 14.62 -16.55
N HIS B 59 22.90 14.24 -16.68
CA HIS B 59 24.00 15.16 -16.86
C HIS B 59 24.92 14.58 -17.94
N LYS B 60 24.45 14.62 -19.18
CA LYS B 60 25.06 13.89 -20.29
C LYS B 60 26.34 14.56 -20.80
N GLU B 61 26.54 15.85 -20.54
CA GLU B 61 27.76 16.52 -20.91
C GLU B 61 28.76 16.62 -19.75
N THR B 62 28.55 15.83 -18.70
CA THR B 62 29.38 15.86 -17.49
C THR B 62 30.26 14.62 -17.44
N LYS B 63 31.55 14.80 -17.65
CA LYS B 63 32.53 13.72 -17.49
C LYS B 63 33.09 13.70 -16.07
N TYR B 64 33.18 12.50 -15.48
CA TYR B 64 33.71 12.33 -14.13
C TYR B 64 35.10 11.71 -14.15
N ARG B 65 35.98 12.19 -13.30
CA ARG B 65 37.26 11.53 -13.10
C ARG B 65 37.25 10.77 -11.79
N LEU B 66 37.96 9.66 -11.78
CA LEU B 66 38.01 8.80 -10.60
C LEU B 66 39.11 9.31 -9.67
N LEU B 67 38.76 9.50 -8.40
CA LEU B 67 39.72 9.87 -7.36
C LEU B 67 40.35 8.65 -6.71
N THR B 68 39.55 7.64 -6.43
CA THR B 68 40.00 6.48 -5.67
C THR B 68 38.94 5.40 -5.71
N LYS B 69 39.40 4.17 -5.69
CA LYS B 69 38.55 3.02 -5.47
C LYS B 69 38.49 2.64 -4.00
N ASP B 70 39.14 3.42 -3.14
CA ASP B 70 39.17 3.16 -1.72
C ASP B 70 37.82 3.51 -1.11
N TYR B 71 37.64 3.10 0.15
CA TYR B 71 36.59 3.50 1.09
C TYR B 71 35.22 2.85 0.88
N VAL B 72 35.02 1.99 -0.13
CA VAL B 72 33.69 1.52 -0.48
C VAL B 72 33.67 0.00 -0.55
N SER B 73 32.60 -0.61 -0.03
CA SER B 73 32.46 -2.06 0.03
C SER B 73 30.97 -2.39 -0.09
N VAL B 74 30.66 -3.44 -0.82
CA VAL B 74 29.28 -3.90 -0.97
C VAL B 74 29.07 -5.06 0.00
N VAL B 75 28.06 -4.95 0.85
CA VAL B 75 27.74 -5.96 1.84
C VAL B 75 26.30 -6.41 1.62
N GLN B 76 26.03 -7.64 2.01
CA GLN B 76 24.68 -8.19 1.85
C GLN B 76 24.09 -8.42 3.22
N PRO B 77 23.30 -7.49 3.74
CA PRO B 77 22.75 -7.68 5.08
C PRO B 77 21.64 -8.73 5.07
N GLY B 78 21.36 -9.25 6.25
CA GLY B 78 20.27 -10.19 6.39
C GLY B 78 18.91 -9.53 6.27
N ALA B 79 17.91 -10.12 6.92
CA ALA B 79 16.53 -9.68 6.82
C ALA B 79 16.12 -9.59 5.35
N GLY B 80 15.08 -8.83 5.06
CA GLY B 80 14.62 -8.72 3.69
C GLY B 80 15.25 -7.53 2.99
N LEU B 81 16.50 -7.23 3.34
CA LEU B 81 17.14 -6.01 2.89
C LEU B 81 17.99 -6.27 1.65
N PRO B 82 18.04 -5.32 0.71
CA PRO B 82 18.90 -5.47 -0.46
C PRO B 82 20.37 -5.27 -0.09
N GLU B 83 21.24 -5.50 -1.07
CA GLU B 83 22.66 -5.25 -0.83
C GLU B 83 22.90 -3.78 -0.56
N MET B 84 23.88 -3.51 0.28
CA MET B 84 24.19 -2.15 0.70
C MET B 84 25.61 -1.82 0.32
N LEU B 85 25.87 -0.52 0.14
CA LEU B 85 27.19 0.01 -0.11
C LEU B 85 27.66 0.73 1.13
N ARG B 86 28.75 0.28 1.72
CA ARG B 86 29.37 0.96 2.85
C ARG B 86 30.41 1.93 2.34
N VAL B 87 30.29 3.18 2.77
CA VAL B 87 31.21 4.26 2.41
C VAL B 87 31.86 4.74 3.71
N ASP B 88 33.17 4.64 3.77
CA ASP B 88 33.90 5.20 4.89
C ASP B 88 33.75 6.72 4.89
N PRO B 89 33.54 7.35 6.05
CA PRO B 89 33.38 8.80 6.06
C PRO B 89 34.55 9.55 5.42
N ALA B 90 35.76 8.99 5.48
CA ALA B 90 36.88 9.64 4.82
C ALA B 90 36.67 9.82 3.32
N ALA B 91 35.80 9.02 2.69
CA ALA B 91 35.51 9.24 1.27
C ALA B 91 34.81 10.58 1.05
N LEU B 92 33.93 10.97 1.98
CA LEU B 92 33.23 12.25 1.84
C LEU B 92 34.18 13.40 2.11
N THR B 93 35.11 13.21 3.03
CA THR B 93 36.12 14.23 3.28
C THR B 93 37.01 14.42 2.07
N LEU B 94 37.45 13.34 1.46
CA LEU B 94 38.31 13.46 0.30
C LEU B 94 37.56 14.08 -0.87
N LEU B 95 36.30 13.69 -1.08
CA LEU B 95 35.51 14.22 -2.20
C LEU B 95 35.26 15.72 -2.04
N SER B 96 34.86 16.15 -0.84
CA SER B 96 34.61 17.57 -0.64
C SER B 96 35.90 18.37 -0.69
N SER B 97 36.98 17.86 -0.11
CA SER B 97 38.26 18.55 -0.17
C SER B 97 38.70 18.73 -1.62
N THR B 98 38.57 17.69 -2.42
CA THR B 98 39.05 17.74 -3.79
C THR B 98 38.17 18.63 -4.66
N ALA B 99 36.84 18.53 -4.49
CA ALA B 99 35.91 19.32 -5.28
C ALA B 99 36.14 20.80 -5.10
N PHE B 100 36.41 21.24 -3.86
CA PHE B 100 36.65 22.66 -3.59
C PHE B 100 38.04 23.10 -4.02
N ASP B 101 39.06 22.24 -3.88
CA ASP B 101 40.34 22.49 -4.54
C ASP B 101 40.14 22.84 -6.00
N ASP B 102 39.32 22.06 -6.70
CA ASP B 102 39.20 22.20 -8.13
C ASP B 102 38.35 23.40 -8.52
N VAL B 103 37.21 23.63 -7.87
CA VAL B 103 36.36 24.75 -8.31
C VAL B 103 37.04 26.09 -8.03
N GLU B 104 37.93 26.16 -7.04
CA GLU B 104 38.57 27.44 -6.77
C GLU B 104 39.66 27.76 -7.75
N HIS B 105 40.18 26.75 -8.43
CA HIS B 105 41.28 26.93 -9.36
C HIS B 105 40.93 26.66 -10.81
N LEU B 106 39.87 25.90 -11.09
CA LEU B 106 39.55 25.48 -12.45
C LEU B 106 38.14 25.92 -12.83
N LEU B 107 37.86 25.86 -14.13
CA LEU B 107 36.58 26.21 -14.71
C LEU B 107 36.14 25.10 -15.66
N ARG B 108 34.85 25.06 -15.96
CA ARG B 108 34.34 24.17 -16.99
C ARG B 108 34.84 24.61 -18.36
N SER B 109 35.10 23.63 -19.22
CA SER B 109 35.52 23.92 -20.60
C SER B 109 34.48 24.73 -21.34
N SER B 110 33.20 24.42 -21.16
CA SER B 110 32.15 25.18 -21.81
C SER B 110 32.21 26.65 -21.41
N HIS B 111 32.59 26.93 -20.15
CA HIS B 111 32.63 28.31 -19.68
C HIS B 111 33.79 29.09 -20.31
N LEU B 112 34.98 28.47 -20.38
CA LEU B 112 36.10 29.09 -21.05
C LEU B 112 35.83 29.34 -22.52
N MET B 113 35.11 28.42 -23.16
CA MET B 113 34.78 28.55 -24.56
C MET B 113 33.84 29.72 -24.83
N SER B 114 32.93 30.02 -23.90
CA SER B 114 32.06 31.16 -24.04
C SER B 114 32.84 32.45 -23.95
N LEU B 115 33.87 32.48 -23.11
CA LEU B 115 34.74 33.67 -23.01
C LEU B 115 35.57 33.83 -24.27
N ARG B 116 36.07 32.72 -24.80
CA ARG B 116 36.90 32.73 -26.00
C ARG B 116 36.07 33.09 -27.24
N LYS B 117 34.79 32.73 -27.25
CA LYS B 117 33.92 33.04 -28.36
C LYS B 117 33.71 34.54 -28.51
N ILE B 118 34.00 35.31 -27.46
CA ILE B 118 33.84 36.76 -27.48
C ILE B 118 34.80 37.40 -28.49
N PHE B 119 35.98 36.83 -28.67
CA PHE B 119 37.00 37.45 -29.50
C PHE B 119 36.70 37.31 -31.01
N ASP B 120 36.02 36.25 -31.42
CA ASP B 120 35.64 36.15 -32.83
C ASP B 120 34.33 36.87 -33.14
N ASP B 121 33.63 37.40 -32.15
CA ASP B 121 32.30 37.96 -32.37
C ASP B 121 32.41 39.37 -32.93
N PRO B 122 31.92 39.63 -34.16
CA PRO B 122 32.04 40.98 -34.72
C PRO B 122 31.24 42.02 -33.98
N GLU B 123 30.26 41.62 -33.16
CA GLU B 123 29.44 42.56 -32.39
C GLU B 123 29.91 42.75 -30.94
N ALA B 124 30.94 42.02 -30.52
CA ALA B 124 31.53 42.24 -29.20
C ALA B 124 32.25 43.58 -29.18
N SER B 125 32.10 44.31 -28.09
CA SER B 125 32.78 45.58 -27.96
C SER B 125 34.25 45.35 -27.63
N ASP B 126 35.03 46.42 -27.79
CA ASP B 126 36.44 46.33 -27.45
C ASP B 126 36.64 46.09 -25.96
N ASN B 127 35.83 46.75 -25.13
CA ASN B 127 35.90 46.49 -23.69
C ASN B 127 35.38 45.10 -23.35
N ASP B 128 34.36 44.61 -24.05
CA ASP B 128 33.97 43.21 -23.89
C ASP B 128 35.19 42.29 -24.01
N LYS B 129 36.02 42.53 -25.03
CA LYS B 129 37.17 41.68 -25.28
C LYS B 129 38.27 41.92 -24.28
N PHE B 130 38.52 43.18 -23.92
CA PHE B 130 39.51 43.49 -22.91
C PHE B 130 39.16 42.77 -21.60
N VAL B 131 37.88 42.74 -21.23
CA VAL B 131 37.46 42.05 -20.01
C VAL B 131 37.63 40.54 -20.18
N ALA B 132 37.13 39.99 -21.30
CA ALA B 132 37.23 38.56 -21.53
C ALA B 132 38.68 38.08 -21.49
N LEU B 133 39.61 38.92 -21.96
CA LEU B 133 41.01 38.50 -21.98
C LEU B 133 41.61 38.46 -20.59
N GLN B 134 41.26 39.42 -19.73
CA GLN B 134 41.76 39.36 -18.35
C GLN B 134 41.23 38.13 -17.65
N LEU B 135 39.99 37.74 -17.92
CA LEU B 135 39.41 36.56 -17.27
C LEU B 135 40.00 35.28 -17.81
N LEU B 136 40.47 35.27 -19.06
CA LEU B 136 41.15 34.09 -19.59
C LEU B 136 42.55 33.96 -19.03
N LYS B 137 43.29 35.06 -18.93
CA LYS B 137 44.58 35.07 -18.25
C LYS B 137 44.43 34.67 -16.79
N ASN B 138 43.38 35.13 -16.13
CA ASN B 138 43.14 34.75 -14.74
C ASN B 138 43.04 33.24 -14.59
N ALA B 139 42.24 32.60 -15.45
CA ALA B 139 42.10 31.14 -15.43
C ALA B 139 43.43 30.42 -15.64
N ASN B 140 44.26 30.94 -16.55
CA ASN B 140 45.57 30.32 -16.77
C ASN B 140 46.42 30.37 -15.51
N ILE B 141 46.43 31.52 -14.81
CA ILE B 141 47.25 31.69 -13.60
C ILE B 141 46.79 30.77 -12.50
N SER B 142 45.47 30.72 -12.23
CA SER B 142 44.98 30.00 -11.07
C SER B 142 45.08 28.49 -11.23
N SER B 143 45.20 27.99 -12.46
CA SER B 143 45.38 26.55 -12.67
C SER B 143 46.67 26.03 -12.04
N ALA B 144 47.61 26.90 -11.69
CA ALA B 144 48.81 26.46 -10.98
C ALA B 144 48.55 26.17 -9.50
N ARG B 145 47.37 26.55 -8.99
CA ARG B 145 46.96 26.30 -7.60
C ARG B 145 47.79 27.07 -6.56
N LEU B 146 48.46 28.16 -6.96
CA LEU B 146 48.97 29.09 -5.95
C LEU B 146 47.93 30.12 -5.60
N LEU B 147 47.20 30.62 -6.58
CA LEU B 147 46.21 31.65 -6.38
C LEU B 147 44.85 31.18 -6.87
N PRO B 148 43.79 31.31 -6.07
CA PRO B 148 42.44 31.01 -6.56
C PRO B 148 42.01 32.05 -7.60
N GLY B 149 41.08 31.66 -8.45
CA GLY B 149 40.57 32.60 -9.44
C GLY B 149 40.07 33.90 -8.85
N CYS B 150 39.34 33.84 -7.76
CA CYS B 150 38.82 35.03 -7.13
C CYS B 150 39.26 35.10 -5.66
N GLN B 151 39.51 36.32 -5.19
CA GLN B 151 39.79 36.51 -3.77
C GLN B 151 38.63 36.02 -2.93
N ASP B 152 37.40 36.17 -3.40
CA ASP B 152 36.28 35.61 -2.66
C ASP B 152 36.15 34.15 -3.03
N THR B 153 36.70 33.28 -2.20
CA THR B 153 36.55 31.87 -2.42
C THR B 153 35.16 31.35 -2.02
N GLY B 154 34.27 32.25 -1.62
CA GLY B 154 32.86 31.94 -1.58
C GLY B 154 32.36 31.21 -0.34
N THR B 155 31.06 30.92 -0.39
CA THR B 155 30.42 30.07 0.61
C THR B 155 30.45 28.65 0.08
N ALA B 156 30.81 27.70 0.93
CA ALA B 156 30.87 26.29 0.54
C ALA B 156 29.47 25.71 0.67
N ILE B 157 28.87 25.41 -0.47
CA ILE B 157 27.53 24.84 -0.55
C ILE B 157 27.64 23.41 -1.01
N ILE B 158 27.02 22.49 -0.29
CA ILE B 158 27.07 21.07 -0.60
C ILE B 158 25.65 20.52 -0.56
N ALA B 159 25.25 19.82 -1.63
CA ALA B 159 24.00 19.06 -1.67
C ALA B 159 24.33 17.62 -1.95
N GLY B 160 23.85 16.73 -1.11
CA GLY B 160 24.11 15.31 -1.24
C GLY B 160 22.82 14.55 -1.39
N TYR B 161 22.89 13.43 -2.09
CA TYR B 161 21.74 12.54 -2.24
C TYR B 161 22.26 11.17 -1.80
N ARG B 162 21.93 10.79 -0.57
CA ARG B 162 22.34 9.51 0.00
C ARG B 162 21.26 8.50 -0.32
N GLY B 163 21.61 7.56 -1.17
CA GLY B 163 20.68 6.51 -1.54
C GLY B 163 20.38 5.56 -0.40
N ASP B 164 19.20 4.95 -0.51
CA ASP B 164 18.65 4.02 0.45
C ASP B 164 19.60 2.88 0.77
N GLN B 165 20.45 2.53 -0.19
CA GLN B 165 21.34 1.40 -0.06
C GLN B 165 22.75 1.82 0.26
N VAL B 166 22.95 3.07 0.67
CA VAL B 166 24.24 3.60 1.07
C VAL B 166 24.24 3.78 2.58
N PHE B 167 25.23 3.23 3.25
CA PHE B 167 25.40 3.39 4.69
C PHE B 167 26.76 4.00 4.97
N VAL B 168 26.81 5.10 5.71
CA VAL B 168 28.08 5.73 6.08
C VAL B 168 28.26 5.55 7.59
N PRO B 169 29.22 4.74 8.04
CA PRO B 169 29.44 4.60 9.49
C PRO B 169 30.16 5.81 10.06
N GLY B 170 29.39 6.90 10.18
CA GLY B 170 29.90 8.14 10.69
C GLY B 170 28.91 9.27 10.44
N ASN B 171 29.38 10.49 10.70
CA ASN B 171 28.58 11.70 10.58
C ASN B 171 28.92 12.38 9.26
N ASP B 172 27.99 12.31 8.30
CA ASP B 172 28.20 12.81 6.94
C ASP B 172 28.52 14.30 6.94
N GLU B 173 27.69 15.09 7.62
CA GLU B 173 27.86 16.54 7.61
C GLU B 173 29.23 16.93 8.15
N GLU B 174 29.65 16.29 9.25
CA GLU B 174 30.95 16.57 9.84
C GLU B 174 32.08 16.15 8.92
N ALA B 175 31.91 15.02 8.22
CA ALA B 175 32.96 14.56 7.31
C ALA B 175 33.10 15.47 6.11
N LEU B 176 31.98 16.02 5.62
CA LEU B 176 32.03 16.98 4.51
C LEU B 176 32.60 18.32 4.96
N SER B 177 32.29 18.74 6.17
CA SER B 177 32.86 19.99 6.69
C SER B 177 34.36 19.88 6.89
N ARG B 178 34.85 18.69 7.25
CA ARG B 178 36.29 18.49 7.47
C ARG B 178 37.05 18.65 6.18
N GLY B 179 36.49 18.12 5.09
CA GLY B 179 37.12 18.32 3.79
C GLY B 179 37.15 19.78 3.39
N VAL B 180 36.06 20.51 3.69
CA VAL B 180 36.07 21.96 3.50
C VAL B 180 37.13 22.61 4.39
N TYR B 181 37.11 22.29 5.68
CA TYR B 181 38.15 22.79 6.57
C TYR B 181 39.54 22.51 5.99
N ASP B 182 39.83 21.24 5.69
CA ASP B 182 41.15 20.83 5.24
C ASP B 182 41.65 21.63 4.04
N ILE B 183 40.83 21.80 3.01
CA ILE B 183 41.32 22.42 1.78
C ILE B 183 41.44 23.94 1.93
N PHE B 184 40.62 24.58 2.77
CA PHE B 184 40.77 26.01 2.96
C PHE B 184 41.98 26.32 3.81
N GLN B 185 42.39 25.37 4.65
CA GLN B 185 43.63 25.46 5.40
C GLN B 185 44.86 25.28 4.49
N LYS B 186 44.82 24.27 3.61
CA LYS B 186 45.95 23.91 2.77
C LYS B 186 46.23 24.93 1.66
N ARG B 187 45.20 25.33 0.91
CA ARG B 187 45.34 26.26 -0.21
C ARG B 187 45.23 27.71 0.26
N ASN B 188 45.56 28.64 -0.62
CA ASN B 188 45.57 30.07 -0.31
C ASN B 188 44.21 30.71 -0.60
N PHE B 189 43.21 30.23 0.15
CA PHE B 189 41.83 30.67 0.03
C PHE B 189 41.59 31.80 1.02
N ARG B 190 40.34 32.20 1.18
CA ARG B 190 39.94 33.30 2.06
C ARG B 190 38.87 32.82 3.02
N TYR B 191 38.97 33.26 4.28
CA TYR B 191 37.98 32.96 5.31
C TYR B 191 36.92 34.06 5.31
N SER B 192 35.72 33.72 4.87
CA SER B 192 34.72 34.72 4.58
C SER B 192 33.47 34.65 5.45
N GLN B 193 33.37 33.73 6.42
CA GLN B 193 32.11 33.50 7.11
C GLN B 193 32.10 34.15 8.48
N ASN B 194 31.02 34.85 8.79
CA ASN B 194 30.84 35.51 10.08
C ASN B 194 29.67 34.87 10.82
N VAL B 195 29.94 34.38 12.03
CA VAL B 195 28.91 33.85 12.90
C VAL B 195 28.54 34.92 13.91
N PRO B 196 27.28 35.03 14.31
CA PRO B 196 26.88 36.11 15.22
C PRO B 196 27.22 35.76 16.64
N LEU B 197 27.70 36.77 17.39
CA LEU B 197 27.72 36.64 18.84
C LEU B 197 26.44 37.19 19.46
N SER B 198 25.74 38.06 18.76
CA SER B 198 24.46 38.66 19.10
C SER B 198 23.81 39.06 17.79
N MET B 199 22.75 39.88 17.86
CA MET B 199 22.18 40.37 16.61
C MET B 199 23.20 41.22 15.84
N TYR B 200 23.98 42.05 16.54
CA TYR B 200 24.81 43.01 15.84
C TYR B 200 26.31 42.75 15.96
N ASP B 201 26.74 41.90 16.89
CA ASP B 201 28.15 41.52 16.99
C ASP B 201 28.40 40.23 16.23
N GLU B 202 29.55 40.16 15.57
CA GLU B 202 29.91 39.09 14.65
C GLU B 202 31.38 38.76 14.80
N LYS B 203 31.75 37.58 14.36
CA LYS B 203 33.16 37.19 14.34
C LYS B 203 33.41 36.30 13.14
N ASN B 204 34.48 36.57 12.39
CA ASN B 204 34.91 35.67 11.34
C ASN B 204 35.40 34.36 11.96
N THR B 205 34.97 33.23 11.39
CA THR B 205 35.34 31.91 11.94
C THR B 205 36.78 31.49 11.68
N GLY B 206 37.49 32.17 10.78
CA GLY B 206 38.88 31.83 10.51
C GLY B 206 39.09 30.53 9.77
N THR B 207 38.05 29.91 9.24
CA THR B 207 38.13 28.62 8.56
C THR B 207 37.26 28.51 7.32
N ASN B 208 36.41 29.51 7.05
CA ASN B 208 35.30 29.48 6.10
C ASN B 208 34.25 28.41 6.44
N LEU B 209 34.20 27.97 7.64
CA LEU B 209 33.01 27.25 8.09
C LEU B 209 32.07 28.23 8.76
N PRO B 210 30.77 27.91 8.85
CA PRO B 210 30.12 26.67 8.43
C PRO B 210 29.90 26.60 6.92
N ALA B 211 29.89 25.38 6.42
CA ALA B 211 29.42 25.10 5.08
C ALA B 211 27.91 24.99 5.14
N GLN B 212 27.26 25.28 4.03
CA GLN B 212 25.84 24.99 3.93
C GLN B 212 25.70 23.60 3.32
N ILE B 213 25.23 22.65 4.12
CA ILE B 213 25.13 21.24 3.73
C ILE B 213 23.69 20.82 3.80
N ASP B 214 23.17 20.31 2.67
CA ASP B 214 21.82 19.76 2.57
C ASP B 214 21.91 18.34 2.07
N LEU B 215 21.53 17.37 2.89
CA LEU B 215 21.60 15.96 2.54
C LEU B 215 20.21 15.40 2.34
N TYR B 216 19.93 14.92 1.14
CA TYR B 216 18.64 14.40 0.78
C TYR B 216 18.68 12.88 0.80
N ALA B 217 17.54 12.28 1.06
CA ALA B 217 17.42 10.83 1.16
C ALA B 217 16.81 10.34 -0.13
N SER B 218 17.59 9.60 -0.91
CA SER B 218 17.10 9.04 -2.16
C SER B 218 17.13 7.51 -2.08
N LYS B 219 16.95 6.87 -3.22
CA LYS B 219 16.90 5.43 -3.34
C LYS B 219 18.04 4.95 -4.22
N GLY B 220 18.65 3.84 -3.86
CA GLY B 220 19.66 3.21 -4.69
C GLY B 220 20.99 3.19 -3.99
N MET B 221 21.99 2.74 -4.72
CA MET B 221 23.32 2.47 -4.19
C MET B 221 24.33 3.52 -4.64
N GLU B 222 23.94 4.78 -4.63
CA GLU B 222 24.89 5.84 -4.96
C GLU B 222 24.70 7.02 -4.03
N TYR B 223 25.80 7.67 -3.69
CA TYR B 223 25.81 8.93 -2.96
C TYR B 223 26.25 9.99 -3.98
N SER B 224 25.28 10.80 -4.46
CA SER B 224 25.53 11.84 -5.44
C SER B 224 25.61 13.20 -4.76
N PHE B 225 26.38 14.10 -5.36
CA PHE B 225 26.70 15.38 -4.76
C PHE B 225 26.75 16.46 -5.81
N MET B 226 26.50 17.68 -5.37
CA MET B 226 26.89 18.85 -6.13
C MET B 226 27.56 19.82 -5.16
N PHE B 227 28.74 20.26 -5.52
CA PHE B 227 29.52 21.19 -4.72
C PHE B 227 29.53 22.54 -5.42
N VAL B 228 29.30 23.62 -4.66
CA VAL B 228 29.25 24.97 -5.23
C VAL B 228 30.05 25.89 -4.31
N ALA B 229 30.96 26.65 -4.87
CA ALA B 229 31.65 27.73 -4.15
C ALA B 229 30.99 29.03 -4.58
N LYS B 230 30.03 29.50 -3.80
CA LYS B 230 29.17 30.58 -4.26
C LYS B 230 29.73 31.90 -3.76
N GLY B 231 30.13 32.77 -4.67
CA GLY B 231 30.62 34.07 -4.27
C GLY B 231 29.53 34.91 -3.63
N GLY B 232 29.94 35.76 -2.69
CA GLY B 232 28.98 36.58 -1.97
C GLY B 232 28.26 37.59 -2.85
N GLY B 233 28.97 38.13 -3.85
CA GLY B 233 28.38 39.14 -4.71
C GLY B 233 27.40 38.61 -5.73
N SER B 234 27.66 37.42 -6.28
CA SER B 234 26.65 36.77 -7.12
C SER B 234 25.49 36.23 -6.32
N ALA B 235 25.72 35.76 -5.08
CA ALA B 235 24.59 35.36 -4.25
C ALA B 235 23.67 36.54 -3.92
N ASN B 236 24.22 37.75 -3.78
CA ASN B 236 23.39 38.93 -3.49
C ASN B 236 22.51 39.34 -4.65
N LYS B 237 22.73 38.81 -5.85
CA LYS B 237 21.91 39.10 -7.01
C LYS B 237 20.95 37.96 -7.33
N SER B 238 20.72 37.05 -6.39
CA SER B 238 19.56 36.17 -6.46
C SER B 238 18.36 36.90 -5.88
N PHE B 239 17.38 37.17 -6.70
CA PHE B 239 16.22 37.95 -6.29
C PHE B 239 14.96 37.11 -6.38
N LEU B 240 14.05 37.28 -5.41
CA LEU B 240 12.71 36.69 -5.45
C LEU B 240 11.67 37.76 -5.75
N LEU B 241 10.98 37.62 -6.87
CA LEU B 241 9.95 38.57 -7.28
C LEU B 241 8.59 37.91 -7.10
N GLN B 242 7.75 38.51 -6.28
CA GLN B 242 6.44 37.95 -5.95
C GLN B 242 5.44 38.48 -6.97
N GLU B 243 5.11 37.65 -7.96
CA GLU B 243 4.26 38.03 -9.07
C GLU B 243 2.94 37.27 -9.05
N THR B 244 2.14 37.50 -10.10
CA THR B 244 0.79 36.98 -10.17
C THR B 244 0.51 36.49 -11.59
N LYS B 245 -0.69 35.93 -11.76
CA LYS B 245 -1.14 35.41 -13.05
C LYS B 245 -1.20 36.50 -14.10
N SER B 246 -1.39 37.76 -13.68
CA SER B 246 -1.54 38.83 -14.64
C SER B 246 -0.24 39.19 -15.35
N VAL B 247 0.91 38.73 -14.86
CA VAL B 247 2.16 38.82 -15.61
C VAL B 247 2.34 37.66 -16.58
N LEU B 248 1.56 36.60 -16.48
CA LEU B 248 1.80 35.39 -17.26
C LEU B 248 1.18 35.49 -18.64
N ASN B 249 1.64 36.47 -19.41
CA ASN B 249 1.31 36.63 -20.82
C ASN B 249 2.53 37.18 -21.53
N PRO B 250 2.65 36.96 -22.84
CA PRO B 250 3.90 37.35 -23.53
C PRO B 250 4.27 38.80 -23.32
N LYS B 251 3.31 39.72 -23.45
CA LYS B 251 3.62 41.13 -23.34
C LYS B 251 4.01 41.52 -21.92
N SER B 252 3.22 41.11 -20.93
CA SER B 252 3.58 41.44 -19.56
C SER B 252 4.88 40.77 -19.16
N LEU B 253 5.04 39.49 -19.52
CA LEU B 253 6.25 38.81 -19.07
C LEU B 253 7.49 39.40 -19.74
N ARG B 254 7.37 39.84 -21.00
CA ARG B 254 8.47 40.55 -21.68
C ARG B 254 8.77 41.90 -21.02
N ASN B 255 7.72 42.67 -20.69
CA ASN B 255 7.93 43.93 -19.99
C ASN B 255 8.55 43.71 -18.63
N PHE B 256 8.09 42.67 -17.93
CA PHE B 256 8.64 42.35 -16.63
C PHE B 256 10.12 41.99 -16.72
N LEU B 257 10.48 41.10 -17.65
CA LEU B 257 11.86 40.63 -17.71
C LEU B 257 12.81 41.72 -18.18
N LYS B 258 12.39 42.55 -19.12
CA LYS B 258 13.25 43.67 -19.53
C LYS B 258 13.66 44.52 -18.35
N GLU B 259 12.69 44.85 -17.49
CA GLU B 259 12.95 45.71 -16.35
C GLU B 259 13.78 44.97 -15.29
N LYS B 260 13.43 43.74 -14.97
CA LYS B 260 14.09 43.09 -13.85
C LYS B 260 15.49 42.59 -14.19
N LEU B 261 15.78 42.26 -15.44
CA LEU B 261 17.11 41.73 -15.76
C LEU B 261 18.19 42.78 -15.56
N ALA B 262 17.86 44.06 -15.61
CA ALA B 262 18.79 45.13 -15.30
C ALA B 262 19.19 45.18 -13.84
N MET B 263 18.51 44.41 -12.97
CA MET B 263 18.77 44.45 -11.54
C MET B 263 20.14 43.92 -11.17
N PHE B 264 20.69 43.00 -11.97
CA PHE B 264 22.02 42.52 -11.66
C PHE B 264 23.04 43.63 -11.78
N GLY B 265 22.84 44.52 -12.74
CA GLY B 265 23.84 45.48 -13.13
C GLY B 265 25.13 44.76 -13.50
N THR B 266 26.24 45.44 -13.34
CA THR B 266 27.55 44.82 -13.49
C THR B 266 28.17 44.44 -12.16
N SER B 267 27.35 44.42 -11.10
CA SER B 267 27.83 44.24 -9.73
C SER B 267 28.23 42.81 -9.42
N ALA B 268 27.83 41.84 -10.24
CA ALA B 268 28.20 40.45 -10.04
C ALA B 268 29.17 39.93 -11.10
N CYS B 269 30.00 40.81 -11.65
CA CYS B 269 31.10 40.49 -12.56
C CYS B 269 30.61 39.72 -13.78
N PRO B 270 29.82 40.34 -14.67
CA PRO B 270 29.44 39.66 -15.91
C PRO B 270 30.65 39.41 -16.80
N PRO B 271 30.51 38.58 -17.86
CA PRO B 271 29.34 37.87 -18.36
C PRO B 271 28.75 36.84 -17.39
N TYR B 272 27.42 36.87 -17.34
CA TYR B 272 26.64 36.07 -16.42
C TYR B 272 26.22 34.76 -17.08
N HIS B 273 26.02 33.76 -16.27
CA HIS B 273 25.13 32.65 -16.59
C HIS B 273 23.82 32.99 -15.89
N VAL B 274 22.90 33.55 -16.65
CA VAL B 274 21.61 34.02 -16.15
C VAL B 274 20.67 32.84 -15.99
N ALA B 275 19.92 32.83 -14.89
CA ALA B 275 18.88 31.83 -14.70
C ALA B 275 17.59 32.53 -14.25
N VAL B 276 16.46 32.03 -14.74
CA VAL B 276 15.13 32.52 -14.42
C VAL B 276 14.24 31.33 -14.11
N VAL B 277 13.47 31.42 -13.04
CA VAL B 277 12.47 30.42 -12.67
C VAL B 277 11.12 31.11 -12.62
N ILE B 278 10.19 30.68 -13.46
CA ILE B 278 8.83 31.18 -13.46
C ILE B 278 7.97 30.15 -12.72
N GLY B 279 7.35 30.56 -11.63
CA GLY B 279 6.57 29.63 -10.85
C GLY B 279 7.37 28.93 -9.78
N GLY B 280 6.70 28.01 -9.09
CA GLY B 280 7.27 27.30 -7.97
C GLY B 280 6.21 27.09 -6.91
N THR B 281 6.37 26.03 -6.11
CA THR B 281 5.40 25.68 -5.09
C THR B 281 5.60 26.43 -3.78
N SER B 282 6.68 27.22 -3.66
CA SER B 282 7.00 28.02 -2.50
C SER B 282 8.16 28.92 -2.84
N ALA B 283 8.38 29.95 -2.02
CA ALA B 283 9.51 30.85 -2.26
C ALA B 283 10.84 30.10 -2.14
N GLU B 284 10.97 29.22 -1.16
CA GLU B 284 12.23 28.52 -0.97
C GLU B 284 12.48 27.49 -2.07
N MET B 285 11.43 26.97 -2.69
CA MET B 285 11.59 26.06 -3.80
C MET B 285 12.01 26.82 -5.06
N THR B 286 11.34 27.94 -5.35
CA THR B 286 11.74 28.80 -6.47
C THR B 286 13.20 29.19 -6.36
N MET B 287 13.65 29.58 -5.17
CA MET B 287 15.02 30.04 -5.01
C MET B 287 16.00 28.88 -5.02
N LYS B 288 15.58 27.71 -4.56
CA LYS B 288 16.42 26.52 -4.64
C LYS B 288 16.64 26.12 -6.09
N VAL B 289 15.55 26.02 -6.85
CA VAL B 289 15.62 25.63 -8.26
C VAL B 289 16.44 26.65 -9.05
N LEU B 290 16.34 27.91 -8.69
CA LEU B 290 17.11 28.95 -9.37
C LEU B 290 18.61 28.74 -9.20
N LYS B 291 19.04 28.40 -7.98
CA LYS B 291 20.44 28.13 -7.71
C LYS B 291 20.97 27.04 -8.62
N TYR B 292 20.27 25.91 -8.68
CA TYR B 292 20.65 24.80 -9.54
C TYR B 292 20.67 25.21 -11.00
N ALA B 293 19.63 25.91 -11.44
CA ALA B 293 19.53 26.30 -12.85
C ALA B 293 20.70 27.21 -13.25
N SER B 294 21.14 28.09 -12.34
CA SER B 294 22.29 28.95 -12.62
C SER B 294 23.60 28.18 -12.58
N CYS B 295 23.62 27.01 -11.92
CA CYS B 295 24.72 26.06 -11.97
C CYS B 295 24.59 25.11 -13.15
N HIS B 296 23.57 25.26 -13.96
CA HIS B 296 23.33 24.45 -15.14
C HIS B 296 23.05 22.98 -14.80
N TYR B 297 22.56 22.76 -13.58
CA TYR B 297 22.17 21.44 -13.13
C TYR B 297 21.01 20.88 -13.95
N TYR B 298 20.12 21.75 -14.45
CA TYR B 298 18.89 21.35 -15.14
C TYR B 298 18.99 21.37 -16.66
N ASP B 299 20.20 21.41 -17.21
CA ASP B 299 20.37 21.55 -18.66
C ASP B 299 19.71 20.40 -19.45
N ASP B 300 19.66 19.19 -18.90
CA ASP B 300 19.07 18.04 -19.56
C ASP B 300 17.58 17.86 -19.24
N LEU B 301 16.96 18.80 -18.54
CA LEU B 301 15.54 18.69 -18.20
C LEU B 301 14.67 18.68 -19.46
N ILE B 302 13.51 18.02 -19.37
CA ILE B 302 12.57 18.05 -20.49
C ILE B 302 12.32 19.49 -20.91
N THR B 303 12.26 19.71 -22.21
CA THR B 303 12.03 21.03 -22.74
C THR B 303 10.58 21.24 -23.18
N LYS B 304 9.71 20.26 -22.90
CA LYS B 304 8.29 20.42 -23.04
C LYS B 304 7.56 19.56 -22.02
N PRO B 305 6.46 20.07 -21.45
CA PRO B 305 5.69 19.27 -20.49
C PRO B 305 5.29 17.93 -21.07
N ASP B 306 5.40 16.87 -20.26
CA ASP B 306 4.96 15.55 -20.70
C ASP B 306 3.91 14.92 -19.80
N MET B 307 3.62 15.53 -18.64
CA MET B 307 2.66 15.01 -17.67
C MET B 307 3.00 13.59 -17.20
N LYS B 308 4.30 13.25 -17.16
CA LYS B 308 4.71 11.89 -16.81
C LYS B 308 5.98 11.87 -15.97
N THR B 309 7.09 12.40 -16.49
CA THR B 309 8.33 12.34 -15.71
C THR B 309 8.41 13.45 -14.67
N GLY B 310 7.73 14.56 -14.91
CA GLY B 310 7.71 15.66 -13.95
C GLY B 310 6.82 16.75 -14.50
N TYR B 311 6.55 17.75 -13.65
CA TYR B 311 5.69 18.87 -14.02
C TYR B 311 6.45 20.13 -14.41
N THR B 312 7.77 20.12 -14.28
CA THR B 312 8.64 21.26 -14.54
C THR B 312 9.44 21.04 -15.84
N PHE B 313 9.62 22.10 -16.62
CA PHE B 313 10.35 21.99 -17.88
C PHE B 313 11.20 23.22 -18.12
N ARG B 314 12.17 23.07 -19.01
CA ARG B 314 13.11 24.12 -19.38
C ARG B 314 12.66 24.80 -20.68
N ASP B 315 12.45 26.12 -20.64
CA ASP B 315 11.78 26.82 -21.75
C ASP B 315 12.83 27.47 -22.68
N LEU B 316 13.16 26.75 -23.76
CA LEU B 316 14.19 27.23 -24.69
C LEU B 316 13.76 28.50 -25.41
N GLU B 317 12.48 28.65 -25.71
CA GLU B 317 12.02 29.84 -26.43
C GLU B 317 12.16 31.11 -25.60
N LEU B 318 11.96 31.03 -24.29
CA LEU B 318 12.15 32.21 -23.44
C LEU B 318 13.63 32.45 -23.15
N GLU B 319 14.42 31.39 -23.02
CA GLU B 319 15.85 31.57 -22.89
C GLU B 319 16.40 32.40 -24.05
N GLU B 320 15.91 32.13 -25.26
CA GLU B 320 16.33 32.87 -26.45
C GLU B 320 15.87 34.32 -26.40
N GLU B 321 14.66 34.58 -25.89
CA GLU B 321 14.20 35.96 -25.74
C GLU B 321 14.97 36.68 -24.65
N VAL B 322 15.31 35.98 -23.57
CA VAL B 322 16.02 36.64 -22.49
C VAL B 322 17.45 36.96 -22.90
N LEU B 323 18.11 36.05 -23.62
CA LEU B 323 19.46 36.33 -24.09
C LEU B 323 19.51 37.59 -24.93
N LYS B 324 18.52 37.79 -25.80
CA LYS B 324 18.48 38.97 -26.65
C LYS B 324 18.31 40.24 -25.84
N VAL B 325 17.50 40.21 -24.79
CA VAL B 325 17.35 41.39 -23.94
C VAL B 325 18.69 41.74 -23.29
N CYS B 326 19.43 40.73 -22.87
CA CYS B 326 20.72 40.90 -22.21
C CYS B 326 21.78 41.43 -23.17
N GLN B 327 21.74 40.98 -24.41
CA GLN B 327 22.67 41.47 -25.43
C GLN B 327 22.42 42.91 -25.83
N ASN B 328 21.20 43.40 -25.63
CA ASN B 328 20.79 44.76 -25.95
C ASN B 328 20.73 45.68 -24.74
N ILE B 329 21.08 45.17 -23.55
CA ILE B 329 20.94 45.93 -22.32
C ILE B 329 22.01 47.02 -22.19
N GLY B 330 23.09 46.92 -22.96
CA GLY B 330 24.06 47.99 -23.07
C GLY B 330 25.22 47.91 -22.12
N MET B 331 25.06 47.21 -21.00
CA MET B 331 26.11 47.12 -19.99
C MET B 331 27.22 46.16 -20.41
N GLY B 332 26.92 45.16 -21.20
CA GLY B 332 27.96 44.31 -21.71
C GLY B 332 28.74 43.69 -20.57
N ALA B 333 29.96 43.26 -20.90
CA ALA B 333 30.83 42.64 -19.91
C ALA B 333 31.50 43.76 -19.10
N GLN B 334 30.70 44.33 -18.18
CA GLN B 334 31.11 45.31 -17.17
C GLN B 334 31.31 46.74 -17.69
N PHE B 335 31.82 46.91 -18.90
CA PHE B 335 32.14 48.25 -19.36
C PHE B 335 31.55 48.54 -20.73
N GLY B 336 30.31 48.12 -20.95
CA GLY B 336 29.63 48.44 -22.19
C GLY B 336 29.80 47.35 -23.23
N GLY B 337 28.72 46.91 -23.83
CA GLY B 337 28.88 45.99 -24.93
C GLY B 337 27.72 45.01 -25.03
N LYS B 338 28.04 43.82 -25.51
CA LYS B 338 27.04 42.81 -25.77
C LYS B 338 27.02 41.69 -24.73
N TYR B 339 28.11 41.47 -24.01
CA TYR B 339 28.25 40.24 -23.25
C TYR B 339 27.90 40.40 -21.76
N TYR B 340 26.75 41.00 -21.50
CA TYR B 340 26.10 40.91 -20.19
C TYR B 340 25.93 39.47 -19.76
N ALA B 341 25.62 38.58 -20.70
CA ALA B 341 25.34 37.19 -20.42
C ALA B 341 26.10 36.28 -21.38
N HIS B 342 26.81 35.29 -20.82
CA HIS B 342 27.26 34.13 -21.59
C HIS B 342 26.07 33.38 -22.18
N ASP B 343 25.09 33.04 -21.35
CA ASP B 343 23.93 32.25 -21.78
C ASP B 343 22.82 32.42 -20.76
N VAL B 344 21.70 31.72 -20.99
CA VAL B 344 20.47 31.87 -20.20
C VAL B 344 19.82 30.51 -19.98
N ARG B 345 19.25 30.30 -18.79
CA ARG B 345 18.42 29.14 -18.45
C ARG B 345 17.10 29.61 -17.89
N VAL B 346 16.00 29.01 -18.34
CA VAL B 346 14.65 29.39 -17.89
C VAL B 346 13.91 28.12 -17.50
N ILE B 347 13.43 28.06 -16.27
CA ILE B 347 12.73 26.89 -15.75
C ILE B 347 11.29 27.28 -15.46
N ARG B 348 10.34 26.49 -15.94
CA ARG B 348 8.93 26.79 -15.71
C ARG B 348 8.31 25.74 -14.79
N MET B 349 7.86 26.17 -13.60
CA MET B 349 7.33 25.28 -12.58
C MET B 349 5.83 25.45 -12.40
N PRO B 350 5.16 24.45 -11.81
CA PRO B 350 3.76 24.63 -11.44
C PRO B 350 3.60 25.63 -10.30
N ARG B 351 2.36 26.08 -10.10
CA ARG B 351 2.07 27.14 -9.15
C ARG B 351 0.67 26.96 -8.55
N HIS B 352 0.50 27.48 -7.35
CA HIS B 352 -0.81 27.66 -6.75
C HIS B 352 -1.54 28.70 -7.56
N GLY B 353 -2.85 28.56 -7.69
CA GLY B 353 -3.60 29.51 -8.51
C GLY B 353 -3.37 30.97 -8.15
N ALA B 354 -3.13 31.25 -6.87
CA ALA B 354 -2.93 32.60 -6.36
C ALA B 354 -1.49 33.10 -6.43
N SER B 355 -0.55 32.30 -6.91
CA SER B 355 0.87 32.59 -6.77
C SER B 355 1.60 32.50 -8.10
N CYS B 356 2.63 33.33 -8.25
CA CYS B 356 3.64 33.15 -9.30
C CYS B 356 4.93 33.76 -8.80
N PRO B 357 5.60 33.08 -7.88
CA PRO B 357 6.95 33.51 -7.48
C PRO B 357 7.85 33.42 -8.69
N ILE B 358 8.75 34.38 -8.81
CA ILE B 358 9.72 34.37 -9.89
C ILE B 358 11.09 34.57 -9.29
N GLY B 359 12.04 33.75 -9.67
CA GLY B 359 13.42 33.91 -9.27
C GLY B 359 14.28 34.30 -10.46
N ILE B 360 15.15 35.27 -10.26
CA ILE B 360 16.18 35.60 -11.24
C ILE B 360 17.51 35.67 -10.50
N GLY B 361 18.58 35.23 -11.15
CA GLY B 361 19.88 35.15 -10.51
C GLY B 361 20.95 34.94 -11.55
N VAL B 362 22.21 34.93 -11.10
CA VAL B 362 23.35 34.80 -12.00
C VAL B 362 24.39 33.88 -11.39
N SER B 363 25.12 33.19 -12.27
CA SER B 363 26.47 32.73 -11.97
C SER B 363 27.44 33.81 -12.44
N CYS B 364 28.34 34.22 -11.55
CA CYS B 364 29.27 35.31 -11.82
C CYS B 364 30.49 34.79 -12.60
N SER B 365 31.51 35.63 -12.78
CA SER B 365 32.71 35.17 -13.48
C SER B 365 33.44 34.07 -12.72
N ALA B 366 33.27 33.97 -11.40
CA ALA B 366 33.71 32.82 -10.63
C ALA B 366 32.63 31.73 -10.66
N ASP B 367 32.53 31.06 -11.81
CA ASP B 367 31.49 30.06 -12.08
C ASP B 367 32.02 28.73 -11.56
N ARG B 368 31.70 28.42 -10.30
CA ARG B 368 32.38 27.39 -9.48
C ARG B 368 31.41 26.33 -8.96
N GLN B 369 31.29 25.21 -9.67
CA GLN B 369 30.50 24.07 -9.22
C GLN B 369 31.06 22.78 -9.80
N ALA B 370 30.87 21.68 -9.07
CA ALA B 370 31.35 20.38 -9.48
C ALA B 370 30.35 19.33 -9.02
N LEU B 371 29.99 18.43 -9.94
CA LEU B 371 29.24 17.24 -9.57
C LEU B 371 30.21 16.17 -9.07
N GLY B 372 29.71 15.28 -8.21
CA GLY B 372 30.48 14.18 -7.70
C GLY B 372 29.56 13.03 -7.39
N LYS B 373 30.16 11.87 -7.12
CA LYS B 373 29.39 10.69 -6.76
C LYS B 373 30.31 9.62 -6.21
N ILE B 374 29.73 8.79 -5.33
CA ILE B 374 30.38 7.65 -4.71
C ILE B 374 29.49 6.45 -4.98
N ASN B 375 30.07 5.39 -5.53
CA ASN B 375 29.29 4.18 -5.81
C ASN B 375 30.20 2.99 -5.58
N LYS B 376 29.76 1.80 -6.01
CA LYS B 376 30.55 0.60 -5.77
C LYS B 376 31.86 0.61 -6.55
N ASP B 377 32.03 1.52 -7.51
CA ASP B 377 33.25 1.62 -8.28
C ASP B 377 34.15 2.76 -7.83
N GLY B 378 33.78 3.51 -6.77
CA GLY B 378 34.71 4.42 -6.13
C GLY B 378 34.15 5.83 -5.96
N VAL B 379 35.07 6.78 -5.82
CA VAL B 379 34.78 8.18 -5.55
C VAL B 379 35.04 8.96 -6.85
N TRP B 380 34.02 9.63 -7.35
CA TRP B 380 34.06 10.29 -8.66
C TRP B 380 33.88 11.79 -8.50
N LEU B 381 34.58 12.55 -9.33
CA LEU B 381 34.47 14.00 -9.30
C LEU B 381 34.47 14.52 -10.73
N GLU B 382 33.54 15.43 -11.01
CA GLU B 382 33.47 16.08 -12.31
C GLU B 382 34.84 16.64 -12.69
N GLU B 383 35.23 16.35 -13.92
CA GLU B 383 36.50 16.81 -14.47
C GLU B 383 36.37 18.22 -14.99
N LEU B 384 37.09 19.15 -14.39
CA LEU B 384 37.11 20.52 -14.90
C LEU B 384 38.30 20.68 -15.85
N GLU B 385 38.44 21.87 -16.45
CA GLU B 385 39.42 22.06 -17.52
C GLU B 385 40.82 22.18 -16.92
N MET B 386 41.64 21.17 -17.16
N MET B 386 41.64 21.18 -17.16
CA MET B 386 42.99 21.14 -16.61
CA MET B 386 42.98 21.13 -16.59
C MET B 386 43.95 22.05 -17.35
C MET B 386 44.02 21.89 -17.42
N GLU B 387 43.66 22.38 -18.61
CA GLU B 387 44.56 23.13 -19.48
C GLU B 387 43.85 24.38 -20.04
N PRO B 388 43.62 25.40 -19.21
CA PRO B 388 42.87 26.57 -19.69
C PRO B 388 43.63 27.44 -20.66
N SER B 389 44.95 27.29 -20.78
CA SER B 389 45.76 28.14 -21.65
C SER B 389 45.41 27.97 -23.12
N GLN B 390 44.82 26.84 -23.51
CA GLN B 390 44.49 26.67 -24.90
C GLN B 390 43.30 27.53 -25.33
N TYR B 391 42.59 28.13 -24.38
CA TYR B 391 41.48 29.04 -24.66
C TYR B 391 41.91 30.49 -24.78
N LEU B 392 43.17 30.83 -24.56
CA LEU B 392 43.60 32.19 -24.79
C LEU B 392 43.73 32.45 -26.29
N PRO B 393 43.24 33.57 -26.78
CA PRO B 393 43.40 33.87 -28.20
C PRO B 393 44.86 34.20 -28.46
N ASP B 394 45.28 34.00 -29.72
CA ASP B 394 46.63 34.35 -30.17
C ASP B 394 46.59 35.80 -30.61
N LEU B 395 46.78 36.71 -29.67
CA LEU B 395 46.71 38.13 -29.97
C LEU B 395 47.46 38.87 -28.88
N LYS B 396 48.02 40.01 -29.28
CA LYS B 396 48.71 40.90 -28.36
C LYS B 396 47.70 41.80 -27.67
N GLU B 397 47.73 41.78 -26.33
CA GLU B 397 46.78 42.58 -25.55
C GLU B 397 46.88 44.06 -25.88
N ASP B 398 48.06 44.54 -26.27
CA ASP B 398 48.21 45.92 -26.73
C ASP B 398 47.32 46.23 -27.93
N GLU B 399 46.92 45.23 -28.69
CA GLU B 399 46.21 45.46 -29.94
C GLU B 399 44.72 45.57 -29.75
N LEU B 400 44.22 45.37 -28.52
CA LEU B 400 42.78 45.29 -28.30
C LEU B 400 42.14 46.68 -28.17
N LEU B 401 42.75 47.57 -27.38
CA LEU B 401 42.21 48.90 -27.13
C LEU B 401 43.05 49.95 -27.85
N LYS B 402 42.37 50.83 -28.59
CA LYS B 402 43.02 51.78 -29.47
C LYS B 402 43.65 52.93 -28.69
N THR B 403 42.92 53.50 -27.77
CA THR B 403 43.53 54.53 -26.96
C THR B 403 44.32 53.91 -25.82
N PRO B 404 45.52 54.39 -25.52
CA PRO B 404 46.29 53.81 -24.43
C PRO B 404 45.71 54.24 -23.10
N ALA B 405 46.08 53.49 -22.06
CA ALA B 405 45.64 53.88 -20.73
C ALA B 405 46.34 55.18 -20.33
N VAL B 406 45.61 56.02 -19.60
CA VAL B 406 46.19 57.21 -18.98
C VAL B 406 46.86 56.77 -17.68
N MET B 407 48.13 57.08 -17.54
CA MET B 407 48.86 56.70 -16.35
C MET B 407 48.72 57.80 -15.29
N VAL B 408 48.33 57.40 -14.09
CA VAL B 408 48.06 58.31 -12.98
C VAL B 408 48.95 57.92 -11.81
N ASN B 409 49.81 58.84 -11.39
CA ASN B 409 50.68 58.62 -10.24
C ASN B 409 49.88 58.96 -8.99
N LEU B 410 49.54 57.94 -8.19
CA LEU B 410 48.77 58.21 -6.98
C LEU B 410 49.62 58.75 -5.85
N ASN B 411 50.94 58.65 -5.94
CA ASN B 411 51.81 59.12 -4.86
C ASN B 411 52.02 60.63 -4.98
N ARG B 412 50.91 61.35 -4.88
CA ARG B 412 50.91 62.81 -4.90
C ARG B 412 49.93 63.27 -3.82
N PRO B 413 49.94 64.55 -3.47
CA PRO B 413 48.83 65.07 -2.66
C PRO B 413 47.53 64.88 -3.43
N MET B 414 46.49 64.50 -2.70
CA MET B 414 45.23 64.19 -3.37
C MET B 414 44.67 65.32 -4.22
N PRO B 415 44.76 66.61 -3.83
CA PRO B 415 44.30 67.67 -4.74
C PRO B 415 44.97 67.63 -6.10
N GLU B 416 46.23 67.19 -6.16
CA GLU B 416 46.89 67.00 -7.44
C GLU B 416 46.26 65.85 -8.22
N VAL B 417 46.00 64.73 -7.55
CA VAL B 417 45.43 63.58 -8.22
C VAL B 417 44.01 63.89 -8.70
N LEU B 418 43.24 64.62 -7.89
CA LEU B 418 41.90 65.00 -8.30
C LEU B 418 41.92 65.96 -9.48
N GLN B 419 42.91 66.87 -9.51
CA GLN B 419 43.07 67.74 -10.68
C GLN B 419 43.41 66.94 -11.94
N GLU B 420 44.29 65.95 -11.79
CA GLU B 420 44.68 65.12 -12.93
C GLU B 420 43.51 64.31 -13.44
N LEU B 421 42.73 63.72 -12.54
CA LEU B 421 41.57 62.93 -12.94
C LEU B 421 40.47 63.81 -13.53
N SER B 422 40.37 65.06 -13.07
CA SER B 422 39.35 65.98 -13.54
C SER B 422 39.52 66.38 -15.00
N LYS B 423 40.68 66.10 -15.60
CA LYS B 423 40.92 66.41 -17.00
C LYS B 423 40.21 65.46 -17.95
N HIS B 424 39.66 64.35 -17.44
CA HIS B 424 39.22 63.24 -18.28
C HIS B 424 37.75 62.90 -18.07
N PRO B 425 37.03 62.58 -19.14
CA PRO B 425 35.63 62.19 -19.01
C PRO B 425 35.46 60.74 -18.59
N VAL B 426 34.24 60.43 -18.12
CA VAL B 426 33.96 59.05 -17.77
C VAL B 426 34.16 58.17 -19.00
N ARG B 427 34.56 56.92 -18.77
CA ARG B 427 34.98 55.89 -19.72
C ARG B 427 36.47 55.97 -20.03
N THR B 428 37.16 57.05 -19.65
CA THR B 428 38.60 57.13 -19.81
C THR B 428 39.29 55.97 -19.10
N ARG B 429 40.05 55.19 -19.85
CA ARG B 429 40.82 54.12 -19.23
C ARG B 429 42.07 54.68 -18.58
N LEU B 430 42.37 54.17 -17.39
CA LEU B 430 43.49 54.63 -16.60
C LEU B 430 44.35 53.44 -16.20
N SER B 431 45.59 53.75 -15.84
CA SER B 431 46.55 52.81 -15.27
C SER B 431 47.20 53.47 -14.07
N LEU B 432 46.96 52.93 -12.88
CA LEU B 432 47.27 53.60 -11.62
C LEU B 432 48.49 52.97 -10.96
N THR B 433 49.36 53.83 -10.42
CA THR B 433 50.59 53.40 -9.76
C THR B 433 50.77 54.20 -8.49
N GLY B 434 50.96 53.51 -7.37
CA GLY B 434 51.25 54.17 -6.11
C GLY B 434 50.52 53.51 -4.96
N THR B 435 50.38 54.24 -3.86
CA THR B 435 49.77 53.74 -2.65
C THR B 435 48.26 53.89 -2.65
N ILE B 436 47.58 52.87 -2.15
CA ILE B 436 46.14 52.82 -2.03
C ILE B 436 45.79 52.22 -0.67
N ILE B 437 44.78 52.76 -0.01
CA ILE B 437 44.21 52.19 1.21
C ILE B 437 43.09 51.21 0.82
N VAL B 438 43.01 50.08 1.51
CA VAL B 438 42.02 49.05 1.20
C VAL B 438 41.05 48.94 2.37
N ALA B 439 39.76 49.12 2.10
CA ALA B 439 38.72 49.06 3.11
C ALA B 439 37.38 48.78 2.45
N ARG B 440 36.60 47.87 3.04
CA ARG B 440 35.27 47.58 2.54
C ARG B 440 34.22 47.61 3.66
N ASP B 441 33.31 46.63 3.70
CA ASP B 441 32.05 46.70 4.42
C ASP B 441 32.20 46.98 5.92
N SER B 442 32.82 46.05 6.66
CA SER B 442 32.89 46.14 8.10
C SER B 442 33.76 47.31 8.54
N ALA B 443 34.84 47.58 7.79
CA ALA B 443 35.70 48.70 8.12
C ALA B 443 34.98 50.02 7.90
N HIS B 444 34.16 50.12 6.86
CA HIS B 444 33.36 51.33 6.68
C HIS B 444 32.31 51.47 7.78
N ALA B 445 31.63 50.38 8.11
CA ALA B 445 30.64 50.42 9.18
C ALA B 445 31.27 50.88 10.49
N ARG B 446 32.51 50.43 10.78
CA ARG B 446 33.16 50.84 12.01
C ARG B 446 33.57 52.32 11.96
N MET B 447 33.99 52.82 10.80
CA MET B 447 34.28 54.24 10.66
C MET B 447 33.00 55.08 10.75
N ARG B 448 31.86 54.56 10.26
CA ARG B 448 30.60 55.27 10.46
C ARG B 448 30.27 55.35 11.95
N GLU B 449 30.57 54.27 12.69
CA GLU B 449 30.44 54.30 14.15
C GLU B 449 31.33 55.36 14.76
N MET B 450 32.55 55.50 14.23
CA MET B 450 33.49 56.48 14.75
C MET B 450 32.97 57.90 14.58
N LEU B 451 32.48 58.23 13.39
CA LEU B 451 32.00 59.59 13.15
C LEU B 451 30.81 59.94 14.03
N GLU B 452 29.88 59.00 14.22
CA GLU B 452 28.70 59.30 15.02
C GLU B 452 29.05 59.47 16.49
N ALA B 453 30.18 58.94 16.92
CA ALA B 453 30.69 59.11 18.26
C ALA B 453 31.51 60.37 18.43
N GLY B 454 31.64 61.17 17.38
CA GLY B 454 32.53 62.31 17.40
C GLY B 454 33.99 61.97 17.19
N LYS B 455 34.29 60.80 16.63
CA LYS B 455 35.66 60.48 16.32
C LYS B 455 35.98 60.86 14.87
N PRO B 456 37.17 61.39 14.61
CA PRO B 456 37.50 61.83 13.26
C PRO B 456 37.61 60.65 12.30
N LEU B 457 37.30 60.92 11.03
CA LEU B 457 37.60 59.93 10.01
C LEU B 457 39.11 59.65 10.03
N PRO B 458 39.52 58.38 10.03
CA PRO B 458 40.95 58.07 10.00
C PRO B 458 41.66 58.85 8.92
N GLN B 459 42.84 59.35 9.25
CA GLN B 459 43.57 60.23 8.34
C GLN B 459 43.93 59.51 7.04
N TYR B 460 44.20 58.21 7.10
CA TYR B 460 44.60 57.51 5.88
C TYR B 460 43.49 57.50 4.85
N MET B 461 42.24 57.68 5.29
CA MET B 461 41.11 57.78 4.36
C MET B 461 41.16 59.07 3.57
N LYS B 462 41.87 60.08 4.05
CA LYS B 462 41.93 61.37 3.40
C LYS B 462 43.19 61.54 2.57
N GLU B 463 44.11 60.58 2.63
CA GLU B 463 45.43 60.73 2.06
C GLU B 463 45.70 59.83 0.88
N HIS B 464 44.86 58.84 0.63
CA HIS B 464 45.10 57.84 -0.40
C HIS B 464 43.79 57.50 -1.09
N PRO B 465 43.86 56.96 -2.29
CA PRO B 465 42.67 56.32 -2.86
C PRO B 465 42.23 55.15 -2.00
N VAL B 466 40.93 54.84 -2.08
CA VAL B 466 40.33 53.75 -1.33
C VAL B 466 40.00 52.62 -2.30
N TYR B 467 40.44 51.42 -1.97
CA TYR B 467 40.17 50.22 -2.72
C TYR B 467 39.23 49.36 -1.90
N TYR B 468 38.04 49.08 -2.43
CA TYR B 468 37.15 48.16 -1.71
C TYR B 468 37.57 46.75 -2.08
N ALA B 469 38.18 46.04 -1.14
CA ALA B 469 38.61 44.68 -1.43
C ALA B 469 38.98 43.97 -0.13
N GLY B 470 39.00 42.64 -0.18
CA GLY B 470 39.47 41.82 0.91
C GLY B 470 40.29 40.67 0.36
N PRO B 471 41.57 40.59 0.73
CA PRO B 471 42.44 39.61 0.08
C PRO B 471 42.22 38.20 0.61
N ALA B 472 42.46 37.24 -0.26
CA ALA B 472 42.71 35.86 0.13
C ALA B 472 44.15 35.72 0.66
N LYS B 473 44.47 34.56 1.23
CA LYS B 473 45.74 34.41 1.91
C LYS B 473 46.92 34.53 0.93
N GLN B 474 48.05 35.06 1.42
CA GLN B 474 49.22 35.33 0.58
C GLN B 474 50.04 34.07 0.40
N PRO B 475 50.31 33.65 -0.83
CA PRO B 475 51.13 32.45 -1.04
C PRO B 475 52.56 32.69 -0.56
N ASP B 476 53.18 31.61 -0.09
CA ASP B 476 54.57 31.69 0.33
C ASP B 476 55.44 32.17 -0.83
N GLY B 477 56.21 33.21 -0.57
CA GLY B 477 57.15 33.70 -1.55
C GLY B 477 56.53 34.53 -2.65
N LEU B 478 55.25 34.89 -2.54
CA LEU B 478 54.60 35.73 -3.52
C LEU B 478 54.18 37.02 -2.82
N PRO B 479 54.12 38.13 -3.56
CA PRO B 479 53.82 39.41 -2.88
C PRO B 479 52.39 39.54 -2.39
N SER B 480 51.44 38.85 -3.00
CA SER B 480 50.03 39.10 -2.71
C SER B 480 49.20 37.87 -3.00
N GLY B 481 48.16 37.67 -2.21
CA GLY B 481 47.11 36.75 -2.59
C GLY B 481 46.18 37.37 -3.61
N SER B 482 45.27 36.55 -4.14
CA SER B 482 44.20 37.10 -4.97
C SER B 482 43.55 38.29 -4.27
N PHE B 483 43.34 39.36 -5.01
CA PHE B 483 43.05 40.65 -4.39
C PHE B 483 42.23 41.52 -5.34
N GLY B 484 41.17 40.96 -5.89
CA GLY B 484 40.31 41.71 -6.77
C GLY B 484 39.33 42.57 -6.02
N PRO B 485 38.56 43.36 -6.78
CA PRO B 485 37.68 44.36 -6.17
C PRO B 485 36.36 43.83 -5.64
N THR B 486 35.77 44.61 -4.75
N THR B 486 35.77 44.59 -4.73
CA THR B 486 34.51 44.32 -4.08
CA THR B 486 34.49 44.25 -4.13
C THR B 486 33.41 45.20 -4.67
C THR B 486 33.40 45.20 -4.65
N THR B 487 32.16 44.73 -4.57
CA THR B 487 31.02 45.45 -5.14
C THR B 487 30.88 46.84 -4.54
N ALA B 488 30.95 47.86 -5.39
CA ALA B 488 31.03 49.23 -4.90
C ALA B 488 29.74 49.72 -4.27
N GLY B 489 28.60 49.23 -4.75
CA GLY B 489 27.32 49.75 -4.31
C GLY B 489 27.01 49.53 -2.84
N ARG B 490 27.56 48.47 -2.24
CA ARG B 490 27.33 48.25 -0.82
C ARG B 490 27.99 49.31 0.06
N MET B 491 28.88 50.12 -0.50
CA MET B 491 29.49 51.23 0.20
C MET B 491 28.86 52.57 -0.16
N ASP B 492 27.84 52.60 -1.02
CA ASP B 492 27.15 53.85 -1.31
C ASP B 492 26.68 54.61 -0.07
N PRO B 493 26.20 53.96 1.00
CA PRO B 493 25.79 54.76 2.17
C PRO B 493 26.94 55.47 2.86
N PHE B 494 28.19 55.22 2.50
CA PHE B 494 29.29 55.89 3.18
C PHE B 494 29.91 57.03 2.38
N VAL B 495 29.51 57.20 1.11
CA VAL B 495 30.23 58.08 0.20
C VAL B 495 30.05 59.55 0.57
N ASP B 496 28.81 60.02 0.61
CA ASP B 496 28.54 61.41 0.97
C ASP B 496 29.04 61.72 2.38
N LEU B 497 28.80 60.80 3.30
CA LEU B 497 29.28 60.96 4.67
C LEU B 497 30.79 61.16 4.71
N PHE B 498 31.53 60.26 4.08
CA PHE B 498 32.98 60.26 4.19
C PHE B 498 33.60 61.44 3.42
N GLN B 499 33.03 61.79 2.26
CA GLN B 499 33.55 62.93 1.52
C GLN B 499 33.28 64.24 2.25
N SER B 500 32.20 64.29 3.04
CA SER B 500 31.94 65.45 3.89
C SER B 500 32.98 65.61 5.01
N HIS B 501 33.72 64.55 5.34
CA HIS B 501 34.88 64.62 6.24
C HIS B 501 36.22 64.65 5.50
N GLY B 502 36.23 64.79 4.19
CA GLY B 502 37.49 64.82 3.45
C GLY B 502 38.08 63.47 3.06
N GLY B 503 37.33 62.37 3.17
CA GLY B 503 37.84 61.06 2.81
C GLY B 503 37.07 60.43 1.65
N SER B 504 37.62 59.32 1.15
CA SER B 504 36.95 58.55 0.09
C SER B 504 36.67 59.42 -1.12
N MET B 505 37.63 60.27 -1.49
CA MET B 505 37.48 61.15 -2.64
C MET B 505 37.71 60.40 -3.93
N VAL B 506 38.58 59.39 -3.90
CA VAL B 506 38.83 58.53 -5.05
C VAL B 506 38.56 57.11 -4.59
N MET B 507 37.52 56.49 -5.14
N MET B 507 37.51 56.50 -5.13
CA MET B 507 37.13 55.13 -4.83
CA MET B 507 37.15 55.13 -4.81
C MET B 507 37.49 54.22 -5.99
C MET B 507 37.46 54.21 -5.98
N LEU B 508 37.91 53.00 -5.67
CA LEU B 508 38.23 51.99 -6.67
C LEU B 508 37.54 50.70 -6.26
N ALA B 509 36.61 50.23 -7.09
CA ALA B 509 35.91 48.99 -6.80
C ALA B 509 35.34 48.51 -8.12
N LYS B 510 34.29 47.70 -8.05
CA LYS B 510 33.64 47.20 -9.26
C LYS B 510 32.13 47.34 -9.14
N GLY B 511 31.47 47.44 -10.28
CA GLY B 511 30.04 47.50 -10.35
C GLY B 511 29.53 48.93 -10.46
N ASN B 512 28.30 49.05 -10.96
CA ASN B 512 27.63 50.34 -11.07
C ASN B 512 27.10 50.75 -9.69
N ARG B 513 26.90 52.05 -9.51
CA ARG B 513 26.45 52.59 -8.24
C ARG B 513 25.18 53.42 -8.41
N SER B 514 24.60 53.78 -7.27
CA SER B 514 23.35 54.51 -7.22
C SER B 514 23.57 55.97 -7.57
N LYS B 515 22.47 56.66 -7.88
CA LYS B 515 22.54 58.07 -8.26
C LYS B 515 23.06 58.96 -7.14
N GLN B 516 22.95 58.49 -5.88
CA GLN B 516 23.44 59.27 -4.75
C GLN B 516 24.96 59.34 -4.72
N VAL B 517 25.62 58.44 -5.45
CA VAL B 517 27.06 58.52 -5.58
C VAL B 517 27.43 59.50 -6.69
N THR B 518 26.63 59.60 -7.75
CA THR B 518 26.89 60.65 -8.73
C THR B 518 26.77 62.02 -8.07
N LYS B 519 25.73 62.22 -7.25
CA LYS B 519 25.50 63.52 -6.61
C LYS B 519 26.56 63.83 -5.55
N ALA B 520 27.00 62.84 -4.78
CA ALA B 520 28.04 63.09 -3.79
C ALA B 520 29.38 63.44 -4.46
N CYS B 521 29.76 62.72 -5.52
CA CYS B 521 31.00 63.07 -6.20
C CYS B 521 30.90 64.43 -6.85
N HIS B 522 29.74 64.76 -7.40
CA HIS B 522 29.51 66.08 -7.95
C HIS B 522 29.51 67.14 -6.87
N LYS B 523 29.02 66.80 -5.69
CA LYS B 523 28.93 67.76 -4.61
C LYS B 523 30.31 68.07 -4.02
N TYR B 524 31.16 67.07 -3.89
CA TYR B 524 32.44 67.24 -3.21
C TYR B 524 33.64 67.18 -4.15
N GLY B 525 33.47 66.84 -5.42
CA GLY B 525 34.57 66.82 -6.37
C GLY B 525 35.40 65.56 -6.36
N GLY B 526 34.78 64.42 -6.06
CA GLY B 526 35.46 63.15 -6.06
C GLY B 526 35.16 62.27 -7.29
N PHE B 527 35.72 61.05 -7.26
CA PHE B 527 35.73 60.17 -8.40
C PHE B 527 35.53 58.73 -7.95
N TYR B 528 34.76 57.98 -8.73
CA TYR B 528 34.66 56.53 -8.59
C TYR B 528 35.33 55.97 -9.82
N LEU B 529 36.44 55.28 -9.61
CA LEU B 529 37.17 54.56 -10.66
C LEU B 529 36.79 53.09 -10.56
N GLY B 530 36.28 52.53 -11.64
CA GLY B 530 35.87 51.14 -11.67
C GLY B 530 36.94 50.22 -12.24
N SER B 531 37.11 49.06 -11.62
CA SER B 531 38.01 48.05 -12.14
C SER B 531 37.21 46.85 -12.62
N ILE B 532 37.87 46.01 -13.43
CA ILE B 532 37.32 44.72 -13.84
C ILE B 532 37.22 43.83 -12.62
N GLY B 533 36.02 43.32 -12.35
CA GLY B 533 35.83 42.36 -11.29
C GLY B 533 35.97 40.94 -11.81
N GLY B 534 36.57 40.09 -11.00
CA GLY B 534 36.75 38.72 -11.40
C GLY B 534 38.18 38.24 -11.41
N PRO B 535 39.10 38.93 -12.17
CA PRO B 535 40.47 38.42 -12.32
C PRO B 535 41.40 38.85 -11.19
N ALA B 536 41.14 38.30 -10.01
CA ALA B 536 41.89 38.65 -8.82
C ALA B 536 43.30 38.09 -8.87
N ALA B 537 43.51 36.98 -9.59
CA ALA B 537 44.83 36.39 -9.70
C ALA B 537 45.74 37.17 -10.63
N VAL B 538 45.20 37.74 -11.72
CA VAL B 538 46.03 38.59 -12.58
C VAL B 538 46.46 39.84 -11.84
N LEU B 539 45.58 40.44 -11.03
CA LEU B 539 45.96 41.62 -10.25
C LEU B 539 47.03 41.28 -9.23
N ALA B 540 46.86 40.17 -8.50
CA ALA B 540 47.86 39.76 -7.52
C ALA B 540 49.20 39.49 -8.17
N GLN B 541 49.19 38.98 -9.41
CA GLN B 541 50.45 38.62 -10.06
C GLN B 541 51.13 39.84 -10.69
N ASN B 542 50.37 40.73 -11.30
CA ASN B 542 50.97 41.74 -12.15
C ASN B 542 50.90 43.14 -11.58
N ALA B 543 49.93 43.45 -10.72
CA ALA B 543 49.68 44.81 -10.26
C ALA B 543 50.00 45.04 -8.79
N ILE B 544 49.76 44.09 -7.89
CA ILE B 544 49.94 44.35 -6.46
C ILE B 544 51.33 43.91 -6.03
N LYS B 545 52.14 44.87 -5.60
CA LYS B 545 53.56 44.69 -5.32
C LYS B 545 53.91 44.65 -3.84
N LYS B 546 53.07 45.19 -2.96
CA LYS B 546 53.31 45.07 -1.53
C LYS B 546 51.97 45.24 -0.81
N VAL B 547 51.78 44.48 0.26
CA VAL B 547 50.54 44.43 1.03
C VAL B 547 50.89 44.50 2.50
N GLU B 548 50.25 45.42 3.23
CA GLU B 548 50.40 45.51 4.67
C GLU B 548 49.02 45.69 5.30
N CYS B 549 48.87 45.15 6.50
CA CYS B 549 47.69 45.40 7.32
C CYS B 549 47.93 46.67 8.14
N LEU B 550 47.07 47.66 7.98
CA LEU B 550 47.29 48.98 8.56
C LEU B 550 46.52 49.21 9.84
N ASP B 551 45.33 48.62 9.97
CA ASP B 551 44.35 49.02 10.95
C ASP B 551 43.28 47.93 11.03
N MET B 552 42.53 47.93 12.12
CA MET B 552 41.36 47.05 12.31
C MET B 552 41.70 45.59 12.08
N LYS B 553 42.83 45.15 12.62
CA LYS B 553 43.29 43.81 12.30
C LYS B 553 42.36 42.73 12.84
N ASP B 554 41.46 43.06 13.76
CA ASP B 554 40.52 42.06 14.25
C ASP B 554 39.56 41.60 13.16
N LEU B 555 39.41 42.37 12.08
CA LEU B 555 38.42 42.08 11.06
C LEU B 555 38.91 41.09 10.01
N GLY B 556 40.09 40.49 10.18
CA GLY B 556 40.59 39.50 9.24
C GLY B 556 40.72 40.04 7.83
N MET B 557 40.17 39.31 6.86
N MET B 557 40.19 39.32 6.84
CA MET B 557 40.17 39.76 5.47
CA MET B 557 40.25 39.81 5.47
C MET B 557 39.54 41.13 5.32
C MET B 557 39.57 41.17 5.33
N GLU B 558 38.72 41.56 6.28
CA GLU B 558 38.07 42.86 6.24
C GLU B 558 38.86 43.92 6.98
N ALA B 559 40.07 43.62 7.42
CA ALA B 559 40.92 44.66 8.00
C ALA B 559 41.19 45.75 6.96
N VAL B 560 41.66 46.89 7.45
CA VAL B 560 42.15 47.96 6.58
C VAL B 560 43.57 47.63 6.13
N TRP B 561 43.79 47.66 4.82
CA TRP B 561 45.10 47.33 4.26
C TRP B 561 45.70 48.54 3.57
N ARG B 562 47.01 48.49 3.39
CA ARG B 562 47.70 49.47 2.56
C ARG B 562 48.54 48.69 1.56
N ILE B 563 48.29 48.93 0.28
CA ILE B 563 48.94 48.19 -0.80
C ILE B 563 49.62 49.16 -1.75
N GLU B 564 50.62 48.64 -2.46
CA GLU B 564 51.27 49.36 -3.54
C GLU B 564 50.92 48.71 -4.86
N VAL B 565 50.38 49.49 -5.79
CA VAL B 565 49.98 48.94 -7.07
C VAL B 565 50.86 49.56 -8.15
N GLU B 566 51.08 48.79 -9.21
CA GLU B 566 51.79 49.27 -10.40
C GLU B 566 50.94 48.91 -11.61
N ASN B 567 50.58 49.91 -12.40
CA ASN B 567 49.80 49.71 -13.64
C ASN B 567 48.49 48.99 -13.37
N PHE B 568 47.81 49.39 -12.32
CA PHE B 568 46.51 48.82 -12.00
C PHE B 568 45.47 49.42 -12.94
N PRO B 569 44.75 48.64 -13.71
CA PRO B 569 43.79 49.20 -14.67
C PRO B 569 42.48 49.63 -14.02
N ALA B 570 41.91 50.72 -14.53
CA ALA B 570 40.65 51.23 -14.04
C ALA B 570 40.07 52.18 -15.07
N PHE B 571 38.76 52.34 -15.06
CA PHE B 571 38.06 53.32 -15.86
C PHE B 571 37.38 54.34 -14.95
N ILE B 572 37.30 55.57 -15.41
CA ILE B 572 36.50 56.58 -14.72
C ILE B 572 35.03 56.29 -14.96
N VAL B 573 34.31 55.99 -13.88
CA VAL B 573 32.91 55.62 -13.97
C VAL B 573 32.01 56.76 -13.50
N VAL B 574 32.41 57.46 -12.44
CA VAL B 574 31.75 58.69 -11.98
C VAL B 574 32.81 59.77 -11.84
N ASP B 575 32.55 60.95 -12.37
CA ASP B 575 33.52 62.03 -12.22
C ASP B 575 32.99 63.09 -11.25
N ASP B 576 33.68 64.23 -11.18
CA ASP B 576 33.34 65.33 -10.29
C ASP B 576 32.38 66.31 -10.93
N LYS B 577 31.63 65.89 -11.95
CA LYS B 577 30.79 66.80 -12.73
C LYS B 577 29.38 66.30 -12.97
N GLY B 578 28.97 65.21 -12.33
CA GLY B 578 27.64 64.68 -12.50
C GLY B 578 27.47 63.65 -13.59
N ASN B 579 28.56 63.12 -14.14
CA ASN B 579 28.51 62.20 -15.27
C ASN B 579 28.79 60.77 -14.80
N ASP B 580 28.03 59.82 -15.34
CA ASP B 580 28.15 58.40 -15.00
C ASP B 580 28.33 57.59 -16.28
N PHE B 581 29.40 56.80 -16.32
CA PHE B 581 29.64 55.81 -17.37
C PHE B 581 28.34 55.10 -17.72
N PHE B 582 27.67 54.58 -16.69
CA PHE B 582 26.51 53.72 -16.83
C PHE B 582 25.20 54.48 -16.95
N GLU B 583 25.16 55.78 -16.64
CA GLU B 583 23.95 56.53 -16.97
C GLU B 583 23.96 57.01 -18.42
N GLN B 584 25.01 56.68 -19.17
CA GLN B 584 25.15 56.99 -20.58
C GLN B 584 25.44 55.71 -21.36
N LEU B 585 24.69 54.66 -21.06
CA LEU B 585 24.93 53.31 -21.61
C LEU B 585 26.33 52.76 -21.28
N PHE C 48 -20.47 -64.43 -8.32
CA PHE C 48 -20.86 -63.03 -8.14
C PHE C 48 -22.05 -62.89 -7.20
N ASN C 49 -21.83 -62.13 -6.14
CA ASN C 49 -22.83 -61.78 -5.14
C ASN C 49 -22.80 -60.26 -5.02
N PHE C 50 -23.76 -59.59 -5.65
CA PHE C 50 -23.84 -58.13 -5.58
C PHE C 50 -24.37 -57.69 -4.21
N VAL C 51 -23.61 -56.82 -3.55
CA VAL C 51 -24.13 -56.21 -2.32
C VAL C 51 -23.80 -54.72 -2.36
N PRO C 52 -24.78 -53.85 -2.19
CA PRO C 52 -24.53 -52.40 -2.29
C PRO C 52 -23.55 -51.90 -1.24
N LEU C 53 -22.91 -50.78 -1.59
CA LEU C 53 -22.04 -50.08 -0.64
C LEU C 53 -22.80 -49.72 0.62
N VAL C 54 -23.97 -49.12 0.46
CA VAL C 54 -24.84 -48.69 1.55
C VAL C 54 -26.24 -49.26 1.29
N SER C 55 -26.82 -49.89 2.30
CA SER C 55 -28.13 -50.46 2.05
C SER C 55 -29.21 -49.39 2.01
N LYS C 56 -30.33 -49.75 1.42
CA LYS C 56 -31.52 -48.91 1.46
C LYS C 56 -32.02 -48.80 2.90
N VAL C 57 -32.52 -47.63 3.27
CA VAL C 57 -32.87 -47.36 4.66
C VAL C 57 -34.32 -46.90 4.73
N SER C 58 -35.03 -47.35 5.75
CA SER C 58 -36.36 -46.85 6.06
C SER C 58 -36.25 -45.58 6.92
N HIS C 59 -37.41 -44.95 7.16
CA HIS C 59 -37.50 -43.80 8.06
C HIS C 59 -38.78 -43.94 8.88
N LYS C 60 -38.77 -44.88 9.84
CA LYS C 60 -39.95 -45.37 10.55
C LYS C 60 -40.50 -44.39 11.58
N GLU C 61 -39.71 -43.42 12.02
CA GLU C 61 -40.22 -42.38 12.89
C GLU C 61 -40.53 -41.09 12.13
N THR C 62 -40.61 -41.15 10.80
CA THR C 62 -40.83 -39.96 9.96
C THR C 62 -42.25 -39.95 9.39
N LYS C 63 -43.11 -39.13 9.98
CA LYS C 63 -44.48 -38.94 9.53
C LYS C 63 -44.56 -37.82 8.50
N TYR C 64 -45.30 -38.07 7.43
CA TYR C 64 -45.48 -37.11 6.36
C TYR C 64 -46.88 -36.52 6.42
N ARG C 65 -46.97 -35.21 6.18
CA ARG C 65 -48.24 -34.55 5.96
C ARG C 65 -48.40 -34.30 4.45
N LEU C 66 -49.64 -34.33 3.99
CA LEU C 66 -49.96 -34.13 2.57
C LEU C 66 -50.12 -32.64 2.26
N LEU C 67 -49.42 -32.16 1.23
CA LEU C 67 -49.57 -30.79 0.73
C LEU C 67 -50.67 -30.70 -0.30
N THR C 68 -50.81 -31.70 -1.16
CA THR C 68 -51.76 -31.65 -2.25
C THR C 68 -51.83 -33.04 -2.90
N LYS C 69 -53.02 -33.38 -3.40
CA LYS C 69 -53.17 -34.57 -4.24
C LYS C 69 -53.00 -34.23 -5.72
N ASP C 70 -52.74 -32.97 -6.03
CA ASP C 70 -52.55 -32.47 -7.37
C ASP C 70 -51.15 -32.80 -7.88
N TYR C 71 -50.93 -32.51 -9.16
CA TYR C 71 -49.68 -32.47 -9.90
C TYR C 71 -49.17 -33.82 -10.35
N VAL C 72 -49.85 -34.92 -10.04
CA VAL C 72 -49.31 -36.26 -10.21
C VAL C 72 -50.31 -37.07 -11.02
N SER C 73 -49.80 -37.89 -11.95
CA SER C 73 -50.67 -38.66 -12.83
C SER C 73 -50.04 -40.00 -13.22
N VAL C 74 -50.88 -41.04 -13.28
CA VAL C 74 -50.47 -42.38 -13.72
C VAL C 74 -50.94 -42.60 -15.15
N VAL C 75 -50.02 -42.96 -16.04
CA VAL C 75 -50.33 -43.22 -17.44
C VAL C 75 -49.86 -44.63 -17.82
N GLN C 76 -50.54 -45.23 -18.78
CA GLN C 76 -50.18 -46.58 -19.21
C GLN C 76 -49.61 -46.49 -20.61
N PRO C 77 -48.29 -46.39 -20.75
CA PRO C 77 -47.68 -46.22 -22.07
C PRO C 77 -47.63 -47.54 -22.84
N GLY C 78 -47.13 -47.46 -24.05
CA GLY C 78 -46.92 -48.63 -24.88
C GLY C 78 -45.53 -49.20 -24.70
N ALA C 79 -45.05 -49.86 -25.76
CA ALA C 79 -43.74 -50.51 -25.76
C ALA C 79 -43.52 -51.40 -24.56
N GLY C 80 -42.26 -51.67 -24.25
CA GLY C 80 -41.94 -52.53 -23.13
C GLY C 80 -41.80 -51.73 -21.86
N LEU C 81 -42.57 -50.65 -21.77
CA LEU C 81 -42.42 -49.70 -20.67
C LEU C 81 -43.45 -49.96 -19.59
N PRO C 82 -43.06 -49.81 -18.32
CA PRO C 82 -44.01 -49.99 -17.23
C PRO C 82 -44.99 -48.83 -17.15
N GLU C 83 -45.95 -48.86 -16.22
CA GLU C 83 -46.78 -47.68 -16.00
C GLU C 83 -45.90 -46.53 -15.51
N MET C 84 -46.26 -45.32 -15.91
CA MET C 84 -45.44 -44.15 -15.62
C MET C 84 -46.19 -43.17 -14.74
N LEU C 85 -45.42 -42.36 -14.03
CA LEU C 85 -45.96 -41.29 -13.20
C LEU C 85 -45.60 -39.97 -13.83
N ARG C 86 -46.58 -39.18 -14.24
CA ARG C 86 -46.35 -37.87 -14.81
C ARG C 86 -46.51 -36.82 -13.71
N VAL C 87 -45.41 -36.21 -13.28
CA VAL C 87 -45.42 -35.21 -12.22
C VAL C 87 -45.22 -33.84 -12.85
N ASP C 88 -46.21 -32.97 -12.69
CA ASP C 88 -46.04 -31.60 -13.13
C ASP C 88 -44.90 -30.97 -12.32
N PRO C 89 -43.96 -30.28 -12.96
CA PRO C 89 -42.82 -29.74 -12.22
C PRO C 89 -43.20 -28.79 -11.09
N ALA C 90 -44.33 -28.07 -11.21
CA ALA C 90 -44.76 -27.14 -10.16
C ALA C 90 -44.87 -27.81 -8.80
N ALA C 91 -44.98 -29.14 -8.78
CA ALA C 91 -44.92 -29.88 -7.53
C ALA C 91 -43.55 -29.76 -6.87
N LEU C 92 -42.49 -29.69 -7.68
CA LEU C 92 -41.17 -29.57 -7.10
C LEU C 92 -40.98 -28.20 -6.47
N THR C 93 -41.53 -27.17 -7.12
CA THR C 93 -41.46 -25.81 -6.62
C THR C 93 -42.27 -25.66 -5.33
N LEU C 94 -43.43 -26.32 -5.25
CA LEU C 94 -44.24 -26.24 -4.04
C LEU C 94 -43.53 -26.90 -2.87
N LEU C 95 -42.99 -28.11 -3.07
CA LEU C 95 -42.42 -28.86 -1.96
C LEU C 95 -41.18 -28.17 -1.43
N SER C 96 -40.29 -27.76 -2.33
CA SER C 96 -39.06 -27.10 -1.90
C SER C 96 -39.35 -25.75 -1.27
N SER C 97 -40.38 -25.06 -1.75
CA SER C 97 -40.79 -23.85 -1.09
C SER C 97 -41.46 -24.15 0.24
N THR C 98 -42.07 -25.33 0.39
CA THR C 98 -42.68 -25.65 1.69
C THR C 98 -41.66 -26.22 2.66
N ALA C 99 -40.79 -27.12 2.19
CA ALA C 99 -39.82 -27.75 3.06
C ALA C 99 -38.87 -26.73 3.66
N PHE C 100 -38.43 -25.75 2.87
CA PHE C 100 -37.54 -24.75 3.43
C PHE C 100 -38.31 -23.74 4.26
N ASP C 101 -39.51 -23.37 3.83
CA ASP C 101 -40.43 -22.62 4.67
C ASP C 101 -40.51 -23.24 6.06
N ASP C 102 -40.74 -24.55 6.13
CA ASP C 102 -41.00 -25.22 7.39
C ASP C 102 -39.72 -25.46 8.20
N VAL C 103 -38.61 -25.83 7.56
CA VAL C 103 -37.39 -26.14 8.33
C VAL C 103 -36.73 -24.89 8.93
N GLU C 104 -36.91 -23.71 8.32
CA GLU C 104 -36.28 -22.50 8.86
C GLU C 104 -37.02 -21.97 10.08
N HIS C 105 -38.26 -22.38 10.26
CA HIS C 105 -39.09 -21.85 11.33
C HIS C 105 -39.45 -22.87 12.40
N LEU C 106 -39.40 -24.18 12.09
CA LEU C 106 -39.82 -25.23 13.00
C LEU C 106 -38.70 -26.24 13.21
N LEU C 107 -38.84 -27.06 14.25
CA LEU C 107 -37.86 -28.07 14.65
C LEU C 107 -38.53 -29.42 14.79
N ARG C 108 -37.71 -30.48 14.76
CA ARG C 108 -38.22 -31.81 15.07
C ARG C 108 -38.54 -31.96 16.56
N SER C 109 -39.57 -32.75 16.85
CA SER C 109 -39.91 -33.07 18.24
C SER C 109 -38.74 -33.72 18.95
N SER C 110 -38.06 -34.65 18.29
CA SER C 110 -36.91 -35.31 18.90
C SER C 110 -35.83 -34.31 19.27
N HIS C 111 -35.62 -33.29 18.43
CA HIS C 111 -34.60 -32.29 18.72
C HIS C 111 -35.03 -31.37 19.85
N LEU C 112 -36.25 -30.85 19.79
CA LEU C 112 -36.78 -30.07 20.89
C LEU C 112 -36.84 -30.90 22.17
N MET C 113 -37.11 -32.19 22.05
CA MET C 113 -37.07 -33.03 23.23
C MET C 113 -35.65 -33.14 23.79
N SER C 114 -34.63 -33.08 22.93
CA SER C 114 -33.24 -33.08 23.38
C SER C 114 -32.88 -31.79 24.11
N LEU C 115 -33.46 -30.67 23.69
CA LEU C 115 -33.25 -29.43 24.42
C LEU C 115 -33.89 -29.48 25.80
N ARG C 116 -35.07 -30.10 25.90
CA ARG C 116 -35.76 -30.17 27.17
C ARG C 116 -35.06 -31.09 28.16
N LYS C 117 -34.38 -32.14 27.69
CA LYS C 117 -33.74 -33.08 28.61
C LYS C 117 -32.66 -32.42 29.46
N ILE C 118 -32.16 -31.26 29.03
CA ILE C 118 -31.10 -30.56 29.75
C ILE C 118 -31.57 -30.06 31.11
N PHE C 119 -32.83 -29.68 31.25
CA PHE C 119 -33.31 -29.11 32.50
C PHE C 119 -33.53 -30.14 33.59
N ASP C 120 -33.94 -31.36 33.23
CA ASP C 120 -34.12 -32.40 34.24
C ASP C 120 -32.82 -33.13 34.57
N ASP C 121 -31.73 -32.88 33.83
CA ASP C 121 -30.49 -33.64 33.99
C ASP C 121 -29.67 -33.10 35.16
N PRO C 122 -29.42 -33.91 36.20
CA PRO C 122 -28.63 -33.42 37.34
C PRO C 122 -27.18 -33.16 36.99
N GLU C 123 -26.67 -33.60 35.84
CA GLU C 123 -25.28 -33.34 35.46
C GLU C 123 -25.12 -32.12 34.55
N ALA C 124 -26.21 -31.54 34.06
CA ALA C 124 -26.09 -30.34 33.23
C ALA C 124 -25.62 -29.17 34.08
N SER C 125 -24.74 -28.36 33.50
CA SER C 125 -24.31 -27.16 34.19
C SER C 125 -25.41 -26.11 34.10
N ASP C 126 -25.27 -25.06 34.93
CA ASP C 126 -26.23 -23.96 34.90
C ASP C 126 -26.18 -23.22 33.56
N ASN C 127 -24.98 -23.04 33.01
CA ASN C 127 -24.89 -22.45 31.67
C ASN C 127 -25.49 -23.36 30.61
N ASP C 128 -25.23 -24.68 30.72
CA ASP C 128 -25.89 -25.66 29.84
C ASP C 128 -27.40 -25.45 29.82
N LYS C 129 -28.00 -25.23 31.00
CA LYS C 129 -29.44 -25.08 31.09
C LYS C 129 -29.89 -23.73 30.56
N PHE C 130 -29.13 -22.66 30.88
CA PHE C 130 -29.48 -21.32 30.40
C PHE C 130 -29.53 -21.26 28.89
N VAL C 131 -28.55 -21.87 28.21
CA VAL C 131 -28.51 -21.90 26.75
C VAL C 131 -29.67 -22.72 26.18
N ALA C 132 -29.93 -23.90 26.77
CA ALA C 132 -31.05 -24.72 26.32
C ALA C 132 -32.37 -23.96 26.31
N LEU C 133 -32.55 -23.05 27.27
CA LEU C 133 -33.81 -22.29 27.38
C LEU C 133 -33.91 -21.20 26.33
N GLN C 134 -32.80 -20.52 26.02
CA GLN C 134 -32.85 -19.51 24.96
C GLN C 134 -33.21 -20.14 23.62
N LEU C 135 -32.67 -21.32 23.31
CA LEU C 135 -32.99 -21.98 22.04
C LEU C 135 -34.40 -22.56 22.03
N LEU C 136 -34.94 -22.89 23.21
CA LEU C 136 -36.34 -23.30 23.26
C LEU C 136 -37.26 -22.09 23.07
N LYS C 137 -36.93 -20.96 23.70
CA LYS C 137 -37.67 -19.71 23.45
C LYS C 137 -37.57 -19.29 21.99
N ASN C 138 -36.38 -19.46 21.41
CA ASN C 138 -36.20 -19.16 19.99
C ASN C 138 -37.19 -19.94 19.14
N ALA C 139 -37.36 -21.23 19.45
CA ALA C 139 -38.33 -22.06 18.73
C ALA C 139 -39.76 -21.52 18.84
N ASN C 140 -40.15 -21.07 20.02
CA ASN C 140 -41.51 -20.54 20.15
C ASN C 140 -41.71 -19.32 19.27
N ILE C 141 -40.73 -18.41 19.23
CA ILE C 141 -40.86 -17.22 18.40
C ILE C 141 -40.93 -17.58 16.92
N SER C 142 -40.02 -18.44 16.45
CA SER C 142 -39.93 -18.70 15.02
C SER C 142 -41.06 -19.56 14.49
N SER C 143 -41.74 -20.33 15.36
CA SER C 143 -42.90 -21.12 14.92
C SER C 143 -44.05 -20.23 14.45
N ALA C 144 -44.03 -18.94 14.80
CA ALA C 144 -44.97 -17.98 14.23
C ALA C 144 -44.58 -17.55 12.83
N ARG C 145 -43.43 -18.03 12.33
CA ARG C 145 -42.96 -17.80 10.97
C ARG C 145 -42.80 -16.31 10.67
N LEU C 146 -42.50 -15.51 11.69
CA LEU C 146 -42.07 -14.12 11.49
C LEU C 146 -40.56 -14.00 11.46
N LEU C 147 -39.88 -14.74 12.33
CA LEU C 147 -38.44 -14.69 12.42
C LEU C 147 -37.91 -16.11 12.27
N PRO C 148 -36.90 -16.33 11.44
CA PRO C 148 -36.28 -17.67 11.39
C PRO C 148 -35.54 -17.94 12.69
N GLY C 149 -35.38 -19.22 12.99
CA GLY C 149 -34.63 -19.59 14.18
C GLY C 149 -33.26 -18.93 14.23
N CYS C 150 -32.57 -18.92 13.10
CA CYS C 150 -31.23 -18.34 12.99
C CYS C 150 -31.17 -17.27 11.91
N GLN C 151 -30.31 -16.26 12.14
CA GLN C 151 -30.07 -15.25 11.12
C GLN C 151 -29.45 -15.85 9.85
N ASP C 152 -28.59 -16.86 10.01
CA ASP C 152 -28.08 -17.52 8.80
C ASP C 152 -29.09 -18.57 8.40
N THR C 153 -29.90 -18.24 7.39
CA THR C 153 -30.89 -19.12 6.83
C THR C 153 -30.27 -20.23 5.99
N GLY C 154 -28.96 -20.34 5.99
CA GLY C 154 -28.29 -21.54 5.54
C GLY C 154 -28.13 -21.59 4.04
N THR C 155 -27.50 -22.67 3.58
CA THR C 155 -27.41 -23.00 2.17
C THR C 155 -28.56 -23.92 1.84
N ALA C 156 -29.17 -23.72 0.67
CA ALA C 156 -30.25 -24.59 0.21
C ALA C 156 -29.65 -25.80 -0.49
N ILE C 157 -29.70 -26.95 0.17
CA ILE C 157 -29.16 -28.22 -0.34
C ILE C 157 -30.36 -29.12 -0.61
N ILE C 158 -30.44 -29.67 -1.83
CA ILE C 158 -31.54 -30.51 -2.25
C ILE C 158 -30.97 -31.79 -2.85
N ALA C 159 -31.49 -32.92 -2.40
CA ALA C 159 -31.19 -34.21 -3.03
C ALA C 159 -32.52 -34.82 -3.44
N GLY C 160 -32.61 -35.22 -4.70
CA GLY C 160 -33.81 -35.83 -5.23
C GLY C 160 -33.44 -37.21 -5.73
N TYR C 161 -34.39 -38.13 -5.63
CA TYR C 161 -34.23 -39.49 -6.11
C TYR C 161 -35.42 -39.78 -7.00
N ARG C 162 -35.21 -39.70 -8.32
CA ARG C 162 -36.25 -39.93 -9.31
C ARG C 162 -36.24 -41.39 -9.75
N GLY C 163 -37.28 -42.14 -9.40
CA GLY C 163 -37.38 -43.49 -9.87
C GLY C 163 -37.59 -43.54 -11.37
N ASP C 164 -37.17 -44.66 -11.98
CA ASP C 164 -37.19 -44.78 -13.44
C ASP C 164 -38.56 -44.57 -14.03
N GLN C 165 -39.62 -44.79 -13.28
CA GLN C 165 -40.96 -44.70 -13.84
C GLN C 165 -41.61 -43.36 -13.61
N VAL C 166 -40.86 -42.35 -13.16
CA VAL C 166 -41.38 -41.01 -12.90
C VAL C 166 -40.98 -40.12 -14.06
N PHE C 167 -41.95 -39.43 -14.64
CA PHE C 167 -41.69 -38.51 -15.74
C PHE C 167 -42.09 -37.10 -15.34
N VAL C 168 -41.14 -36.17 -15.39
CA VAL C 168 -41.37 -34.75 -15.14
C VAL C 168 -41.11 -34.01 -16.45
N PRO C 169 -42.13 -33.48 -17.11
CA PRO C 169 -41.95 -32.71 -18.36
C PRO C 169 -41.45 -31.30 -18.12
N GLY C 170 -40.17 -31.19 -17.80
CA GLY C 170 -39.57 -29.90 -17.51
C GLY C 170 -38.21 -30.09 -16.88
N ASN C 171 -37.68 -29.00 -16.32
CA ASN C 171 -36.36 -29.00 -15.70
C ASN C 171 -36.52 -29.10 -14.19
N ASP C 172 -36.16 -30.28 -13.65
CA ASP C 172 -36.34 -30.54 -12.22
C ASP C 172 -35.59 -29.52 -11.37
N GLU C 173 -34.30 -29.28 -11.67
CA GLU C 173 -33.53 -28.33 -10.86
C GLU C 173 -34.17 -26.95 -10.87
N GLU C 174 -34.60 -26.48 -12.04
CA GLU C 174 -35.19 -25.15 -12.13
C GLU C 174 -36.49 -25.06 -11.35
N ALA C 175 -37.30 -26.12 -11.37
CA ALA C 175 -38.53 -26.12 -10.60
C ALA C 175 -38.23 -26.14 -9.10
N LEU C 176 -37.21 -26.89 -8.70
CA LEU C 176 -36.83 -26.90 -7.29
C LEU C 176 -36.20 -25.58 -6.86
N SER C 177 -35.32 -25.01 -7.70
CA SER C 177 -34.72 -23.73 -7.33
C SER C 177 -35.75 -22.61 -7.29
N ARG C 178 -36.81 -22.75 -8.09
CA ARG C 178 -37.86 -21.74 -8.07
C ARG C 178 -38.50 -21.68 -6.70
N GLY C 179 -38.69 -22.85 -6.08
CA GLY C 179 -39.29 -22.89 -4.75
C GLY C 179 -38.45 -22.23 -3.68
N VAL C 180 -37.13 -22.46 -3.71
CA VAL C 180 -36.22 -21.76 -2.79
C VAL C 180 -36.26 -20.26 -3.05
N TYR C 181 -36.12 -19.86 -4.32
CA TYR C 181 -36.29 -18.47 -4.67
C TYR C 181 -37.56 -17.91 -4.06
N ASP C 182 -38.69 -18.59 -4.30
CA ASP C 182 -39.99 -18.14 -3.81
C ASP C 182 -39.97 -17.85 -2.32
N ILE C 183 -39.53 -18.83 -1.53
CA ILE C 183 -39.71 -18.72 -0.08
C ILE C 183 -38.67 -17.78 0.53
N PHE C 184 -37.48 -17.70 -0.07
CA PHE C 184 -36.51 -16.79 0.50
C PHE C 184 -36.83 -15.34 0.18
N GLN C 185 -37.63 -15.09 -0.86
CA GLN C 185 -38.11 -13.75 -1.13
C GLN C 185 -39.36 -13.42 -0.30
N LYS C 186 -40.30 -14.36 -0.19
CA LYS C 186 -41.53 -14.13 0.55
C LYS C 186 -41.27 -13.93 2.05
N ARG C 187 -40.53 -14.86 2.66
CA ARG C 187 -40.27 -14.83 4.08
C ARG C 187 -39.03 -13.97 4.40
N ASN C 188 -38.87 -13.66 5.68
CA ASN C 188 -37.81 -12.77 6.14
C ASN C 188 -36.51 -13.53 6.39
N PHE C 189 -36.03 -14.13 5.30
CA PHE C 189 -34.82 -14.93 5.28
C PHE C 189 -33.62 -14.06 4.96
N ARG C 190 -32.48 -14.69 4.71
CA ARG C 190 -31.26 -13.99 4.37
C ARG C 190 -30.69 -14.55 3.07
N TYR C 191 -30.23 -13.66 2.20
CA TYR C 191 -29.54 -14.06 0.98
C TYR C 191 -28.05 -14.12 1.31
N SER C 192 -27.50 -15.32 1.35
CA SER C 192 -26.19 -15.52 1.93
C SER C 192 -25.14 -16.07 0.97
N GLN C 193 -25.45 -16.26 -0.30
CA GLN C 193 -24.56 -16.93 -1.25
C GLN C 193 -23.86 -15.91 -2.13
N ASN C 194 -22.56 -16.14 -2.34
CA ASN C 194 -21.72 -15.28 -3.17
C ASN C 194 -21.27 -16.06 -4.41
N VAL C 195 -21.49 -15.49 -5.58
CA VAL C 195 -21.00 -16.10 -6.81
C VAL C 195 -19.72 -15.38 -7.20
N PRO C 196 -18.74 -16.06 -7.80
CA PRO C 196 -17.48 -15.39 -8.12
C PRO C 196 -17.61 -14.57 -9.39
N LEU C 197 -16.96 -13.41 -9.39
CA LEU C 197 -16.74 -12.62 -10.60
C LEU C 197 -15.34 -12.83 -11.14
N SER C 198 -14.47 -13.47 -10.35
CA SER C 198 -13.09 -13.82 -10.67
C SER C 198 -12.61 -14.64 -9.47
N MET C 199 -11.30 -14.86 -9.34
CA MET C 199 -10.83 -15.63 -8.19
C MET C 199 -11.14 -14.93 -6.88
N TYR C 200 -10.99 -13.60 -6.86
CA TYR C 200 -11.04 -12.84 -5.62
C TYR C 200 -12.25 -11.93 -5.51
N ASP C 201 -12.93 -11.63 -6.61
CA ASP C 201 -14.12 -10.79 -6.61
C ASP C 201 -15.38 -11.63 -6.61
N GLU C 202 -16.38 -11.18 -5.85
CA GLU C 202 -17.58 -11.93 -5.53
C GLU C 202 -18.81 -11.04 -5.59
N LYS C 203 -19.97 -11.68 -5.69
CA LYS C 203 -21.21 -10.93 -5.69
C LYS C 203 -22.22 -11.73 -4.89
N ASN C 204 -22.86 -11.08 -3.93
CA ASN C 204 -24.01 -11.68 -3.28
C ASN C 204 -25.16 -11.70 -4.29
N THR C 205 -25.77 -12.85 -4.50
CA THR C 205 -26.78 -12.90 -5.57
C THR C 205 -28.07 -12.22 -5.19
N GLY C 206 -28.27 -11.90 -3.91
CA GLY C 206 -29.50 -11.25 -3.48
C GLY C 206 -30.70 -12.14 -3.47
N THR C 207 -30.50 -13.47 -3.59
CA THR C 207 -31.63 -14.41 -3.66
C THR C 207 -31.44 -15.68 -2.87
N ASN C 208 -30.26 -15.93 -2.27
CA ASN C 208 -29.88 -17.22 -1.70
C ASN C 208 -29.82 -18.35 -2.72
N LEU C 209 -29.72 -18.03 -3.99
CA LEU C 209 -29.32 -18.99 -4.99
C LEU C 209 -27.82 -18.87 -5.22
N PRO C 210 -27.16 -19.90 -5.75
CA PRO C 210 -27.71 -21.20 -6.16
C PRO C 210 -27.93 -22.15 -4.98
N ALA C 211 -28.91 -23.02 -5.16
CA ALA C 211 -29.06 -24.17 -4.29
C ALA C 211 -28.15 -25.28 -4.78
N GLN C 212 -27.74 -26.15 -3.86
CA GLN C 212 -26.98 -27.34 -4.24
C GLN C 212 -27.95 -28.49 -4.43
N ILE C 213 -28.21 -28.85 -5.69
CA ILE C 213 -29.19 -29.84 -6.07
C ILE C 213 -28.47 -30.96 -6.81
N ASP C 214 -28.57 -32.18 -6.29
CA ASP C 214 -28.02 -33.35 -6.95
C ASP C 214 -29.15 -34.35 -7.12
N LEU C 215 -29.46 -34.67 -8.38
CA LEU C 215 -30.60 -35.50 -8.74
C LEU C 215 -30.11 -36.89 -9.15
N TYR C 216 -30.55 -37.90 -8.42
CA TYR C 216 -30.11 -39.27 -8.61
C TYR C 216 -31.16 -40.12 -9.32
N ALA C 217 -30.68 -41.15 -9.98
CA ALA C 217 -31.52 -42.07 -10.74
C ALA C 217 -31.69 -43.33 -9.90
N SER C 218 -32.93 -43.60 -9.48
CA SER C 218 -33.25 -44.77 -8.69
C SER C 218 -34.27 -45.66 -9.40
N LYS C 219 -34.90 -46.56 -8.65
CA LYS C 219 -35.88 -47.48 -9.20
C LYS C 219 -37.25 -47.21 -8.58
N GLY C 220 -38.29 -47.30 -9.40
CA GLY C 220 -39.65 -47.22 -8.91
C GLY C 220 -40.40 -46.01 -9.44
N MET C 221 -41.60 -45.83 -8.90
CA MET C 221 -42.54 -44.78 -9.31
C MET C 221 -42.73 -43.74 -8.22
N GLU C 222 -41.65 -43.36 -7.53
CA GLU C 222 -41.69 -42.32 -6.51
C GLU C 222 -40.50 -41.39 -6.69
N TYR C 223 -40.72 -40.11 -6.38
CA TYR C 223 -39.69 -39.08 -6.38
C TYR C 223 -39.41 -38.65 -4.94
N SER C 224 -38.28 -39.09 -4.37
CA SER C 224 -37.91 -38.81 -2.98
C SER C 224 -36.86 -37.70 -2.86
N PHE C 225 -36.91 -36.97 -1.74
CA PHE C 225 -36.13 -35.76 -1.53
C PHE C 225 -35.64 -35.67 -0.09
N MET C 226 -34.52 -34.98 0.07
CA MET C 226 -34.16 -34.45 1.37
C MET C 226 -33.73 -33.01 1.14
N PHE C 227 -34.32 -32.09 1.90
CA PHE C 227 -34.01 -30.67 1.85
C PHE C 227 -33.22 -30.30 3.09
N VAL C 228 -32.16 -29.52 2.93
CA VAL C 228 -31.32 -29.10 4.05
C VAL C 228 -31.04 -27.61 3.94
N ALA C 229 -31.21 -26.91 5.05
CA ALA C 229 -30.73 -25.53 5.17
C ALA C 229 -29.48 -25.56 6.05
N LYS C 230 -28.30 -25.65 5.43
CA LYS C 230 -27.06 -25.88 6.16
C LYS C 230 -26.39 -24.55 6.39
N GLY C 231 -26.33 -24.12 7.65
CA GLY C 231 -25.64 -22.88 7.97
C GLY C 231 -24.15 -22.98 7.68
N GLY C 232 -23.54 -21.83 7.42
CA GLY C 232 -22.11 -21.84 7.10
C GLY C 232 -21.25 -22.30 8.27
N GLY C 233 -21.63 -21.93 9.48
CA GLY C 233 -20.79 -22.24 10.63
C GLY C 233 -20.78 -23.72 10.97
N SER C 234 -21.91 -24.40 10.81
CA SER C 234 -21.91 -25.87 10.90
C SER C 234 -21.26 -26.51 9.66
N ALA C 235 -21.42 -25.89 8.48
CA ALA C 235 -20.71 -26.37 7.29
C ALA C 235 -19.20 -26.20 7.40
N ASN C 236 -18.73 -25.15 8.09
CA ASN C 236 -17.31 -24.91 8.31
C ASN C 236 -16.67 -25.85 9.33
N LYS C 237 -17.43 -26.74 9.96
N LYS C 237 -17.42 -26.74 9.98
CA LYS C 237 -16.92 -27.70 10.93
CA LYS C 237 -16.85 -27.71 10.93
C LYS C 237 -17.04 -29.15 10.45
C LYS C 237 -16.97 -29.16 10.44
N SER C 238 -17.12 -29.36 9.13
CA SER C 238 -17.08 -30.69 8.55
C SER C 238 -15.65 -30.97 8.10
N PHE C 239 -15.00 -31.95 8.69
CA PHE C 239 -13.59 -32.19 8.41
C PHE C 239 -13.38 -33.56 7.77
N LEU C 240 -12.46 -33.61 6.82
CA LEU C 240 -12.01 -34.87 6.25
C LEU C 240 -10.62 -35.15 6.78
N LEU C 241 -10.46 -36.25 7.51
CA LEU C 241 -9.20 -36.62 8.12
C LEU C 241 -8.67 -37.84 7.39
N GLN C 242 -7.46 -37.73 6.85
CA GLN C 242 -6.89 -38.80 6.05
C GLN C 242 -6.06 -39.71 6.94
N GLU C 243 -6.67 -40.81 7.35
CA GLU C 243 -6.06 -41.74 8.29
C GLU C 243 -5.76 -43.04 7.58
N THR C 244 -5.26 -44.03 8.33
CA THR C 244 -4.77 -45.27 7.76
C THR C 244 -5.23 -46.46 8.61
N LYS C 245 -4.80 -47.65 8.20
CA LYS C 245 -5.12 -48.89 8.90
C LYS C 245 -4.61 -48.88 10.35
N SER C 246 -3.52 -48.14 10.63
CA SER C 246 -2.92 -48.13 11.95
C SER C 246 -3.71 -47.33 12.98
N VAL C 247 -4.71 -46.56 12.54
CA VAL C 247 -5.64 -45.99 13.51
C VAL C 247 -6.74 -46.97 13.88
N LEU C 248 -6.91 -48.05 13.11
CA LEU C 248 -8.04 -48.96 13.30
C LEU C 248 -7.78 -50.03 14.37
N ASN C 249 -7.57 -49.56 15.59
CA ASN C 249 -7.56 -50.43 16.75
C ASN C 249 -8.19 -49.64 17.88
N PRO C 250 -8.73 -50.33 18.91
CA PRO C 250 -9.44 -49.59 19.97
C PRO C 250 -8.61 -48.49 20.61
N LYS C 251 -7.36 -48.78 20.95
CA LYS C 251 -6.53 -47.82 21.69
C LYS C 251 -6.24 -46.58 20.85
N SER C 252 -5.85 -46.76 19.59
CA SER C 252 -5.54 -45.62 18.74
C SER C 252 -6.78 -44.82 18.40
N LEU C 253 -7.88 -45.48 18.08
CA LEU C 253 -9.03 -44.77 17.52
C LEU C 253 -9.66 -43.81 18.53
N ARG C 254 -9.87 -44.27 19.77
N ARG C 254 -9.85 -44.25 19.78
CA ARG C 254 -10.47 -43.39 20.79
CA ARG C 254 -10.49 -43.38 20.77
C ARG C 254 -9.59 -42.18 21.07
C ARG C 254 -9.59 -42.21 21.16
N ASN C 255 -8.27 -42.39 21.13
CA ASN C 255 -7.36 -41.24 21.26
C ASN C 255 -7.54 -40.29 20.10
N PHE C 256 -7.72 -40.84 18.89
CA PHE C 256 -7.95 -40.02 17.71
C PHE C 256 -9.24 -39.21 17.86
N LEU C 257 -10.33 -39.87 18.21
CA LEU C 257 -11.60 -39.18 18.25
C LEU C 257 -11.66 -38.17 19.40
N LYS C 258 -11.06 -38.52 20.54
CA LYS C 258 -10.93 -37.57 21.64
C LYS C 258 -10.33 -36.25 21.16
N GLU C 259 -9.25 -36.33 20.36
CA GLU C 259 -8.58 -35.12 19.86
C GLU C 259 -9.39 -34.40 18.80
N LYS C 260 -9.98 -35.15 17.86
CA LYS C 260 -10.64 -34.53 16.71
C LYS C 260 -11.98 -33.92 17.09
N LEU C 261 -12.67 -34.47 18.09
CA LEU C 261 -13.98 -33.94 18.49
C LEU C 261 -13.87 -32.55 19.11
N ALA C 262 -12.69 -32.17 19.60
CA ALA C 262 -12.43 -30.81 20.04
C ALA C 262 -12.35 -29.81 18.89
N MET C 263 -12.34 -30.26 17.63
CA MET C 263 -12.20 -29.36 16.48
C MET C 263 -13.44 -28.50 16.25
N PHE C 264 -14.60 -28.97 16.67
CA PHE C 264 -15.81 -28.16 16.56
C PHE C 264 -15.75 -26.93 17.48
N GLY C 265 -15.09 -27.06 18.63
CA GLY C 265 -15.14 -26.04 19.66
C GLY C 265 -16.58 -25.75 20.03
N THR C 266 -16.84 -24.50 20.39
CA THR C 266 -18.22 -24.03 20.52
C THR C 266 -18.64 -23.23 19.28
N SER C 267 -17.91 -23.38 18.18
CA SER C 267 -18.06 -22.50 17.03
C SER C 267 -19.29 -22.79 16.18
N ALA C 268 -19.88 -23.98 16.29
CA ALA C 268 -21.08 -24.32 15.52
C ALA C 268 -22.32 -24.42 16.39
N CYS C 269 -22.38 -23.64 17.46
CA CYS C 269 -23.57 -23.49 18.30
C CYS C 269 -24.07 -24.82 18.86
N PRO C 270 -23.32 -25.43 19.78
CA PRO C 270 -23.82 -26.62 20.49
C PRO C 270 -25.06 -26.29 21.31
N PRO C 271 -25.80 -27.31 21.80
CA PRO C 271 -25.53 -28.75 21.68
C PRO C 271 -25.62 -29.29 20.25
N TYR C 272 -24.70 -30.19 19.94
CA TYR C 272 -24.50 -30.75 18.61
C TYR C 272 -25.21 -32.09 18.42
N HIS C 273 -25.53 -32.39 17.16
CA HIS C 273 -25.72 -33.75 16.69
C HIS C 273 -24.40 -34.16 16.04
N VAL C 274 -23.56 -34.86 16.78
CA VAL C 274 -22.23 -35.25 16.31
C VAL C 274 -22.33 -36.44 15.37
N ALA C 275 -21.52 -36.44 14.31
CA ALA C 275 -21.43 -37.56 13.38
C ALA C 275 -19.97 -37.95 13.14
N VAL C 276 -19.74 -39.25 12.96
CA VAL C 276 -18.43 -39.78 12.59
C VAL C 276 -18.63 -40.83 11.51
N VAL C 277 -17.85 -40.76 10.42
CA VAL C 277 -17.87 -41.77 9.37
C VAL C 277 -16.46 -42.32 9.24
N ILE C 278 -16.28 -43.60 9.54
CA ILE C 278 -14.99 -44.27 9.50
C ILE C 278 -14.86 -45.05 8.20
N GLY C 279 -13.88 -44.68 7.40
CA GLY C 279 -13.70 -45.35 6.13
C GLY C 279 -14.51 -44.74 5.04
N GLY C 280 -14.46 -45.37 3.87
CA GLY C 280 -15.11 -44.89 2.68
C GLY C 280 -14.27 -45.16 1.45
N THR C 281 -14.95 -45.21 0.30
CA THR C 281 -14.31 -45.54 -0.95
C THR C 281 -13.69 -44.32 -1.63
N SER C 282 -13.91 -43.11 -1.10
CA SER C 282 -13.32 -41.87 -1.57
C SER C 282 -13.70 -40.79 -0.57
N ALA C 283 -12.95 -39.68 -0.61
CA ALA C 283 -13.16 -38.57 0.33
C ALA C 283 -14.52 -37.92 0.15
N GLU C 284 -14.97 -37.76 -1.10
CA GLU C 284 -16.27 -37.16 -1.37
C GLU C 284 -17.43 -38.07 -0.96
N MET C 285 -17.22 -39.39 -0.89
CA MET C 285 -18.25 -40.31 -0.43
C MET C 285 -18.39 -40.24 1.09
N THR C 286 -17.27 -40.29 1.80
CA THR C 286 -17.25 -40.09 3.24
C THR C 286 -17.97 -38.80 3.64
N MET C 287 -17.68 -37.71 2.92
CA MET C 287 -18.26 -36.43 3.28
C MET C 287 -19.75 -36.37 2.93
N LYS C 288 -20.19 -37.09 1.90
CA LYS C 288 -21.63 -37.14 1.64
C LYS C 288 -22.34 -37.95 2.72
N VAL C 289 -21.79 -39.11 3.04
CA VAL C 289 -22.39 -39.97 4.07
C VAL C 289 -22.39 -39.25 5.41
N LEU C 290 -21.32 -38.50 5.68
CA LEU C 290 -21.25 -37.73 6.91
C LEU C 290 -22.37 -36.72 6.95
N LYS C 291 -22.60 -36.01 5.85
CA LYS C 291 -23.65 -35.00 5.77
C LYS C 291 -25.01 -35.60 6.08
N TYR C 292 -25.34 -36.71 5.41
CA TYR C 292 -26.60 -37.40 5.64
C TYR C 292 -26.70 -37.91 7.07
N ALA C 293 -25.63 -38.52 7.57
CA ALA C 293 -25.65 -39.10 8.90
C ALA C 293 -25.96 -38.06 9.97
N SER C 294 -25.42 -36.83 9.78
CA SER C 294 -25.66 -35.74 10.71
C SER C 294 -27.08 -35.22 10.63
N CYS C 295 -27.78 -35.49 9.53
CA CYS C 295 -29.19 -35.18 9.38
C CYS C 295 -30.12 -36.32 9.82
N HIS C 296 -29.58 -37.40 10.39
CA HIS C 296 -30.33 -38.56 10.90
C HIS C 296 -30.97 -39.40 9.79
N TYR C 297 -30.45 -39.33 8.56
CA TYR C 297 -30.94 -40.12 7.43
C TYR C 297 -30.67 -41.63 7.58
N TYR C 298 -29.56 -42.02 8.22
CA TYR C 298 -29.16 -43.43 8.25
C TYR C 298 -29.57 -44.12 9.55
N ASP C 299 -30.52 -43.53 10.30
CA ASP C 299 -30.87 -44.07 11.60
C ASP C 299 -31.36 -45.52 11.51
N ASP C 300 -31.99 -45.88 10.39
CA ASP C 300 -32.54 -47.23 10.17
C ASP C 300 -31.55 -48.16 9.48
N LEU C 301 -30.32 -47.73 9.25
CA LEU C 301 -29.33 -48.62 8.67
C LEU C 301 -29.02 -49.76 9.64
N ILE C 302 -28.65 -50.92 9.09
CA ILE C 302 -28.28 -52.06 9.91
C ILE C 302 -27.21 -51.63 10.90
N THR C 303 -27.32 -52.11 12.12
CA THR C 303 -26.38 -51.75 13.16
C THR C 303 -25.32 -52.81 13.35
N LYS C 304 -25.33 -53.87 12.54
CA LYS C 304 -24.28 -54.88 12.50
C LYS C 304 -24.20 -55.41 11.08
N PRO C 305 -23.00 -55.70 10.56
CA PRO C 305 -22.88 -56.08 9.17
C PRO C 305 -23.59 -57.39 8.90
N ASP C 306 -24.27 -57.49 7.74
CA ASP C 306 -24.93 -58.71 7.33
C ASP C 306 -24.39 -59.28 6.02
N MET C 307 -23.52 -58.55 5.31
CA MET C 307 -22.94 -59.01 4.04
C MET C 307 -24.02 -59.40 3.03
N LYS C 308 -25.17 -58.73 3.07
CA LYS C 308 -26.32 -59.13 2.26
C LYS C 308 -27.07 -57.93 1.72
N THR C 309 -27.61 -57.10 2.61
CA THR C 309 -28.39 -55.95 2.18
C THR C 309 -27.52 -54.72 1.89
N GLY C 310 -26.34 -54.65 2.49
CA GLY C 310 -25.40 -53.58 2.23
C GLY C 310 -24.15 -53.87 3.04
N TYR C 311 -23.08 -53.13 2.74
CA TYR C 311 -21.82 -53.32 3.42
C TYR C 311 -21.53 -52.25 4.47
N THR C 312 -22.37 -51.25 4.59
CA THR C 312 -22.14 -50.16 5.54
C THR C 312 -23.11 -50.30 6.71
N PHE C 313 -22.61 -50.08 7.92
CA PHE C 313 -23.45 -50.25 9.09
C PHE C 313 -23.18 -49.16 10.11
N ARG C 314 -24.15 -48.96 10.98
CA ARG C 314 -24.12 -47.95 12.03
C ARG C 314 -23.67 -48.59 13.33
N ASP C 315 -22.58 -48.08 13.91
CA ASP C 315 -21.95 -48.72 15.07
C ASP C 315 -22.44 -48.03 16.34
N LEU C 316 -23.42 -48.66 17.00
CA LEU C 316 -24.00 -48.08 18.22
C LEU C 316 -22.99 -48.04 19.37
N GLU C 317 -22.06 -49.00 19.43
CA GLU C 317 -21.08 -49.00 20.51
C GLU C 317 -20.19 -47.76 20.44
N LEU C 318 -19.67 -47.44 19.26
CA LEU C 318 -18.83 -46.26 19.13
C LEU C 318 -19.65 -45.00 19.32
N GLU C 319 -20.94 -45.04 18.97
CA GLU C 319 -21.82 -43.93 19.28
C GLU C 319 -21.81 -43.63 20.77
N GLU C 320 -21.90 -44.67 21.62
CA GLU C 320 -21.86 -44.45 23.06
C GLU C 320 -20.47 -44.03 23.54
N GLU C 321 -19.40 -44.53 22.93
CA GLU C 321 -18.07 -44.13 23.36
C GLU C 321 -17.81 -42.66 23.05
N VAL C 322 -18.10 -42.23 21.82
CA VAL C 322 -17.88 -40.84 21.43
C VAL C 322 -18.77 -39.91 22.25
N LEU C 323 -20.01 -40.33 22.53
CA LEU C 323 -20.89 -39.51 23.35
C LEU C 323 -20.26 -39.25 24.71
N LYS C 324 -19.64 -40.25 25.32
CA LYS C 324 -19.04 -40.04 26.65
C LYS C 324 -17.89 -39.04 26.58
N VAL C 325 -17.10 -39.08 25.51
CA VAL C 325 -16.05 -38.10 25.40
C VAL C 325 -16.65 -36.69 25.31
N CYS C 326 -17.76 -36.55 24.59
CA CYS C 326 -18.40 -35.24 24.39
C CYS C 326 -18.96 -34.71 25.70
N GLN C 327 -19.58 -35.59 26.49
CA GLN C 327 -20.08 -35.21 27.81
C GLN C 327 -18.94 -34.90 28.76
N ASN C 328 -17.74 -35.41 28.48
CA ASN C 328 -16.55 -35.20 29.28
C ASN C 328 -15.64 -34.12 28.74
N ILE C 329 -16.02 -33.50 27.62
CA ILE C 329 -15.11 -32.57 26.96
C ILE C 329 -15.04 -31.23 27.67
N GLY C 330 -16.07 -30.86 28.43
CA GLY C 330 -16.02 -29.69 29.26
C GLY C 330 -16.57 -28.41 28.67
N MET C 331 -16.62 -28.29 27.34
CA MET C 331 -17.14 -27.06 26.76
C MET C 331 -18.66 -27.01 26.88
N GLY C 332 -19.31 -28.17 26.86
CA GLY C 332 -20.73 -28.18 27.07
C GLY C 332 -21.44 -27.35 26.03
N ALA C 333 -22.63 -26.90 26.41
CA ALA C 333 -23.49 -26.08 25.54
C ALA C 333 -22.98 -24.64 25.54
N GLN C 334 -21.87 -24.45 24.84
CA GLN C 334 -21.24 -23.17 24.54
C GLN C 334 -20.47 -22.56 25.72
N PHE C 335 -20.96 -22.68 26.95
CA PHE C 335 -20.32 -21.99 28.06
C PHE C 335 -20.03 -22.92 29.22
N GLY C 336 -19.55 -24.12 28.91
CA GLY C 336 -19.07 -25.04 29.91
C GLY C 336 -20.13 -25.99 30.39
N GLY C 337 -19.82 -27.27 30.41
CA GLY C 337 -20.75 -28.20 31.00
C GLY C 337 -20.73 -29.52 30.27
N LYS C 338 -21.89 -30.17 30.27
CA LYS C 338 -22.02 -31.52 29.76
C LYS C 338 -22.61 -31.58 28.36
N TYR C 339 -23.35 -30.57 27.93
CA TYR C 339 -24.14 -30.73 26.71
C TYR C 339 -23.42 -30.17 25.49
N TYR C 340 -22.18 -30.62 25.30
CA TYR C 340 -21.51 -30.47 24.00
C TYR C 340 -22.35 -31.07 22.87
N ALA C 341 -22.94 -32.24 23.10
CA ALA C 341 -23.68 -32.95 22.05
C ALA C 341 -24.99 -33.54 22.56
N HIS C 342 -26.07 -33.33 21.79
CA HIS C 342 -27.31 -34.08 22.00
C HIS C 342 -27.06 -35.58 21.87
N ASP C 343 -26.45 -36.01 20.77
CA ASP C 343 -26.27 -37.43 20.52
C ASP C 343 -25.17 -37.59 19.47
N VAL C 344 -24.91 -38.86 19.12
CA VAL C 344 -23.78 -39.23 18.27
C VAL C 344 -24.25 -40.27 17.28
N ARG C 345 -23.80 -40.15 16.03
CA ARG C 345 -24.07 -41.12 14.98
C ARG C 345 -22.74 -41.56 14.39
N VAL C 346 -22.57 -42.86 14.21
CA VAL C 346 -21.31 -43.43 13.74
C VAL C 346 -21.61 -44.39 12.61
N ILE C 347 -21.00 -44.17 11.45
CA ILE C 347 -21.20 -45.04 10.29
C ILE C 347 -19.85 -45.61 9.87
N ARG C 348 -19.77 -46.93 9.75
CA ARG C 348 -18.54 -47.63 9.38
C ARG C 348 -18.72 -48.22 7.99
N MET C 349 -17.89 -47.75 7.06
CA MET C 349 -17.93 -48.08 5.66
C MET C 349 -16.71 -48.90 5.28
N PRO C 350 -16.76 -49.58 4.12
CA PRO C 350 -15.55 -50.23 3.59
C PRO C 350 -14.50 -49.22 3.14
N ARG C 351 -13.31 -49.73 2.88
CA ARG C 351 -12.14 -48.94 2.51
C ARG C 351 -11.23 -49.75 1.61
N HIS C 352 -10.51 -49.06 0.73
CA HIS C 352 -9.38 -49.67 0.04
C HIS C 352 -8.28 -49.89 1.07
N GLY C 353 -7.54 -50.99 0.95
CA GLY C 353 -6.56 -51.33 1.97
C GLY C 353 -5.58 -50.21 2.34
N ALA C 354 -5.26 -49.33 1.39
CA ALA C 354 -4.32 -48.24 1.58
C ALA C 354 -4.96 -47.01 2.21
N SER C 355 -6.25 -47.05 2.54
CA SER C 355 -6.96 -45.84 2.88
C SER C 355 -7.83 -46.05 4.10
N CYS C 356 -8.05 -44.97 4.85
CA CYS C 356 -9.09 -44.90 5.88
C CYS C 356 -9.50 -43.43 6.03
N PRO C 357 -10.25 -42.91 5.06
CA PRO C 357 -10.78 -41.56 5.20
C PRO C 357 -11.68 -41.49 6.41
N ILE C 358 -11.63 -40.38 7.12
CA ILE C 358 -12.47 -40.20 8.30
C ILE C 358 -13.16 -38.84 8.23
N GLY C 359 -14.47 -38.83 8.41
CA GLY C 359 -15.24 -37.60 8.45
C GLY C 359 -15.83 -37.36 9.84
N ILE C 360 -15.70 -36.13 10.31
CA ILE C 360 -16.38 -35.71 11.52
C ILE C 360 -17.16 -34.44 11.20
N GLY C 361 -18.33 -34.30 11.80
CA GLY C 361 -19.20 -33.19 11.49
C GLY C 361 -20.33 -33.10 12.49
N VAL C 362 -21.01 -31.96 12.47
CA VAL C 362 -22.09 -31.69 13.39
C VAL C 362 -23.27 -31.12 12.61
N SER C 363 -24.43 -31.30 13.19
CA SER C 363 -25.58 -30.44 12.91
C SER C 363 -25.68 -29.51 14.10
N CYS C 364 -25.85 -28.23 13.83
CA CYS C 364 -25.87 -27.20 14.88
C CYS C 364 -27.25 -27.10 15.51
N SER C 365 -27.43 -26.12 16.39
CA SER C 365 -28.73 -25.88 17.01
C SER C 365 -29.76 -25.42 16.00
N ALA C 366 -29.34 -24.89 14.85
CA ALA C 366 -30.23 -24.70 13.71
C ALA C 366 -30.30 -26.03 12.96
N ASP C 367 -31.06 -26.95 13.53
CA ASP C 367 -31.13 -28.32 13.05
C ASP C 367 -32.24 -28.41 11.99
N ARG C 368 -31.88 -28.22 10.70
CA ARG C 368 -32.82 -27.92 9.61
C ARG C 368 -32.75 -28.92 8.45
N GLN C 369 -33.59 -29.96 8.47
CA GLN C 369 -33.71 -30.92 7.37
C GLN C 369 -35.12 -31.48 7.31
N ALA C 370 -35.57 -31.79 6.09
CA ALA C 370 -36.91 -32.33 5.91
C ALA C 370 -36.90 -33.33 4.78
N LEU C 371 -37.47 -34.50 5.03
CA LEU C 371 -37.74 -35.46 3.98
C LEU C 371 -39.01 -35.08 3.25
N GLY C 372 -39.09 -35.50 2.01
CA GLY C 372 -40.26 -35.25 1.19
C GLY C 372 -40.42 -36.44 0.28
N LYS C 373 -41.56 -36.49 -0.41
CA LYS C 373 -41.79 -37.57 -1.35
C LYS C 373 -42.96 -37.21 -2.25
N ILE C 374 -42.85 -37.63 -3.50
CA ILE C 374 -43.90 -37.45 -4.49
C ILE C 374 -44.19 -38.83 -5.07
N ASN C 375 -45.44 -39.27 -4.98
CA ASN C 375 -45.87 -40.56 -5.48
C ASN C 375 -47.27 -40.38 -6.06
N LYS C 376 -47.94 -41.49 -6.39
CA LYS C 376 -49.25 -41.40 -7.03
C LYS C 376 -50.36 -40.89 -6.11
N ASP C 377 -50.12 -40.78 -4.81
CA ASP C 377 -51.11 -40.32 -3.84
C ASP C 377 -50.91 -38.86 -3.41
N GLY C 378 -49.95 -38.13 -4.00
CA GLY C 378 -49.84 -36.70 -3.80
C GLY C 378 -48.43 -36.29 -3.43
N VAL C 379 -48.33 -35.12 -2.79
CA VAL C 379 -47.07 -34.51 -2.39
C VAL C 379 -46.95 -34.56 -0.87
N TRP C 380 -45.89 -35.21 -0.37
CA TRP C 380 -45.69 -35.44 1.05
C TRP C 380 -44.44 -34.71 1.53
N LEU C 381 -44.49 -34.27 2.79
CA LEU C 381 -43.42 -33.54 3.44
C LEU C 381 -43.31 -34.00 4.89
N GLU C 382 -42.09 -34.19 5.36
CA GLU C 382 -41.88 -34.54 6.77
C GLU C 382 -42.64 -33.59 7.67
N GLU C 383 -43.33 -34.17 8.65
CA GLU C 383 -44.04 -33.37 9.64
C GLU C 383 -43.07 -32.98 10.75
N LEU C 384 -42.80 -31.68 10.85
CA LEU C 384 -41.99 -31.15 11.93
C LEU C 384 -42.92 -30.66 13.03
N GLU C 385 -42.35 -30.23 14.16
CA GLU C 385 -43.17 -29.89 15.31
C GLU C 385 -43.75 -28.48 15.18
N MET C 386 -45.08 -28.38 15.29
CA MET C 386 -45.81 -27.14 14.99
C MET C 386 -46.00 -26.25 16.19
N GLU C 387 -46.16 -26.84 17.39
CA GLU C 387 -46.39 -26.12 18.64
C GLU C 387 -45.25 -26.43 19.60
N PRO C 388 -44.05 -25.88 19.36
CA PRO C 388 -42.89 -26.21 20.20
C PRO C 388 -42.99 -25.74 21.63
N SER C 389 -44.02 -24.97 21.98
CA SER C 389 -44.18 -24.43 23.32
C SER C 389 -44.30 -25.53 24.39
N GLN C 390 -44.75 -26.74 24.02
CA GLN C 390 -44.93 -27.78 25.03
C GLN C 390 -43.62 -28.32 25.58
N TYR C 391 -42.50 -28.01 24.94
CA TYR C 391 -41.19 -28.43 25.43
C TYR C 391 -40.56 -27.39 26.36
N LEU C 392 -41.22 -26.26 26.54
CA LEU C 392 -40.69 -25.26 27.45
C LEU C 392 -40.83 -25.74 28.89
N PRO C 393 -39.80 -25.61 29.73
CA PRO C 393 -39.86 -26.03 31.13
C PRO C 393 -40.71 -25.09 31.98
N THR C 403 -26.03 -15.78 40.11
CA THR C 403 -25.74 -14.37 40.32
C THR C 403 -26.30 -13.58 39.14
N PRO C 404 -26.82 -12.37 39.37
CA PRO C 404 -27.37 -11.59 38.27
C PRO C 404 -26.27 -11.09 37.34
N ALA C 405 -26.67 -10.73 36.13
CA ALA C 405 -25.72 -10.22 35.15
C ALA C 405 -25.17 -8.86 35.56
N VAL C 406 -23.92 -8.61 35.20
CA VAL C 406 -23.33 -7.28 35.32
C VAL C 406 -23.77 -6.44 34.13
N MET C 407 -24.35 -5.27 34.42
CA MET C 407 -24.89 -4.38 33.39
C MET C 407 -23.82 -3.43 32.86
N VAL C 408 -23.72 -3.33 31.54
CA VAL C 408 -22.71 -2.52 30.87
C VAL C 408 -23.40 -1.50 29.96
N ASN C 409 -23.17 -0.22 30.24
CA ASN C 409 -23.65 0.88 29.43
C ASN C 409 -22.64 1.10 28.31
N LEU C 410 -23.01 0.74 27.08
CA LEU C 410 -22.10 0.83 25.95
C LEU C 410 -21.95 2.24 25.40
N ASN C 411 -22.81 3.18 25.82
CA ASN C 411 -22.74 4.55 25.33
C ASN C 411 -21.76 5.45 26.09
N ARG C 412 -20.91 4.89 26.94
CA ARG C 412 -19.87 5.68 27.56
C ARG C 412 -18.64 5.72 26.65
N PRO C 413 -17.71 6.65 26.89
CA PRO C 413 -16.47 6.66 26.11
C PRO C 413 -15.68 5.37 26.27
N MET C 414 -15.13 4.89 25.16
CA MET C 414 -14.51 3.57 25.10
C MET C 414 -13.46 3.30 26.16
N PRO C 415 -12.58 4.24 26.56
CA PRO C 415 -11.72 3.97 27.72
C PRO C 415 -12.48 3.63 28.99
N GLU C 416 -13.64 4.25 29.24
N GLU C 416 -13.64 4.22 29.21
CA GLU C 416 -14.44 3.84 30.39
CA GLU C 416 -14.46 3.86 30.36
C GLU C 416 -15.00 2.43 30.21
C GLU C 416 -15.06 2.46 30.21
N VAL C 417 -15.30 2.02 28.97
CA VAL C 417 -15.84 0.69 28.75
C VAL C 417 -14.80 -0.37 29.08
N LEU C 418 -13.55 -0.14 28.67
CA LEU C 418 -12.47 -1.07 29.00
C LEU C 418 -12.19 -1.07 30.49
N GLN C 419 -12.27 0.10 31.14
CA GLN C 419 -12.04 0.19 32.58
C GLN C 419 -13.08 -0.59 33.38
N GLU C 420 -14.36 -0.47 33.01
CA GLU C 420 -15.40 -1.23 33.71
C GLU C 420 -15.27 -2.73 33.45
N LEU C 421 -15.00 -3.13 32.20
CA LEU C 421 -14.86 -4.55 31.90
C LEU C 421 -13.61 -5.12 32.56
N SER C 422 -12.55 -4.32 32.70
CA SER C 422 -11.32 -4.83 33.30
C SER C 422 -11.49 -5.16 34.77
N LYS C 423 -12.56 -4.67 35.40
CA LYS C 423 -12.89 -4.97 36.78
C LYS C 423 -13.47 -6.37 36.94
N HIS C 424 -13.76 -7.07 35.85
CA HIS C 424 -14.47 -8.32 35.96
C HIS C 424 -13.65 -9.46 35.34
N PRO C 425 -13.61 -10.62 35.98
CA PRO C 425 -12.85 -11.74 35.45
C PRO C 425 -13.63 -12.49 34.36
N VAL C 426 -12.90 -13.31 33.60
CA VAL C 426 -13.57 -14.14 32.62
C VAL C 426 -14.56 -15.04 33.35
N ARG C 427 -15.57 -15.50 32.59
CA ARG C 427 -16.80 -16.20 32.99
C ARG C 427 -17.90 -15.23 33.41
N THR C 428 -17.60 -13.94 33.59
CA THR C 428 -18.58 -12.99 34.10
C THR C 428 -19.69 -12.76 33.08
N ARG C 429 -20.93 -13.02 33.49
CA ARG C 429 -22.07 -12.75 32.63
C ARG C 429 -22.35 -11.25 32.56
N LEU C 430 -22.73 -10.78 31.39
CA LEU C 430 -22.96 -9.35 31.19
C LEU C 430 -24.36 -9.12 30.65
N SER C 431 -24.80 -7.86 30.80
CA SER C 431 -26.04 -7.37 30.19
C SER C 431 -25.68 -6.02 29.59
N LEU C 432 -25.70 -5.94 28.27
CA LEU C 432 -25.14 -4.82 27.51
C LEU C 432 -26.26 -3.95 26.95
N THR C 433 -26.09 -2.63 27.01
CA THR C 433 -27.07 -1.69 26.45
C THR C 433 -26.34 -0.54 25.76
N GLY C 434 -26.72 -0.24 24.51
CA GLY C 434 -26.19 0.91 23.83
C GLY C 434 -25.90 0.63 22.37
N THR C 435 -25.04 1.48 21.80
CA THR C 435 -24.72 1.44 20.37
C THR C 435 -23.64 0.40 20.11
N ILE C 436 -23.81 -0.34 19.03
CA ILE C 436 -22.89 -1.39 18.61
C ILE C 436 -22.63 -1.26 17.11
N ILE C 437 -21.38 -1.44 16.70
CA ILE C 437 -21.01 -1.55 15.29
C ILE C 437 -21.01 -3.02 14.89
N VAL C 438 -21.54 -3.31 13.71
CA VAL C 438 -21.64 -4.67 13.22
C VAL C 438 -20.78 -4.80 11.97
N ALA C 439 -19.88 -5.78 11.98
CA ALA C 439 -19.01 -6.07 10.84
C ALA C 439 -18.50 -7.49 10.99
N ARG C 440 -18.51 -8.24 9.88
CA ARG C 440 -17.93 -9.57 9.90
C ARG C 440 -16.98 -9.77 8.71
N ASP C 441 -17.05 -10.94 8.05
CA ASP C 441 -15.98 -11.37 7.17
C ASP C 441 -15.67 -10.35 6.10
N SER C 442 -16.65 -10.02 5.26
CA SER C 442 -16.39 -9.14 4.12
C SER C 442 -16.03 -7.74 4.58
N ALA C 443 -16.69 -7.23 5.63
CA ALA C 443 -16.35 -5.90 6.08
C ALA C 443 -14.96 -5.85 6.71
N HIS C 444 -14.58 -6.90 7.44
CA HIS C 444 -13.23 -6.98 8.01
C HIS C 444 -12.17 -7.05 6.92
N ALA C 445 -12.44 -7.83 5.87
CA ALA C 445 -11.51 -7.96 4.75
C ALA C 445 -11.27 -6.62 4.04
N ARG C 446 -12.33 -5.83 3.85
CA ARG C 446 -12.20 -4.56 3.15
C ARG C 446 -11.44 -3.53 3.99
N MET C 447 -11.66 -3.51 5.31
CA MET C 447 -10.93 -2.56 6.15
C MET C 447 -9.46 -2.92 6.17
N ARG C 448 -9.15 -4.22 6.14
CA ARG C 448 -7.76 -4.63 6.05
C ARG C 448 -7.15 -4.20 4.73
N GLU C 449 -7.92 -4.26 3.64
CA GLU C 449 -7.42 -3.73 2.37
C GLU C 449 -7.15 -2.24 2.50
N MET C 450 -8.05 -1.51 3.17
CA MET C 450 -7.87 -0.07 3.35
C MET C 450 -6.62 0.22 4.16
N LEU C 451 -6.44 -0.47 5.29
CA LEU C 451 -5.28 -0.24 6.15
C LEU C 451 -3.99 -0.49 5.39
N GLU C 452 -3.98 -1.52 4.55
CA GLU C 452 -2.81 -1.82 3.73
C GLU C 452 -2.62 -0.79 2.63
N ALA C 453 -3.65 0.00 2.32
CA ALA C 453 -3.57 1.11 1.37
C ALA C 453 -3.15 2.44 2.00
N GLY C 454 -2.90 2.47 3.31
CA GLY C 454 -2.65 3.73 3.99
C GLY C 454 -3.87 4.59 4.29
N LYS C 455 -5.08 4.03 4.30
CA LYS C 455 -6.29 4.70 4.74
C LYS C 455 -6.59 4.32 6.17
N PRO C 456 -7.05 5.26 6.99
CA PRO C 456 -7.25 4.96 8.41
C PRO C 456 -8.39 3.98 8.60
N LEU C 457 -8.26 3.18 9.67
CA LEU C 457 -9.36 2.33 10.10
C LEU C 457 -10.56 3.22 10.38
N PRO C 458 -11.75 2.86 9.91
CA PRO C 458 -12.94 3.68 10.19
C PRO C 458 -13.01 4.07 11.65
N GLN C 459 -13.34 5.33 11.89
CA GLN C 459 -13.36 5.82 13.25
C GLN C 459 -14.41 5.10 14.10
N TYR C 460 -15.53 4.67 13.50
CA TYR C 460 -16.55 4.02 14.31
C TYR C 460 -16.07 2.72 14.95
N MET C 461 -15.05 2.08 14.37
CA MET C 461 -14.46 0.89 14.98
C MET C 461 -13.73 1.21 16.28
N LYS C 462 -13.36 2.48 16.47
CA LYS C 462 -12.62 2.94 17.65
C LYS C 462 -13.52 3.59 18.70
N GLU C 463 -14.82 3.66 18.44
CA GLU C 463 -15.75 4.34 19.33
C GLU C 463 -16.82 3.44 19.91
N HIS C 464 -16.98 2.22 19.41
CA HIS C 464 -18.03 1.33 19.86
C HIS C 464 -17.50 -0.09 19.90
N PRO C 465 -18.14 -0.99 20.65
CA PRO C 465 -17.86 -2.41 20.48
C PRO C 465 -18.20 -2.87 19.08
N VAL C 466 -17.53 -3.95 18.65
CA VAL C 466 -17.78 -4.56 17.34
C VAL C 466 -18.46 -5.90 17.57
N TYR C 467 -19.61 -6.09 16.91
CA TYR C 467 -20.42 -7.30 16.95
C TYR C 467 -20.29 -7.97 15.60
N TYR C 468 -19.75 -9.18 15.57
CA TYR C 468 -19.60 -9.93 14.33
C TYR C 468 -20.96 -10.54 14.01
N ALA C 469 -21.65 -10.02 13.02
CA ALA C 469 -22.99 -10.54 12.76
C ALA C 469 -23.48 -10.11 11.38
N GLY C 470 -24.50 -10.82 10.91
CA GLY C 470 -25.21 -10.47 9.70
C GLY C 470 -26.70 -10.74 9.78
N PRO C 471 -27.51 -9.69 9.69
CA PRO C 471 -28.95 -9.85 9.91
C PRO C 471 -29.66 -10.48 8.72
N ALA C 472 -30.75 -11.19 9.03
CA ALA C 472 -31.78 -11.51 8.05
C ALA C 472 -32.71 -10.32 7.86
N LYS C 473 -33.62 -10.45 6.90
CA LYS C 473 -34.45 -9.32 6.49
C LYS C 473 -35.35 -8.84 7.62
N GLN C 474 -35.62 -7.53 7.61
CA GLN C 474 -36.38 -6.91 8.68
C GLN C 474 -37.88 -7.07 8.43
N PRO C 475 -38.62 -7.72 9.33
CA PRO C 475 -40.07 -7.83 9.13
C PRO C 475 -40.77 -6.49 9.32
N ASP C 476 -41.85 -6.32 8.58
CA ASP C 476 -42.69 -5.14 8.74
C ASP C 476 -43.19 -5.08 10.18
N GLY C 477 -43.02 -3.92 10.81
CA GLY C 477 -43.49 -3.72 12.16
C GLY C 477 -42.62 -4.31 13.23
N LEU C 478 -41.43 -4.81 12.90
CA LEU C 478 -40.51 -5.32 13.89
C LEU C 478 -39.20 -4.53 13.86
N PRO C 479 -38.52 -4.39 15.00
CA PRO C 479 -37.30 -3.57 15.01
C PRO C 479 -36.14 -4.19 14.27
N SER C 480 -36.14 -5.51 14.12
CA SER C 480 -34.96 -6.19 13.63
C SER C 480 -35.39 -7.52 13.03
N GLY C 481 -34.70 -7.93 11.98
CA GLY C 481 -34.73 -9.31 11.59
C GLY C 481 -33.83 -10.11 12.51
N SER C 482 -33.88 -11.43 12.39
CA SER C 482 -32.94 -12.28 13.08
C SER C 482 -31.51 -11.80 12.88
N PHE C 483 -30.77 -11.71 13.98
CA PHE C 483 -29.55 -10.92 14.02
C PHE C 483 -28.62 -11.52 15.07
N GLY C 484 -28.39 -12.82 15.01
CA GLY C 484 -27.51 -13.46 15.94
C GLY C 484 -26.07 -13.32 15.52
N PRO C 485 -25.18 -13.81 16.38
CA PRO C 485 -23.73 -13.65 16.17
C PRO C 485 -23.08 -14.69 15.27
N THR C 486 -22.09 -14.19 14.52
CA THR C 486 -21.21 -14.92 13.60
C THR C 486 -20.05 -15.58 14.36
N THR C 487 -19.50 -16.65 13.77
CA THR C 487 -18.34 -17.34 14.33
C THR C 487 -17.16 -16.38 14.56
N ALA C 488 -16.74 -16.27 15.81
CA ALA C 488 -15.69 -15.32 16.19
C ALA C 488 -14.34 -15.75 15.66
N GLY C 489 -14.12 -17.06 15.52
CA GLY C 489 -12.83 -17.57 15.10
C GLY C 489 -12.42 -17.17 13.70
N ARG C 490 -13.39 -16.89 12.82
CA ARG C 490 -13.08 -16.41 11.48
C ARG C 490 -12.50 -15.01 11.44
N MET C 491 -12.59 -14.26 12.53
CA MET C 491 -12.07 -12.91 12.58
C MET C 491 -10.73 -12.80 13.31
N ASP C 492 -10.20 -13.91 13.82
CA ASP C 492 -8.93 -13.88 14.55
C ASP C 492 -7.76 -13.24 13.82
N PRO C 493 -7.59 -13.38 12.50
CA PRO C 493 -6.47 -12.68 11.84
C PRO C 493 -6.56 -11.17 11.84
N PHE C 494 -7.64 -10.56 12.31
CA PHE C 494 -7.74 -9.11 12.26
C PHE C 494 -7.57 -8.43 13.62
N VAL C 495 -7.50 -9.17 14.72
CA VAL C 495 -7.57 -8.57 16.06
C VAL C 495 -6.32 -7.74 16.35
N ASP C 496 -5.14 -8.37 16.27
CA ASP C 496 -3.91 -7.62 16.53
C ASP C 496 -3.75 -6.47 15.54
N LEU C 497 -4.02 -6.73 14.26
CA LEU C 497 -3.97 -5.70 13.24
C LEU C 497 -4.88 -4.53 13.58
N PHE C 498 -6.15 -4.81 13.88
CA PHE C 498 -7.10 -3.73 14.12
C PHE C 498 -6.85 -3.05 15.46
N GLN C 499 -6.51 -3.81 16.51
CA GLN C 499 -6.25 -3.21 17.81
C GLN C 499 -4.98 -2.38 17.82
N SER C 500 -4.02 -2.71 16.95
CA SER C 500 -2.84 -1.88 16.77
C SER C 500 -3.18 -0.53 16.17
N HIS C 501 -4.35 -0.39 15.58
CA HIS C 501 -4.88 0.87 15.06
C HIS C 501 -5.85 1.54 16.02
N GLY C 502 -6.02 1.01 17.23
CA GLY C 502 -6.93 1.55 18.23
C GLY C 502 -8.37 1.12 18.08
N GLY C 503 -8.65 0.16 17.21
CA GLY C 503 -9.98 -0.33 16.96
C GLY C 503 -10.11 -1.79 17.39
N SER C 504 -11.35 -2.30 17.30
CA SER C 504 -11.65 -3.68 17.67
C SER C 504 -11.30 -3.97 19.12
N MET C 505 -11.51 -2.98 19.99
CA MET C 505 -11.10 -3.13 21.37
C MET C 505 -12.08 -3.97 22.17
N VAL C 506 -13.37 -3.89 21.84
CA VAL C 506 -14.42 -4.68 22.46
C VAL C 506 -15.12 -5.45 21.34
N MET C 507 -15.15 -6.78 21.46
CA MET C 507 -15.67 -7.65 20.42
C MET C 507 -16.71 -8.60 21.00
N LEU C 508 -17.80 -8.81 20.24
CA LEU C 508 -18.93 -9.65 20.66
C LEU C 508 -19.31 -10.61 19.54
N ALA C 509 -19.19 -11.91 19.79
CA ALA C 509 -19.52 -12.92 18.80
C ALA C 509 -19.80 -14.23 19.54
N LYS C 510 -19.66 -15.36 18.84
CA LYS C 510 -19.90 -16.63 19.49
C LYS C 510 -18.76 -17.58 19.18
N GLY C 511 -18.52 -18.51 20.10
CA GLY C 511 -17.48 -19.49 19.89
C GLY C 511 -16.18 -19.05 20.53
N ASN C 512 -15.33 -20.03 20.81
CA ASN C 512 -14.01 -19.77 21.34
C ASN C 512 -13.08 -19.22 20.24
N ARG C 513 -12.01 -18.56 20.65
CA ARG C 513 -11.03 -17.98 19.75
C ARG C 513 -9.64 -18.57 20.01
N SER C 514 -8.71 -18.25 19.13
CA SER C 514 -7.37 -18.80 19.18
C SER C 514 -6.52 -18.10 20.25
N LYS C 515 -5.38 -18.71 20.56
CA LYS C 515 -4.49 -18.14 21.57
C LYS C 515 -3.89 -16.81 21.14
N GLN C 516 -3.93 -16.48 19.85
CA GLN C 516 -3.35 -15.22 19.39
C GLN C 516 -4.28 -14.04 19.64
N VAL C 517 -5.59 -14.26 19.74
CA VAL C 517 -6.47 -13.17 20.16
C VAL C 517 -6.30 -12.91 21.65
N THR C 518 -6.11 -13.97 22.45
CA THR C 518 -5.90 -13.80 23.88
C THR C 518 -4.66 -12.95 24.17
N LYS C 519 -3.56 -13.21 23.46
CA LYS C 519 -2.35 -12.41 23.68
C LYS C 519 -2.56 -10.98 23.19
N ALA C 520 -3.26 -10.80 22.06
CA ALA C 520 -3.48 -9.45 21.56
C ALA C 520 -4.31 -8.63 22.53
N CYS C 521 -5.35 -9.21 23.12
CA CYS C 521 -6.14 -8.49 24.12
C CYS C 521 -5.31 -8.18 25.36
N HIS C 522 -4.42 -9.11 25.75
CA HIS C 522 -3.47 -8.84 26.83
C HIS C 522 -2.49 -7.75 26.43
N LYS C 523 -2.11 -7.74 25.13
CA LYS C 523 -1.15 -6.81 24.56
C LYS C 523 -1.73 -5.40 24.45
N TYR C 524 -3.00 -5.27 24.06
CA TYR C 524 -3.63 -3.99 23.81
C TYR C 524 -4.73 -3.61 24.81
N GLY C 525 -5.13 -4.51 25.71
CA GLY C 525 -6.12 -4.16 26.71
C GLY C 525 -7.55 -4.26 26.24
N GLY C 526 -7.84 -5.19 25.33
CA GLY C 526 -9.17 -5.38 24.82
C GLY C 526 -9.89 -6.58 25.39
N PHE C 527 -11.10 -6.82 24.86
CA PHE C 527 -12.03 -7.79 25.40
C PHE C 527 -12.75 -8.49 24.26
N TYR C 528 -12.93 -9.80 24.40
CA TYR C 528 -13.84 -10.60 23.58
C TYR C 528 -14.95 -11.08 24.51
N LEU C 529 -16.17 -10.64 24.25
CA LEU C 529 -17.36 -11.10 24.96
C LEU C 529 -18.03 -12.14 24.09
N GLY C 530 -18.32 -13.31 24.67
CA GLY C 530 -18.94 -14.39 23.92
C GLY C 530 -20.45 -14.36 24.08
N SER C 531 -21.14 -14.54 22.97
CA SER C 531 -22.60 -14.50 22.96
C SER C 531 -23.16 -15.89 22.74
N ILE C 532 -24.42 -16.06 23.11
CA ILE C 532 -25.11 -17.30 22.77
C ILE C 532 -25.31 -17.34 21.27
N GLY C 533 -24.83 -18.41 20.63
CA GLY C 533 -25.15 -18.66 19.24
C GLY C 533 -26.37 -19.55 19.17
N GLY C 534 -27.23 -19.28 18.19
CA GLY C 534 -28.41 -20.09 18.01
C GLY C 534 -29.72 -19.33 18.09
N PRO C 535 -29.97 -18.64 19.22
CA PRO C 535 -31.29 -18.00 19.38
C PRO C 535 -31.36 -16.57 18.81
N ALA C 536 -31.24 -16.49 17.48
CA ALA C 536 -31.26 -15.21 16.78
C ALA C 536 -32.62 -14.56 16.79
N ALA C 537 -33.69 -15.36 16.82
CA ALA C 537 -35.03 -14.76 16.88
C ALA C 537 -35.28 -14.11 18.23
N VAL C 538 -34.72 -14.68 19.30
CA VAL C 538 -34.85 -14.11 20.65
C VAL C 538 -34.13 -12.76 20.75
N LEU C 539 -32.93 -12.67 20.17
CA LEU C 539 -32.21 -11.41 20.21
C LEU C 539 -32.93 -10.33 19.40
N ALA C 540 -33.37 -10.67 18.19
CA ALA C 540 -34.09 -9.69 17.37
C ALA C 540 -35.38 -9.24 18.02
N GLN C 541 -36.03 -10.12 18.78
CA GLN C 541 -37.29 -9.76 19.39
C GLN C 541 -37.11 -8.96 20.68
N ASN C 542 -36.11 -9.32 21.48
CA ASN C 542 -35.99 -8.82 22.84
C ASN C 542 -34.81 -7.88 23.10
N ALA C 543 -33.69 -8.00 22.37
CA ALA C 543 -32.49 -7.26 22.71
C ALA C 543 -32.14 -6.15 21.74
N ILE C 544 -32.43 -6.33 20.45
CA ILE C 544 -32.04 -5.38 19.41
C ILE C 544 -33.18 -4.38 19.21
N LYS C 545 -32.91 -3.11 19.49
CA LYS C 545 -33.95 -2.08 19.54
C LYS C 545 -34.01 -1.18 18.30
N LYS C 546 -32.92 -1.04 17.55
CA LYS C 546 -32.94 -0.29 16.31
C LYS C 546 -31.78 -0.76 15.47
N VAL C 547 -31.98 -0.84 14.15
CA VAL C 547 -30.96 -1.31 13.21
C VAL C 547 -30.88 -0.34 12.05
N GLU C 548 -29.67 0.08 11.73
CA GLU C 548 -29.39 0.96 10.60
C GLU C 548 -28.26 0.35 9.80
N CYS C 549 -28.31 0.56 8.49
CA CYS C 549 -27.19 0.25 7.62
C CYS C 549 -26.28 1.47 7.62
N LEU C 550 -25.01 1.28 8.01
CA LEU C 550 -24.07 2.38 8.21
C LEU C 550 -23.05 2.52 7.10
N ASP C 551 -22.55 1.42 6.54
CA ASP C 551 -21.37 1.52 5.70
C ASP C 551 -21.24 0.27 4.87
N MET C 552 -20.43 0.37 3.81
CA MET C 552 -20.15 -0.76 2.93
C MET C 552 -21.45 -1.39 2.46
N LYS C 553 -22.40 -0.53 2.09
CA LYS C 553 -23.74 -1.00 1.78
C LYS C 553 -23.78 -1.88 0.53
N ASP C 554 -22.77 -1.79 -0.34
CA ASP C 554 -22.73 -2.64 -1.52
C ASP C 554 -22.80 -4.11 -1.15
N LEU C 555 -22.09 -4.51 -0.09
CA LEU C 555 -22.19 -5.87 0.39
C LEU C 555 -23.62 -6.17 0.81
N GLY C 556 -23.89 -7.41 1.16
CA GLY C 556 -25.25 -7.74 1.52
C GLY C 556 -25.53 -7.52 2.99
N MET C 557 -25.87 -8.62 3.68
CA MET C 557 -25.95 -8.62 5.12
C MET C 557 -24.60 -8.32 5.77
N GLU C 558 -23.51 -8.42 5.00
CA GLU C 558 -22.16 -8.18 5.48
C GLU C 558 -21.81 -6.69 5.51
N ALA C 559 -22.76 -5.81 5.22
CA ALA C 559 -22.53 -4.37 5.34
C ALA C 559 -22.17 -4.04 6.78
N VAL C 560 -21.59 -2.87 6.98
CA VAL C 560 -21.41 -2.41 8.35
C VAL C 560 -22.74 -1.81 8.82
N TRP C 561 -23.20 -2.28 9.97
CA TRP C 561 -24.47 -1.81 10.52
C TRP C 561 -24.22 -1.09 11.84
N ARG C 562 -25.17 -0.27 12.23
CA ARG C 562 -25.18 0.36 13.56
C ARG C 562 -26.50 0.03 14.22
N ILE C 563 -26.44 -0.60 15.39
CA ILE C 563 -27.65 -1.05 16.07
C ILE C 563 -27.68 -0.51 17.48
N GLU C 564 -28.89 -0.32 18.02
CA GLU C 564 -29.07 0.10 19.40
C GLU C 564 -29.64 -1.08 20.17
N VAL C 565 -28.97 -1.49 21.24
CA VAL C 565 -29.34 -2.67 22.00
C VAL C 565 -29.61 -2.33 23.46
N GLU C 566 -30.44 -3.16 24.08
CA GLU C 566 -30.73 -3.10 25.51
C GLU C 566 -30.63 -4.51 26.08
N ASN C 567 -29.80 -4.67 27.11
CA ASN C 567 -29.67 -5.95 27.83
C ASN C 567 -29.25 -7.11 26.92
N PHE C 568 -28.22 -6.87 26.11
CA PHE C 568 -27.69 -7.93 25.25
C PHE C 568 -26.83 -8.89 26.07
N PRO C 569 -27.18 -10.17 26.15
CA PRO C 569 -26.43 -11.09 27.01
C PRO C 569 -25.08 -11.51 26.44
N ALA C 570 -24.11 -11.62 27.33
CA ALA C 570 -22.76 -11.99 26.94
C ALA C 570 -22.03 -12.50 28.17
N PHE C 571 -20.99 -13.28 27.91
CA PHE C 571 -20.04 -13.73 28.90
C PHE C 571 -18.69 -13.13 28.55
N ILE C 572 -17.87 -12.86 29.55
CA ILE C 572 -16.47 -12.50 29.29
C ILE C 572 -15.70 -13.77 28.94
N VAL C 573 -15.20 -13.85 27.71
CA VAL C 573 -14.48 -15.01 27.22
C VAL C 573 -12.98 -14.77 27.13
N VAL C 574 -12.58 -13.58 26.70
CA VAL C 574 -11.18 -13.13 26.80
C VAL C 574 -11.20 -11.78 27.50
N ASP C 575 -10.33 -11.61 28.48
CA ASP C 575 -10.25 -10.33 29.17
C ASP C 575 -9.01 -9.57 28.71
N ASP C 576 -8.70 -8.48 29.41
CA ASP C 576 -7.56 -7.65 29.06
C ASP C 576 -6.29 -8.05 29.79
N LYS C 577 -6.23 -9.27 30.35
CA LYS C 577 -5.12 -9.66 31.21
C LYS C 577 -4.49 -10.99 30.84
N GLY C 578 -4.83 -11.54 29.67
CA GLY C 578 -4.26 -12.79 29.24
C GLY C 578 -5.06 -14.01 29.61
N ASN C 579 -6.31 -13.84 30.04
CA ASN C 579 -7.13 -14.93 30.51
C ASN C 579 -8.17 -15.30 29.46
N ASP C 580 -8.35 -16.60 29.25
CA ASP C 580 -9.32 -17.12 28.30
C ASP C 580 -10.19 -18.13 29.02
N PHE C 581 -11.51 -17.94 28.94
CA PHE C 581 -12.51 -18.82 29.53
C PHE C 581 -12.11 -20.29 29.41
N PHE C 582 -11.75 -20.71 28.20
CA PHE C 582 -11.45 -22.12 27.92
C PHE C 582 -9.98 -22.44 28.19
N GLU C 583 -9.47 -21.99 29.34
CA GLU C 583 -8.10 -22.25 29.79
C GLU C 583 -7.60 -23.66 29.48
N GLN C 584 -8.16 -24.65 30.19
CA GLN C 584 -7.83 -26.07 29.98
C GLN C 584 -6.32 -26.32 29.91
N PHE D 48 -36.40 -13.88 -10.44
CA PHE D 48 -35.93 -15.27 -10.54
C PHE D 48 -35.17 -15.49 -11.83
N ASN D 49 -33.89 -15.83 -11.69
CA ASN D 49 -33.01 -16.11 -12.81
C ASN D 49 -32.27 -17.41 -12.49
N PHE D 50 -32.69 -18.53 -13.08
CA PHE D 50 -32.05 -19.81 -12.81
C PHE D 50 -30.71 -19.92 -13.54
N VAL D 51 -29.64 -20.16 -12.79
CA VAL D 51 -28.34 -20.50 -13.40
C VAL D 51 -27.70 -21.61 -12.55
N PRO D 52 -27.28 -22.70 -13.16
CA PRO D 52 -26.76 -23.85 -12.40
C PRO D 52 -25.47 -23.59 -11.64
N LEU D 53 -25.27 -24.39 -10.59
CA LEU D 53 -24.03 -24.35 -9.80
C LEU D 53 -22.79 -24.51 -10.68
N VAL D 54 -22.79 -25.54 -11.51
CA VAL D 54 -21.73 -25.82 -12.48
C VAL D 54 -22.41 -26.04 -13.81
N SER D 55 -21.90 -25.41 -14.86
CA SER D 55 -22.53 -25.62 -16.15
C SER D 55 -22.18 -27.00 -16.70
N LYS D 56 -23.00 -27.47 -17.63
CA LYS D 56 -22.65 -28.68 -18.35
C LYS D 56 -21.45 -28.40 -19.24
N VAL D 57 -20.56 -29.37 -19.35
CA VAL D 57 -19.24 -29.16 -19.93
C VAL D 57 -19.10 -30.12 -21.11
N SER D 58 -18.52 -29.63 -22.19
CA SER D 58 -18.23 -30.49 -23.33
C SER D 58 -16.91 -31.23 -23.09
N HIS D 59 -16.66 -32.20 -23.98
CA HIS D 59 -15.45 -32.98 -23.95
C HIS D 59 -14.99 -33.10 -25.40
N LYS D 60 -14.45 -31.99 -25.92
CA LYS D 60 -14.19 -31.87 -27.35
C LYS D 60 -12.93 -32.61 -27.78
N GLU D 61 -11.99 -32.85 -26.87
CA GLU D 61 -10.79 -33.62 -27.17
C GLU D 61 -10.91 -35.07 -26.76
N THR D 62 -12.12 -35.54 -26.47
CA THR D 62 -12.38 -36.92 -26.05
C THR D 62 -12.93 -37.64 -27.27
N LYS D 63 -12.11 -38.47 -27.88
CA LYS D 63 -12.56 -39.30 -28.98
C LYS D 63 -13.11 -40.59 -28.40
N TYR D 64 -14.24 -41.02 -28.94
CA TYR D 64 -14.88 -42.25 -28.51
C TYR D 64 -14.72 -43.31 -29.59
N ARG D 65 -14.46 -44.53 -29.16
CA ARG D 65 -14.54 -45.68 -30.05
C ARG D 65 -15.82 -46.46 -29.72
N LEU D 66 -16.41 -47.02 -30.76
CA LEU D 66 -17.68 -47.75 -30.63
C LEU D 66 -17.39 -49.19 -30.22
N LEU D 67 -18.08 -49.64 -29.16
CA LEU D 67 -17.98 -51.02 -28.69
C LEU D 67 -19.01 -51.95 -29.37
N THR D 68 -20.23 -51.47 -29.55
CA THR D 68 -21.31 -52.31 -30.09
C THR D 68 -22.52 -51.44 -30.40
N LYS D 69 -23.23 -51.82 -31.45
CA LYS D 69 -24.54 -51.28 -31.75
C LYS D 69 -25.65 -52.11 -31.14
N ASP D 70 -25.29 -53.14 -30.39
CA ASP D 70 -26.25 -54.01 -29.71
C ASP D 70 -26.82 -53.29 -28.49
N TYR D 71 -27.88 -53.89 -27.94
CA TYR D 71 -28.49 -53.60 -26.65
C TYR D 71 -29.42 -52.39 -26.59
N VAL D 72 -29.62 -51.63 -27.65
CA VAL D 72 -30.34 -50.36 -27.59
C VAL D 72 -31.48 -50.38 -28.59
N SER D 73 -32.64 -49.85 -28.17
CA SER D 73 -33.87 -49.82 -28.97
C SER D 73 -34.61 -48.54 -28.67
N VAL D 74 -35.15 -47.89 -29.70
CA VAL D 74 -35.94 -46.68 -29.55
C VAL D 74 -37.42 -47.03 -29.67
N VAL D 75 -38.19 -46.69 -28.64
CA VAL D 75 -39.62 -46.96 -28.61
C VAL D 75 -40.40 -45.69 -28.33
N GLN D 76 -41.64 -45.67 -28.81
CA GLN D 76 -42.54 -44.56 -28.58
C GLN D 76 -43.65 -45.07 -27.69
N PRO D 77 -43.59 -44.85 -26.38
CA PRO D 77 -44.59 -45.44 -25.48
C PRO D 77 -45.96 -44.77 -25.55
N GLY D 78 -46.11 -43.70 -26.30
CA GLY D 78 -47.41 -43.06 -26.37
C GLY D 78 -47.66 -42.29 -25.10
N ALA D 79 -48.94 -42.07 -24.80
CA ALA D 79 -49.30 -41.24 -23.65
C ALA D 79 -48.54 -39.92 -23.72
N GLY D 80 -48.31 -39.26 -22.60
CA GLY D 80 -47.61 -38.01 -22.74
C GLY D 80 -46.10 -38.18 -22.70
N LEU D 81 -45.62 -39.35 -23.13
CA LEU D 81 -44.18 -39.60 -23.04
C LEU D 81 -43.51 -39.43 -24.40
N PRO D 82 -42.29 -38.86 -24.40
CA PRO D 82 -41.49 -38.77 -25.62
C PRO D 82 -40.87 -40.10 -26.03
N GLU D 83 -40.11 -40.11 -27.13
CA GLU D 83 -39.40 -41.32 -27.52
C GLU D 83 -38.42 -41.73 -26.43
N MET D 84 -38.29 -43.03 -26.22
CA MET D 84 -37.48 -43.59 -25.15
C MET D 84 -36.40 -44.48 -25.73
N LEU D 85 -35.31 -44.61 -24.98
CA LEU D 85 -34.21 -45.50 -25.34
C LEU D 85 -34.27 -46.68 -24.40
N ARG D 86 -34.42 -47.87 -24.96
CA ARG D 86 -34.41 -49.11 -24.19
C ARG D 86 -33.00 -49.67 -24.27
N VAL D 87 -32.37 -49.85 -23.11
CA VAL D 87 -30.99 -50.30 -23.00
C VAL D 87 -30.98 -51.62 -22.27
N ASP D 88 -30.50 -52.68 -22.92
CA ASP D 88 -30.31 -53.92 -22.22
C ASP D 88 -29.24 -53.73 -21.13
N PRO D 89 -29.47 -54.25 -19.91
CA PRO D 89 -28.51 -54.05 -18.82
C PRO D 89 -27.11 -54.54 -19.16
N ALA D 90 -26.99 -55.56 -20.02
CA ALA D 90 -25.67 -56.03 -20.44
C ALA D 90 -24.83 -54.94 -21.10
N ALA D 91 -25.46 -53.88 -21.62
CA ALA D 91 -24.70 -52.76 -22.17
C ALA D 91 -23.91 -52.04 -21.09
N LEU D 92 -24.47 -51.96 -19.87
CA LEU D 92 -23.75 -51.33 -18.77
C LEU D 92 -22.63 -52.25 -18.28
N THR D 93 -22.88 -53.56 -18.28
CA THR D 93 -21.87 -54.55 -17.88
C THR D 93 -20.69 -54.58 -18.84
N LEU D 94 -20.96 -54.54 -20.15
CA LEU D 94 -19.88 -54.56 -21.13
C LEU D 94 -19.04 -53.28 -21.06
N LEU D 95 -19.70 -52.13 -20.91
CA LEU D 95 -18.99 -50.86 -20.92
C LEU D 95 -18.07 -50.76 -19.71
N SER D 96 -18.57 -51.12 -18.53
CA SER D 96 -17.74 -51.04 -17.34
C SER D 96 -16.61 -52.07 -17.38
N SER D 97 -16.90 -53.28 -17.83
CA SER D 97 -15.84 -54.27 -17.97
C SER D 97 -14.79 -53.83 -18.99
N THR D 98 -15.23 -53.23 -20.10
CA THR D 98 -14.29 -52.74 -21.11
C THR D 98 -13.55 -51.51 -20.61
N ALA D 99 -14.26 -50.57 -19.98
CA ALA D 99 -13.65 -49.33 -19.51
C ALA D 99 -12.59 -49.60 -18.45
N PHE D 100 -12.85 -50.53 -17.54
CA PHE D 100 -11.84 -50.80 -16.53
C PHE D 100 -10.71 -51.63 -17.11
N ASP D 101 -11.03 -52.53 -18.04
CA ASP D 101 -9.99 -53.17 -18.82
C ASP D 101 -9.01 -52.14 -19.36
N ASP D 102 -9.53 -51.06 -19.95
CA ASP D 102 -8.66 -50.12 -20.64
C ASP D 102 -7.89 -49.23 -19.67
N VAL D 103 -8.51 -48.78 -18.57
CA VAL D 103 -7.79 -47.87 -17.67
C VAL D 103 -6.66 -48.56 -16.92
N GLU D 104 -6.70 -49.90 -16.74
CA GLU D 104 -5.61 -50.55 -16.03
C GLU D 104 -4.39 -50.82 -16.92
N HIS D 105 -4.57 -50.82 -18.24
CA HIS D 105 -3.47 -51.14 -19.15
C HIS D 105 -3.06 -49.98 -20.05
N LEU D 106 -3.93 -49.00 -20.27
CA LEU D 106 -3.71 -47.93 -21.22
C LEU D 106 -3.79 -46.57 -20.53
N LEU D 107 -3.27 -45.56 -21.22
CA LEU D 107 -3.18 -44.20 -20.71
C LEU D 107 -3.67 -43.23 -21.79
N ARG D 108 -4.02 -42.02 -21.37
CA ARG D 108 -4.36 -40.96 -22.33
C ARG D 108 -3.15 -40.54 -23.14
N SER D 109 -3.38 -40.19 -24.39
CA SER D 109 -2.29 -39.66 -25.20
C SER D 109 -1.70 -38.42 -24.55
N SER D 110 -2.56 -37.53 -24.05
CA SER D 110 -2.11 -36.33 -23.38
C SER D 110 -1.18 -36.64 -22.21
N HIS D 111 -1.46 -37.72 -21.49
CA HIS D 111 -0.66 -38.09 -20.33
C HIS D 111 0.72 -38.63 -20.74
N LEU D 112 0.76 -39.52 -21.72
CA LEU D 112 2.05 -39.98 -22.22
C LEU D 112 2.85 -38.84 -22.84
N MET D 113 2.15 -37.91 -23.50
CA MET D 113 2.85 -36.76 -24.07
C MET D 113 3.48 -35.92 -22.97
N SER D 114 2.86 -35.90 -21.80
CA SER D 114 3.43 -35.15 -20.68
C SER D 114 4.71 -35.79 -20.17
N LEU D 115 4.77 -37.13 -20.14
CA LEU D 115 6.00 -37.81 -19.73
C LEU D 115 7.10 -37.62 -20.77
N ARG D 116 6.75 -37.73 -22.04
CA ARG D 116 7.72 -37.59 -23.11
C ARG D 116 8.25 -36.16 -23.19
N LYS D 117 7.44 -35.18 -22.81
CA LYS D 117 7.87 -33.79 -22.87
C LYS D 117 8.99 -33.53 -21.87
N ILE D 118 9.12 -34.41 -20.86
CA ILE D 118 10.16 -34.29 -19.86
C ILE D 118 11.55 -34.47 -20.48
N PHE D 119 11.66 -35.32 -21.51
CA PHE D 119 12.96 -35.59 -22.08
C PHE D 119 13.50 -34.44 -22.91
N ASP D 120 12.63 -33.68 -23.57
CA ASP D 120 13.14 -32.54 -24.32
C ASP D 120 13.36 -31.32 -23.43
N ASP D 121 12.95 -31.36 -22.17
CA ASP D 121 12.97 -30.20 -21.29
C ASP D 121 14.37 -29.96 -20.73
N PRO D 122 15.01 -28.82 -21.02
CA PRO D 122 16.35 -28.56 -20.48
C PRO D 122 16.40 -28.31 -18.98
N GLU D 123 15.26 -27.98 -18.34
CA GLU D 123 15.22 -27.70 -16.91
C GLU D 123 14.80 -28.92 -16.08
N ALA D 124 14.46 -30.03 -16.72
CA ALA D 124 14.19 -31.27 -15.99
C ALA D 124 15.48 -31.83 -15.40
N SER D 125 15.40 -32.34 -14.18
CA SER D 125 16.57 -32.96 -13.59
C SER D 125 16.79 -34.34 -14.21
N ASP D 126 17.99 -34.88 -14.03
CA ASP D 126 18.28 -36.20 -14.58
C ASP D 126 17.40 -37.26 -13.94
N ASN D 127 17.17 -37.17 -12.64
CA ASN D 127 16.26 -38.10 -12.00
C ASN D 127 14.83 -37.88 -12.48
N ASP D 128 14.44 -36.63 -12.74
CA ASP D 128 13.19 -36.37 -13.46
C ASP D 128 13.13 -37.22 -14.71
N LYS D 129 14.22 -37.28 -15.48
CA LYS D 129 14.22 -38.02 -16.72
C LYS D 129 14.29 -39.52 -16.48
N PHE D 130 15.07 -39.96 -15.49
CA PHE D 130 15.14 -41.38 -15.16
C PHE D 130 13.77 -41.94 -14.80
N VAL D 131 12.99 -41.18 -14.02
CA VAL D 131 11.66 -41.61 -13.63
C VAL D 131 10.73 -41.64 -14.84
N ALA D 132 10.75 -40.58 -15.65
CA ALA D 132 9.88 -40.50 -16.82
C ALA D 132 10.10 -41.69 -17.74
N LEU D 133 11.33 -42.18 -17.82
CA LEU D 133 11.62 -43.30 -18.70
C LEU D 133 11.04 -44.59 -18.14
N GLN D 134 11.15 -44.78 -16.83
CA GLN D 134 10.58 -45.97 -16.22
C GLN D 134 9.07 -46.01 -16.42
N LEU D 135 8.41 -44.85 -16.32
CA LEU D 135 6.97 -44.78 -16.46
C LEU D 135 6.53 -44.95 -17.90
N LEU D 136 7.37 -44.57 -18.87
CA LEU D 136 7.05 -44.81 -20.27
C LEU D 136 7.22 -46.27 -20.65
N LYS D 137 8.30 -46.90 -20.19
CA LYS D 137 8.45 -48.34 -20.38
C LYS D 137 7.31 -49.11 -19.72
N ASN D 138 6.89 -48.69 -18.53
CA ASN D 138 5.78 -49.35 -17.85
C ASN D 138 4.51 -49.32 -18.69
N ALA D 139 4.17 -48.15 -19.23
CA ALA D 139 3.02 -48.07 -20.13
C ALA D 139 3.19 -49.00 -21.31
N ASN D 140 4.43 -49.13 -21.80
CA ASN D 140 4.68 -50.04 -22.91
C ASN D 140 4.40 -51.48 -22.49
N ILE D 141 4.83 -51.89 -21.30
CA ILE D 141 4.63 -53.28 -20.88
C ILE D 141 3.15 -53.59 -20.75
N SER D 142 2.40 -52.75 -20.04
CA SER D 142 1.03 -53.09 -19.66
C SER D 142 0.06 -53.07 -20.83
N SER D 143 0.40 -52.40 -21.94
CA SER D 143 -0.49 -52.39 -23.10
C SER D 143 -0.73 -53.80 -23.66
N ALA D 144 0.09 -54.78 -23.28
CA ALA D 144 -0.10 -56.17 -23.67
C ALA D 144 -1.18 -56.88 -22.86
N ARG D 145 -1.80 -56.20 -21.89
CA ARG D 145 -2.94 -56.70 -21.13
C ARG D 145 -2.62 -57.94 -20.29
N LEU D 146 -1.35 -58.15 -19.97
CA LEU D 146 -0.96 -59.14 -18.97
C LEU D 146 -0.77 -58.55 -17.58
N LEU D 147 -0.16 -57.37 -17.49
CA LEU D 147 0.13 -56.75 -16.21
C LEU D 147 -0.50 -55.37 -16.17
N PRO D 148 -1.21 -55.00 -15.10
CA PRO D 148 -1.72 -53.64 -15.01
C PRO D 148 -0.58 -52.64 -14.83
N GLY D 149 -0.82 -51.40 -15.22
CA GLY D 149 0.18 -50.36 -15.04
C GLY D 149 0.69 -50.27 -13.60
N CYS D 150 -0.20 -50.36 -12.64
CA CYS D 150 0.17 -50.34 -11.24
C CYS D 150 -0.39 -51.57 -10.53
N GLN D 151 0.34 -52.05 -9.53
CA GLN D 151 -0.15 -53.15 -8.71
C GLN D 151 -1.45 -52.80 -7.97
N ASP D 152 -1.62 -51.54 -7.57
CA ASP D 152 -2.90 -51.13 -6.98
C ASP D 152 -3.84 -50.79 -8.14
N THR D 153 -4.69 -51.73 -8.47
CA THR D 153 -5.69 -51.49 -9.51
C THR D 153 -6.81 -50.63 -9.03
N GLY D 154 -6.70 -50.12 -7.82
CA GLY D 154 -7.51 -48.99 -7.40
C GLY D 154 -8.89 -49.37 -6.93
N THR D 155 -9.65 -48.33 -6.61
CA THR D 155 -11.07 -48.47 -6.32
C THR D 155 -11.84 -48.25 -7.62
N ALA D 156 -12.88 -49.05 -7.83
CA ALA D 156 -13.71 -48.91 -9.04
C ALA D 156 -14.74 -47.81 -8.83
N ILE D 157 -14.57 -46.68 -9.50
CA ILE D 157 -15.47 -45.54 -9.37
C ILE D 157 -16.21 -45.37 -10.69
N ILE D 158 -17.54 -45.23 -10.59
CA ILE D 158 -18.45 -45.11 -11.73
C ILE D 158 -19.38 -43.93 -11.49
N ALA D 159 -19.51 -43.06 -12.49
CA ALA D 159 -20.48 -41.98 -12.49
C ALA D 159 -21.42 -42.19 -13.67
N GLY D 160 -22.72 -42.17 -13.40
CA GLY D 160 -23.71 -42.36 -14.44
C GLY D 160 -24.69 -41.21 -14.49
N TYR D 161 -25.14 -40.91 -15.70
CA TYR D 161 -26.17 -39.91 -15.96
C TYR D 161 -27.23 -40.61 -16.81
N ARG D 162 -28.33 -41.00 -16.19
CA ARG D 162 -29.39 -41.67 -16.92
C ARG D 162 -30.35 -40.60 -17.41
N GLY D 163 -30.41 -40.44 -18.73
CA GLY D 163 -31.33 -39.48 -19.31
C GLY D 163 -32.77 -39.88 -19.11
N ASP D 164 -33.63 -38.87 -19.10
CA ASP D 164 -35.06 -39.06 -18.90
C ASP D 164 -35.66 -39.97 -19.94
N GLN D 165 -35.05 -40.05 -21.13
CA GLN D 165 -35.58 -40.86 -22.21
C GLN D 165 -34.84 -42.18 -22.38
N VAL D 166 -34.01 -42.57 -21.40
CA VAL D 166 -33.28 -43.83 -21.39
C VAL D 166 -33.94 -44.77 -20.38
N PHE D 167 -34.30 -45.97 -20.83
CA PHE D 167 -34.92 -46.98 -19.97
C PHE D 167 -34.08 -48.24 -19.96
N VAL D 168 -33.66 -48.67 -18.77
CA VAL D 168 -32.93 -49.91 -18.58
C VAL D 168 -33.83 -50.87 -17.81
N PRO D 169 -34.32 -51.96 -18.44
CA PRO D 169 -35.15 -52.98 -17.76
C PRO D 169 -34.34 -53.95 -16.90
N GLY D 170 -33.94 -53.47 -15.73
CA GLY D 170 -33.12 -54.26 -14.83
C GLY D 170 -32.55 -53.40 -13.72
N ASN D 171 -31.58 -53.95 -13.01
CA ASN D 171 -30.93 -53.26 -11.90
C ASN D 171 -29.62 -52.68 -12.42
N ASP D 172 -29.61 -51.36 -12.65
CA ASP D 172 -28.46 -50.71 -13.28
C ASP D 172 -27.18 -50.91 -12.48
N GLU D 173 -27.23 -50.60 -11.17
CA GLU D 173 -26.03 -50.65 -10.34
C GLU D 173 -25.41 -52.03 -10.34
N GLU D 174 -26.27 -53.06 -10.24
CA GLU D 174 -25.79 -54.43 -10.25
C GLU D 174 -25.19 -54.75 -11.60
N ALA D 175 -25.77 -54.22 -12.68
CA ALA D 175 -25.20 -54.49 -14.00
C ALA D 175 -23.84 -53.83 -14.17
N LEU D 176 -23.66 -52.62 -13.63
CA LEU D 176 -22.36 -51.96 -13.69
C LEU D 176 -21.34 -52.63 -12.79
N SER D 177 -21.77 -53.06 -11.61
CA SER D 177 -20.88 -53.81 -10.71
C SER D 177 -20.50 -55.16 -11.28
N ARG D 178 -21.38 -55.75 -12.09
CA ARG D 178 -21.08 -57.03 -12.73
C ARG D 178 -19.89 -56.92 -13.66
N GLY D 179 -19.81 -55.82 -14.42
CA GLY D 179 -18.69 -55.63 -15.34
C GLY D 179 -17.36 -55.47 -14.62
N VAL D 180 -17.36 -54.74 -13.50
CA VAL D 180 -16.15 -54.65 -12.67
C VAL D 180 -15.74 -56.05 -12.20
N TYR D 181 -16.69 -56.82 -11.65
CA TYR D 181 -16.40 -58.20 -11.28
C TYR D 181 -15.79 -58.96 -12.44
N ASP D 182 -16.44 -58.93 -13.61
CA ASP D 182 -15.98 -59.70 -14.77
C ASP D 182 -14.52 -59.43 -15.04
N ILE D 183 -14.15 -58.15 -15.13
CA ILE D 183 -12.80 -57.86 -15.57
C ILE D 183 -11.81 -58.10 -14.44
N PHE D 184 -12.20 -57.94 -13.20
CA PHE D 184 -11.20 -58.13 -12.16
C PHE D 184 -10.87 -59.59 -11.91
N GLN D 185 -11.73 -60.52 -12.31
N GLN D 185 -11.75 -60.52 -12.31
CA GLN D 185 -11.34 -61.93 -12.29
CA GLN D 185 -11.40 -61.94 -12.32
C GLN D 185 -10.72 -62.38 -13.61
C GLN D 185 -10.70 -62.34 -13.60
N LYS D 186 -11.10 -61.76 -14.74
CA LYS D 186 -10.51 -62.13 -16.02
C LYS D 186 -9.04 -61.72 -16.12
N ARG D 187 -8.74 -60.46 -15.80
CA ARG D 187 -7.39 -59.91 -15.87
C ARG D 187 -6.64 -60.07 -14.56
N ASN D 188 -5.33 -59.79 -14.60
CA ASN D 188 -4.45 -59.93 -13.44
C ASN D 188 -4.45 -58.66 -12.60
N PHE D 189 -5.62 -58.32 -12.07
CA PHE D 189 -5.78 -57.10 -11.30
C PHE D 189 -5.57 -57.41 -9.82
N ARG D 190 -5.83 -56.45 -8.96
CA ARG D 190 -5.66 -56.66 -7.53
C ARG D 190 -6.95 -56.33 -6.80
N TYR D 191 -7.31 -57.21 -5.87
CA TYR D 191 -8.47 -57.02 -5.02
C TYR D 191 -8.02 -56.26 -3.77
N SER D 192 -8.46 -55.01 -3.66
CA SER D 192 -7.95 -54.07 -2.67
C SER D 192 -8.97 -53.64 -1.64
N GLN D 193 -10.19 -54.18 -1.68
CA GLN D 193 -11.30 -53.64 -0.92
C GLN D 193 -11.59 -54.50 0.30
N ASN D 194 -11.70 -53.85 1.45
CA ASN D 194 -11.95 -54.49 2.74
C ASN D 194 -13.28 -54.02 3.30
N VAL D 195 -14.18 -54.97 3.56
CA VAL D 195 -15.48 -54.69 4.17
C VAL D 195 -15.44 -55.03 5.66
N PRO D 196 -16.15 -54.28 6.49
CA PRO D 196 -16.08 -54.51 7.94
C PRO D 196 -16.95 -55.68 8.37
N LEU D 197 -16.42 -56.51 9.27
CA LEU D 197 -17.20 -57.48 10.03
C LEU D 197 -17.62 -56.92 11.38
N SER D 198 -16.96 -55.85 11.80
CA SER D 198 -17.27 -54.99 12.95
C SER D 198 -16.46 -53.72 12.72
N MET D 199 -16.31 -52.91 13.76
CA MET D 199 -15.54 -51.67 13.63
C MET D 199 -14.08 -51.92 13.28
N TYR D 200 -13.48 -52.94 13.88
CA TYR D 200 -12.06 -53.18 13.72
C TYR D 200 -11.73 -54.47 13.00
N ASP D 201 -12.69 -55.39 12.83
CA ASP D 201 -12.47 -56.63 12.11
C ASP D 201 -12.94 -56.49 10.67
N GLU D 202 -12.13 -57.00 9.74
CA GLU D 202 -12.31 -56.75 8.31
C GLU D 202 -11.98 -57.99 7.51
N LYS D 203 -12.49 -58.02 6.28
CA LYS D 203 -12.19 -59.13 5.38
C LYS D 203 -12.13 -58.57 3.97
N ASN D 204 -11.07 -58.92 3.24
CA ASN D 204 -10.99 -58.61 1.81
C ASN D 204 -12.01 -59.45 1.04
N THR D 205 -12.78 -58.80 0.17
CA THR D 205 -13.90 -59.41 -0.56
C THR D 205 -13.49 -60.36 -1.68
N GLY D 206 -12.22 -60.36 -2.07
CA GLY D 206 -11.77 -61.25 -3.12
C GLY D 206 -12.25 -60.89 -4.51
N THR D 207 -12.84 -59.71 -4.70
CA THR D 207 -13.42 -59.33 -5.98
C THR D 207 -13.14 -57.89 -6.40
N ASN D 208 -12.54 -57.07 -5.53
CA ASN D 208 -12.45 -55.62 -5.67
C ASN D 208 -13.83 -54.98 -5.76
N LEU D 209 -14.83 -55.69 -5.31
CA LEU D 209 -16.11 -55.11 -4.98
C LEU D 209 -16.10 -54.73 -3.50
N PRO D 210 -16.93 -53.79 -3.07
CA PRO D 210 -17.91 -53.02 -3.85
C PRO D 210 -17.25 -51.87 -4.63
N ALA D 211 -17.88 -51.48 -5.72
CA ALA D 211 -17.59 -50.27 -6.49
C ALA D 211 -18.33 -49.08 -5.89
N GLN D 212 -17.80 -47.89 -6.14
CA GLN D 212 -18.50 -46.64 -5.79
C GLN D 212 -19.25 -46.12 -7.03
N ILE D 213 -20.56 -46.30 -7.05
CA ILE D 213 -21.42 -46.02 -8.21
C ILE D 213 -22.39 -44.92 -7.85
N ASP D 214 -22.39 -43.83 -8.62
CA ASP D 214 -23.34 -42.75 -8.42
C ASP D 214 -24.07 -42.47 -9.72
N LEU D 215 -25.38 -42.74 -9.74
CA LEU D 215 -26.21 -42.62 -10.93
C LEU D 215 -27.13 -41.42 -10.82
N TYR D 216 -27.00 -40.49 -11.76
CA TYR D 216 -27.74 -39.24 -11.72
C TYR D 216 -28.89 -39.27 -12.72
N ALA D 217 -29.87 -38.42 -12.44
CA ALA D 217 -31.07 -38.30 -13.25
C ALA D 217 -30.91 -37.01 -14.05
N SER D 218 -30.78 -37.16 -15.37
CA SER D 218 -30.62 -36.03 -16.26
C SER D 218 -31.75 -35.98 -17.27
N LYS D 219 -31.57 -35.20 -18.33
CA LYS D 219 -32.56 -35.06 -19.39
C LYS D 219 -31.99 -35.56 -20.71
N GLY D 220 -32.83 -36.24 -21.49
CA GLY D 220 -32.45 -36.62 -22.84
C GLY D 220 -32.39 -38.12 -23.02
N MET D 221 -31.94 -38.53 -24.19
CA MET D 221 -31.93 -39.92 -24.60
C MET D 221 -30.51 -40.50 -24.68
N GLU D 222 -29.65 -40.16 -23.71
CA GLU D 222 -28.30 -40.71 -23.66
C GLU D 222 -27.96 -41.09 -22.22
N TYR D 223 -27.20 -42.17 -22.07
CA TYR D 223 -26.65 -42.61 -20.78
C TYR D 223 -25.12 -42.38 -20.77
N SER D 224 -24.67 -41.33 -20.07
CA SER D 224 -23.26 -40.93 -20.01
C SER D 224 -22.56 -41.44 -18.75
N PHE D 225 -21.26 -41.68 -18.86
CA PHE D 225 -20.47 -42.32 -17.82
C PHE D 225 -19.09 -41.68 -17.74
N MET D 226 -18.51 -41.75 -16.55
CA MET D 226 -17.08 -41.61 -16.37
C MET D 226 -16.67 -42.72 -15.43
N PHE D 227 -15.69 -43.52 -15.86
CA PHE D 227 -15.16 -44.63 -15.08
C PHE D 227 -13.79 -44.23 -14.59
N VAL D 228 -13.50 -44.48 -13.31
CA VAL D 228 -12.23 -44.08 -12.71
C VAL D 228 -11.68 -45.25 -11.91
N ALA D 229 -10.42 -45.59 -12.15
CA ALA D 229 -9.71 -46.57 -11.34
C ALA D 229 -8.81 -45.76 -10.41
N LYS D 230 -9.28 -45.52 -9.18
CA LYS D 230 -8.62 -44.60 -8.27
C LYS D 230 -7.75 -45.36 -7.27
N GLY D 231 -6.44 -45.16 -7.34
CA GLY D 231 -5.56 -45.80 -6.39
C GLY D 231 -5.79 -45.32 -4.98
N GLY D 232 -5.47 -46.19 -4.01
CA GLY D 232 -5.69 -45.84 -2.60
C GLY D 232 -4.85 -44.65 -2.19
N GLY D 233 -3.62 -44.56 -2.71
CA GLY D 233 -2.63 -43.54 -2.37
C GLY D 233 -2.82 -42.14 -2.93
N SER D 234 -3.30 -42.02 -4.17
CA SER D 234 -3.73 -40.72 -4.64
C SER D 234 -5.05 -40.30 -3.96
N ALA D 235 -5.90 -41.28 -3.62
CA ALA D 235 -7.08 -40.99 -2.82
C ALA D 235 -6.72 -40.48 -1.44
N ASN D 236 -5.63 -40.97 -0.85
CA ASN D 236 -5.21 -40.52 0.46
C ASN D 236 -4.64 -39.11 0.45
N LYS D 237 -4.34 -38.54 -0.72
CA LYS D 237 -3.83 -37.17 -0.84
C LYS D 237 -4.88 -36.17 -1.33
N SER D 238 -6.18 -36.55 -1.32
CA SER D 238 -7.28 -35.59 -1.45
C SER D 238 -7.59 -34.99 -0.08
N PHE D 239 -7.40 -33.68 0.05
CA PHE D 239 -7.53 -33.00 1.34
C PHE D 239 -8.68 -32.00 1.30
N LEU D 240 -9.44 -31.92 2.39
CA LEU D 240 -10.44 -30.87 2.54
C LEU D 240 -9.92 -29.86 3.56
N LEU D 241 -9.65 -28.65 3.11
CA LEU D 241 -9.13 -27.59 3.96
C LEU D 241 -10.22 -26.54 4.11
N GLN D 242 -10.61 -26.28 5.34
CA GLN D 242 -11.68 -25.31 5.63
C GLN D 242 -11.05 -23.94 5.85
N GLU D 243 -11.13 -23.07 4.86
CA GLU D 243 -10.56 -21.73 4.94
C GLU D 243 -11.70 -20.70 4.92
N THR D 244 -11.34 -19.41 4.89
CA THR D 244 -12.33 -18.34 5.02
C THR D 244 -12.03 -17.23 4.01
N LYS D 245 -12.88 -16.21 4.05
CA LYS D 245 -12.74 -15.06 3.15
C LYS D 245 -11.41 -14.35 3.32
N SER D 246 -10.80 -14.39 4.51
CA SER D 246 -9.58 -13.62 4.72
C SER D 246 -8.36 -14.22 4.02
N VAL D 247 -8.45 -15.45 3.54
CA VAL D 247 -7.40 -16.00 2.67
C VAL D 247 -7.62 -15.67 1.19
N LEU D 248 -8.80 -15.14 0.82
CA LEU D 248 -9.16 -14.92 -0.58
C LEU D 248 -8.64 -13.57 -1.08
N ASN D 249 -7.33 -13.44 -1.06
CA ASN D 249 -6.62 -12.31 -1.62
C ASN D 249 -5.34 -12.85 -2.21
N PRO D 250 -4.71 -12.13 -3.16
CA PRO D 250 -3.52 -12.70 -3.81
C PRO D 250 -2.44 -13.13 -2.85
N LYS D 251 -2.11 -12.30 -1.87
CA LYS D 251 -0.99 -12.62 -0.98
C LYS D 251 -1.29 -13.85 -0.14
N SER D 252 -2.47 -13.90 0.48
CA SER D 252 -2.79 -15.03 1.33
C SER D 252 -2.96 -16.30 0.51
N LEU D 253 -3.72 -16.25 -0.59
CA LEU D 253 -3.97 -17.47 -1.36
C LEU D 253 -2.68 -18.01 -1.97
N ARG D 254 -1.71 -17.14 -2.23
CA ARG D 254 -0.39 -17.57 -2.66
C ARG D 254 0.34 -18.34 -1.57
N ASN D 255 0.46 -17.77 -0.38
CA ASN D 255 1.15 -18.46 0.69
C ASN D 255 0.45 -19.77 1.06
N PHE D 256 -0.88 -19.75 1.05
CA PHE D 256 -1.64 -20.96 1.39
C PHE D 256 -1.32 -22.08 0.42
N LEU D 257 -1.32 -21.80 -0.89
CA LEU D 257 -1.08 -22.85 -1.87
C LEU D 257 0.38 -23.33 -1.83
N LYS D 258 1.33 -22.41 -1.71
CA LYS D 258 2.73 -22.79 -1.54
C LYS D 258 2.90 -23.75 -0.35
N GLU D 259 2.25 -23.44 0.77
CA GLU D 259 2.36 -24.29 1.95
C GLU D 259 1.64 -25.62 1.74
N LYS D 260 0.41 -25.56 1.24
CA LYS D 260 -0.42 -26.76 1.13
C LYS D 260 -0.02 -27.64 -0.05
N LEU D 261 0.59 -27.07 -1.08
CA LEU D 261 0.99 -27.91 -2.22
C LEU D 261 2.04 -28.94 -1.84
N ALA D 262 2.82 -28.68 -0.77
CA ALA D 262 3.78 -29.63 -0.23
C ALA D 262 3.12 -30.81 0.48
N MET D 263 1.79 -30.76 0.71
CA MET D 263 1.11 -31.83 1.43
C MET D 263 1.08 -33.14 0.66
N PHE D 264 1.09 -33.06 -0.68
CA PHE D 264 1.13 -34.28 -1.47
C PHE D 264 2.44 -35.04 -1.27
N GLY D 265 3.53 -34.32 -1.07
CA GLY D 265 4.83 -34.98 -1.09
C GLY D 265 5.01 -35.75 -2.38
N THR D 266 5.83 -36.79 -2.31
CA THR D 266 5.99 -37.76 -3.40
C THR D 266 5.22 -39.05 -3.12
N SER D 267 4.27 -38.98 -2.19
CA SER D 267 3.56 -40.14 -1.67
C SER D 267 2.50 -40.68 -2.63
N ALA D 268 2.11 -39.91 -3.63
CA ALA D 268 1.15 -40.34 -4.64
C ALA D 268 1.77 -40.47 -6.04
N CYS D 269 3.08 -40.78 -6.13
CA CYS D 269 3.82 -41.11 -7.35
C CYS D 269 3.77 -40.03 -8.44
N PRO D 270 4.40 -38.88 -8.22
CA PRO D 270 4.43 -37.81 -9.25
C PRO D 270 5.13 -38.27 -10.52
N PRO D 271 5.06 -37.48 -11.62
CA PRO D 271 4.40 -36.18 -11.76
C PRO D 271 2.87 -36.24 -11.58
N TYR D 272 2.34 -35.24 -10.90
CA TYR D 272 0.92 -35.21 -10.55
C TYR D 272 0.09 -34.50 -11.60
N HIS D 273 -1.18 -34.87 -11.66
CA HIS D 273 -2.22 -33.99 -12.16
C HIS D 273 -2.84 -33.41 -10.90
N VAL D 274 -2.38 -32.21 -10.52
CA VAL D 274 -2.84 -31.50 -9.34
C VAL D 274 -4.15 -30.79 -9.66
N ALA D 275 -5.10 -30.83 -8.74
CA ALA D 275 -6.32 -30.07 -8.93
C ALA D 275 -6.66 -29.35 -7.64
N VAL D 276 -7.22 -28.15 -7.78
CA VAL D 276 -7.62 -27.29 -6.67
C VAL D 276 -9.05 -26.81 -6.92
N VAL D 277 -9.89 -26.85 -5.90
CA VAL D 277 -11.21 -26.26 -5.95
C VAL D 277 -11.29 -25.21 -4.85
N ILE D 278 -11.51 -23.94 -5.24
CA ILE D 278 -11.67 -22.81 -4.30
C ILE D 278 -13.16 -22.57 -4.13
N GLY D 279 -13.68 -22.77 -2.95
CA GLY D 279 -15.10 -22.59 -2.75
C GLY D 279 -15.95 -23.82 -3.03
N GLY D 280 -17.26 -23.63 -2.90
CA GLY D 280 -18.21 -24.71 -3.03
C GLY D 280 -19.30 -24.51 -1.99
N THR D 281 -20.45 -25.09 -2.27
CA THR D 281 -21.65 -24.97 -1.45
C THR D 281 -21.71 -25.98 -0.30
N SER D 282 -20.72 -26.89 -0.21
CA SER D 282 -20.60 -27.90 0.83
C SER D 282 -19.25 -28.60 0.68
N ALA D 283 -18.84 -29.31 1.74
CA ALA D 283 -17.58 -30.04 1.69
C ALA D 283 -17.63 -31.17 0.67
N GLU D 284 -18.75 -31.88 0.62
CA GLU D 284 -18.84 -33.02 -0.27
C GLU D 284 -18.94 -32.58 -1.72
N MET D 285 -19.44 -31.37 -1.97
CA MET D 285 -19.46 -30.85 -3.33
C MET D 285 -18.06 -30.45 -3.79
N THR D 286 -17.34 -29.70 -2.96
CA THR D 286 -15.94 -29.37 -3.24
C THR D 286 -15.11 -30.61 -3.52
N MET D 287 -15.24 -31.64 -2.70
CA MET D 287 -14.41 -32.83 -2.87
C MET D 287 -14.84 -33.64 -4.09
N LYS D 288 -16.12 -33.57 -4.43
CA LYS D 288 -16.64 -34.17 -5.66
C LYS D 288 -16.09 -33.46 -6.88
N VAL D 289 -16.16 -32.12 -6.86
CA VAL D 289 -15.67 -31.32 -7.99
C VAL D 289 -14.17 -31.49 -8.16
N LEU D 290 -13.45 -31.62 -7.05
CA LEU D 290 -12.00 -31.81 -7.13
C LEU D 290 -11.65 -33.13 -7.82
N LYS D 291 -12.35 -34.20 -7.45
CA LYS D 291 -12.11 -35.50 -8.08
C LYS D 291 -12.28 -35.41 -9.58
N TYR D 292 -13.39 -34.79 -10.02
CA TYR D 292 -13.64 -34.63 -11.45
C TYR D 292 -12.58 -33.77 -12.10
N ALA D 293 -12.27 -32.62 -11.50
CA ALA D 293 -11.32 -31.69 -12.08
C ALA D 293 -9.95 -32.34 -12.22
N SER D 294 -9.58 -33.19 -11.25
CA SER D 294 -8.31 -33.90 -11.33
C SER D 294 -8.32 -35.00 -12.38
N CYS D 295 -9.50 -35.49 -12.79
CA CYS D 295 -9.60 -36.39 -13.94
C CYS D 295 -9.72 -35.63 -15.25
N HIS D 296 -9.68 -34.30 -15.20
CA HIS D 296 -9.81 -33.41 -16.35
C HIS D 296 -11.22 -33.38 -16.92
N TYR D 297 -12.22 -33.67 -16.09
CA TYR D 297 -13.63 -33.61 -16.51
C TYR D 297 -14.06 -32.20 -16.89
N TYR D 298 -13.48 -31.18 -16.23
CA TYR D 298 -13.89 -29.80 -16.35
C TYR D 298 -13.02 -29.01 -17.32
N ASP D 299 -12.26 -29.69 -18.17
CA ASP D 299 -11.31 -28.99 -19.02
C ASP D 299 -11.99 -27.95 -19.92
N ASP D 300 -13.21 -28.20 -20.38
CA ASP D 300 -13.92 -27.28 -21.26
C ASP D 300 -14.80 -26.28 -20.53
N LEU D 301 -14.75 -26.23 -19.20
CA LEU D 301 -15.57 -25.30 -18.43
C LEU D 301 -15.24 -23.86 -18.77
N ILE D 302 -16.24 -22.97 -18.65
CA ILE D 302 -16.02 -21.55 -18.89
C ILE D 302 -14.83 -21.07 -18.06
N THR D 303 -13.98 -20.25 -18.68
CA THR D 303 -12.78 -19.77 -18.00
C THR D 303 -12.96 -18.36 -17.45
N LYS D 304 -14.13 -17.75 -17.61
CA LYS D 304 -14.45 -16.46 -17.02
C LYS D 304 -15.94 -16.45 -16.70
N PRO D 305 -16.34 -15.90 -15.54
CA PRO D 305 -17.75 -15.94 -15.14
C PRO D 305 -18.67 -15.33 -16.19
N ASP D 306 -19.82 -15.99 -16.41
CA ASP D 306 -20.80 -15.50 -17.38
C ASP D 306 -22.16 -15.20 -16.80
N MET D 307 -22.47 -15.61 -15.57
CA MET D 307 -23.79 -15.41 -14.95
C MET D 307 -24.89 -15.95 -15.86
N LYS D 308 -24.59 -16.97 -16.66
CA LYS D 308 -25.54 -17.45 -17.66
C LYS D 308 -25.48 -18.97 -17.82
N THR D 309 -24.34 -19.51 -18.23
CA THR D 309 -24.28 -20.94 -18.44
C THR D 309 -24.03 -21.69 -17.13
N GLY D 310 -23.40 -21.02 -16.17
CA GLY D 310 -23.17 -21.60 -14.86
C GLY D 310 -22.50 -20.59 -13.96
N TYR D 311 -22.41 -20.95 -12.67
CA TYR D 311 -21.81 -20.08 -11.67
C TYR D 311 -20.36 -20.43 -11.35
N THR D 312 -19.84 -21.54 -11.89
CA THR D 312 -18.49 -22.02 -11.62
C THR D 312 -17.60 -21.83 -12.84
N PHE D 313 -16.33 -21.46 -12.63
CA PHE D 313 -15.42 -21.28 -13.76
C PHE D 313 -14.01 -21.75 -13.41
N ARG D 314 -13.25 -22.06 -14.47
CA ARG D 314 -11.89 -22.59 -14.38
C ARG D 314 -10.87 -21.47 -14.51
N ASP D 315 -9.99 -21.33 -13.52
CA ASP D 315 -9.12 -20.16 -13.41
C ASP D 315 -7.75 -20.48 -14.02
N LEU D 316 -7.56 -20.10 -15.28
CA LEU D 316 -6.31 -20.41 -15.98
C LEU D 316 -5.12 -19.69 -15.36
N GLU D 317 -5.35 -18.55 -14.73
CA GLU D 317 -4.25 -17.77 -14.16
C GLU D 317 -3.77 -18.37 -12.84
N LEU D 318 -4.68 -18.84 -11.98
CA LEU D 318 -4.26 -19.54 -10.76
C LEU D 318 -3.58 -20.85 -11.09
N GLU D 319 -4.00 -21.53 -12.16
CA GLU D 319 -3.26 -22.69 -12.62
C GLU D 319 -1.82 -22.32 -12.93
N GLU D 320 -1.62 -21.15 -13.55
CA GLU D 320 -0.27 -20.72 -13.94
C GLU D 320 0.61 -20.53 -12.71
N GLU D 321 0.10 -19.85 -11.69
CA GLU D 321 0.91 -19.64 -10.49
C GLU D 321 1.14 -20.94 -9.75
N VAL D 322 0.17 -21.85 -9.77
CA VAL D 322 0.32 -23.09 -9.01
C VAL D 322 1.33 -24.00 -9.67
N LEU D 323 1.29 -24.05 -11.01
CA LEU D 323 2.29 -24.82 -11.74
C LEU D 323 3.69 -24.29 -11.42
N LYS D 324 3.83 -22.97 -11.36
CA LYS D 324 5.14 -22.38 -11.09
C LYS D 324 5.62 -22.73 -9.70
N VAL D 325 4.72 -22.71 -8.71
CA VAL D 325 5.11 -23.12 -7.36
C VAL D 325 5.50 -24.60 -7.35
N CYS D 326 4.78 -25.42 -8.12
CA CYS D 326 5.08 -26.85 -8.19
C CYS D 326 6.41 -27.10 -8.87
N GLN D 327 6.73 -26.32 -9.92
CA GLN D 327 8.01 -26.50 -10.57
C GLN D 327 9.18 -26.10 -9.69
N ASN D 328 8.94 -25.22 -8.72
CA ASN D 328 9.95 -24.72 -7.80
C ASN D 328 9.95 -25.43 -6.46
N ILE D 329 9.10 -26.44 -6.30
CA ILE D 329 8.93 -27.10 -5.00
C ILE D 329 10.12 -27.96 -4.66
N GLY D 330 10.92 -28.37 -5.65
CA GLY D 330 12.17 -29.04 -5.39
C GLY D 330 12.09 -30.55 -5.38
N MET D 331 10.91 -31.11 -5.12
CA MET D 331 10.71 -32.56 -5.07
C MET D 331 10.64 -33.19 -6.45
N GLY D 332 10.08 -32.49 -7.42
CA GLY D 332 10.10 -33.05 -8.75
C GLY D 332 9.40 -34.41 -8.86
N ALA D 333 9.78 -35.13 -9.93
CA ALA D 333 9.22 -36.45 -10.22
C ALA D 333 9.88 -37.47 -9.30
N GLN D 334 9.48 -37.41 -8.02
CA GLN D 334 9.83 -38.32 -6.94
C GLN D 334 11.23 -38.12 -6.36
N PHE D 335 12.24 -37.81 -7.18
CA PHE D 335 13.61 -37.80 -6.68
C PHE D 335 14.33 -36.49 -6.99
N GLY D 336 13.62 -35.37 -6.87
CA GLY D 336 14.22 -34.06 -7.02
C GLY D 336 14.16 -33.57 -8.45
N GLY D 337 13.67 -32.38 -8.64
CA GLY D 337 13.67 -31.78 -9.95
C GLY D 337 12.45 -30.88 -10.13
N LYS D 338 12.01 -30.77 -11.38
CA LYS D 338 10.95 -29.83 -11.72
C LYS D 338 9.59 -30.48 -11.86
N TYR D 339 9.57 -31.78 -12.13
CA TYR D 339 8.34 -32.44 -12.57
C TYR D 339 7.58 -33.11 -11.43
N TYR D 340 7.36 -32.31 -10.39
CA TYR D 340 6.33 -32.59 -9.37
C TYR D 340 4.96 -32.77 -10.02
N ALA D 341 4.64 -31.96 -11.03
CA ALA D 341 3.35 -31.96 -11.69
C ALA D 341 3.48 -31.89 -13.20
N HIS D 342 2.77 -32.77 -13.90
CA HIS D 342 2.50 -32.57 -15.32
C HIS D 342 1.78 -31.24 -15.55
N ASP D 343 0.70 -30.99 -14.80
CA ASP D 343 -0.09 -29.77 -14.98
C ASP D 343 -0.98 -29.55 -13.76
N VAL D 344 -1.78 -28.49 -13.82
CA VAL D 344 -2.58 -28.02 -12.69
C VAL D 344 -3.94 -27.61 -13.21
N ARG D 345 -4.98 -27.87 -12.42
CA ARG D 345 -6.33 -27.41 -12.73
C ARG D 345 -6.89 -26.64 -11.55
N VAL D 346 -7.55 -25.51 -11.82
CA VAL D 346 -8.10 -24.66 -10.78
C VAL D 346 -9.55 -24.33 -11.09
N ILE D 347 -10.45 -24.66 -10.17
CA ILE D 347 -11.90 -24.47 -10.29
C ILE D 347 -12.35 -23.53 -9.18
N ARG D 348 -13.11 -22.49 -9.54
CA ARG D 348 -13.61 -21.48 -8.60
C ARG D 348 -15.13 -21.54 -8.51
N MET D 349 -15.65 -21.87 -7.34
CA MET D 349 -17.07 -22.09 -7.11
C MET D 349 -17.68 -21.01 -6.24
N PRO D 350 -19.01 -20.92 -6.19
CA PRO D 350 -19.67 -20.07 -5.20
C PRO D 350 -19.51 -20.60 -3.79
N ARG D 351 -19.81 -19.74 -2.82
CA ARG D 351 -19.65 -20.08 -1.42
C ARG D 351 -20.66 -19.28 -0.61
N HIS D 352 -21.05 -19.84 0.53
CA HIS D 352 -21.78 -19.10 1.55
C HIS D 352 -20.83 -18.06 2.13
N GLY D 353 -21.34 -16.88 2.48
CA GLY D 353 -20.47 -15.84 3.00
C GLY D 353 -19.60 -16.29 4.16
N ALA D 354 -20.11 -17.25 4.96
CA ALA D 354 -19.43 -17.81 6.12
C ALA D 354 -18.48 -18.96 5.80
N SER D 355 -18.36 -19.36 4.53
CA SER D 355 -17.65 -20.56 4.14
C SER D 355 -16.66 -20.27 3.01
N CYS D 356 -15.58 -21.03 3.01
CA CYS D 356 -14.72 -21.16 1.83
C CYS D 356 -14.04 -22.52 1.90
N PRO D 357 -14.79 -23.59 1.63
CA PRO D 357 -14.14 -24.90 1.51
C PRO D 357 -13.09 -24.88 0.41
N ILE D 358 -11.97 -25.55 0.64
CA ILE D 358 -10.94 -25.68 -0.38
C ILE D 358 -10.52 -27.14 -0.45
N GLY D 359 -10.52 -27.71 -1.65
CA GLY D 359 -10.07 -29.08 -1.87
C GLY D 359 -8.80 -29.07 -2.71
N ILE D 360 -7.83 -29.88 -2.31
CA ILE D 360 -6.67 -30.12 -3.14
C ILE D 360 -6.46 -31.61 -3.27
N GLY D 361 -5.97 -32.03 -4.43
CA GLY D 361 -5.83 -33.44 -4.69
C GLY D 361 -4.90 -33.62 -5.87
N VAL D 362 -4.56 -34.87 -6.12
CA VAL D 362 -3.67 -35.23 -7.21
C VAL D 362 -4.27 -36.40 -7.99
N SER D 363 -3.90 -36.47 -9.26
CA SER D 363 -3.95 -37.72 -9.99
C SER D 363 -2.52 -38.26 -10.06
N CYS D 364 -2.34 -39.52 -9.68
CA CYS D 364 -1.02 -40.10 -9.58
C CYS D 364 -0.51 -40.55 -10.94
N SER D 365 0.64 -41.23 -10.97
CA SER D 365 1.16 -41.78 -12.22
C SER D 365 0.26 -42.87 -12.79
N ALA D 366 -0.60 -43.47 -11.97
CA ALA D 366 -1.69 -44.33 -12.45
C ALA D 366 -2.90 -43.45 -12.76
N ASP D 367 -2.81 -42.77 -13.90
CA ASP D 367 -3.77 -41.75 -14.32
C ASP D 367 -4.87 -42.46 -15.12
N ARG D 368 -5.93 -42.91 -14.42
CA ARG D 368 -6.86 -43.93 -14.92
C ARG D 368 -8.33 -43.48 -14.91
N GLN D 369 -8.82 -42.97 -16.03
CA GLN D 369 -10.22 -42.62 -16.15
C GLN D 369 -10.66 -42.74 -17.61
N ALA D 370 -11.94 -43.06 -17.81
CA ALA D 370 -12.48 -43.18 -19.15
C ALA D 370 -13.93 -42.73 -19.15
N LEU D 371 -14.28 -41.85 -20.07
CA LEU D 371 -15.66 -41.45 -20.30
C LEU D 371 -16.38 -42.47 -21.18
N GLY D 372 -17.70 -42.50 -21.05
CA GLY D 372 -18.52 -43.40 -21.83
C GLY D 372 -19.87 -42.78 -22.11
N LYS D 373 -20.63 -43.44 -22.96
CA LYS D 373 -21.98 -42.99 -23.24
C LYS D 373 -22.73 -44.09 -24.00
N ILE D 374 -24.04 -44.11 -23.82
CA ILE D 374 -24.94 -45.01 -24.52
C ILE D 374 -26.03 -44.14 -25.13
N ASN D 375 -26.26 -44.30 -26.43
CA ASN D 375 -27.27 -43.51 -27.13
C ASN D 375 -27.92 -44.41 -28.18
N LYS D 376 -28.69 -43.80 -29.10
CA LYS D 376 -29.39 -44.56 -30.13
C LYS D 376 -28.45 -45.21 -31.14
N ASP D 377 -27.16 -44.81 -31.15
CA ASP D 377 -26.18 -45.37 -32.06
C ASP D 377 -25.20 -46.35 -31.41
N GLY D 378 -25.36 -46.68 -30.12
CA GLY D 378 -24.61 -47.78 -29.56
C GLY D 378 -23.95 -47.46 -28.23
N VAL D 379 -22.94 -48.26 -27.92
CA VAL D 379 -22.20 -48.21 -26.66
C VAL D 379 -20.82 -47.65 -26.95
N TRP D 380 -20.48 -46.53 -26.32
CA TRP D 380 -19.27 -45.79 -26.63
C TRP D 380 -18.32 -45.77 -25.45
N LEU D 381 -17.02 -45.83 -25.73
CA LEU D 381 -16.00 -45.79 -24.69
C LEU D 381 -14.83 -44.93 -25.14
N GLU D 382 -14.35 -44.07 -24.24
CA GLU D 382 -13.19 -43.24 -24.54
C GLU D 382 -12.03 -44.10 -25.07
N GLU D 383 -11.44 -43.63 -26.16
CA GLU D 383 -10.31 -44.28 -26.81
C GLU D 383 -9.01 -43.83 -26.17
N LEU D 384 -8.34 -44.74 -25.45
CA LEU D 384 -7.04 -44.45 -24.85
C LEU D 384 -5.90 -44.92 -25.76
N GLU D 385 -4.67 -44.63 -25.36
CA GLU D 385 -3.53 -44.82 -26.26
C GLU D 385 -3.18 -46.29 -26.37
N MET D 386 -3.53 -46.89 -27.51
CA MET D 386 -3.31 -48.32 -27.73
C MET D 386 -1.89 -48.65 -28.13
N GLU D 387 -1.07 -47.67 -28.48
CA GLU D 387 0.31 -47.87 -28.96
C GLU D 387 1.22 -46.88 -28.23
N PRO D 388 1.43 -47.08 -26.93
CA PRO D 388 2.21 -46.11 -26.14
C PRO D 388 3.70 -46.09 -26.44
N SER D 389 4.22 -47.06 -27.18
CA SER D 389 5.65 -47.09 -27.49
C SER D 389 6.10 -45.91 -28.32
N GLN D 390 5.19 -45.25 -29.05
CA GLN D 390 5.61 -44.14 -29.89
C GLN D 390 6.02 -42.91 -29.08
N TYR D 391 5.75 -42.91 -27.78
CA TYR D 391 6.19 -41.88 -26.85
C TYR D 391 7.52 -42.23 -26.19
N LEU D 392 8.10 -43.38 -26.50
CA LEU D 392 9.41 -43.72 -25.96
C LEU D 392 10.48 -42.82 -26.57
N PRO D 393 11.41 -42.29 -25.78
CA PRO D 393 12.50 -41.51 -26.38
C PRO D 393 13.50 -42.44 -27.04
N ASP D 394 14.05 -41.97 -28.16
CA ASP D 394 15.15 -42.68 -28.80
C ASP D 394 16.42 -42.36 -28.02
N LEU D 395 16.61 -43.08 -26.92
CA LEU D 395 17.77 -42.88 -26.05
C LEU D 395 18.14 -44.21 -25.42
N LYS D 396 19.44 -44.49 -25.39
CA LYS D 396 19.98 -45.73 -24.82
C LYS D 396 19.99 -45.70 -23.29
N THR D 403 27.35 -41.69 -13.19
CA THR D 403 27.84 -42.71 -12.29
C THR D 403 26.92 -43.92 -12.29
N PRO D 404 27.51 -45.11 -12.26
CA PRO D 404 26.70 -46.33 -12.26
C PRO D 404 26.03 -46.55 -10.92
N ALA D 405 25.04 -47.44 -10.93
CA ALA D 405 24.40 -47.82 -9.68
C ALA D 405 25.37 -48.59 -8.80
N VAL D 406 25.22 -48.43 -7.49
CA VAL D 406 25.94 -49.27 -6.54
C VAL D 406 25.18 -50.59 -6.43
N MET D 407 25.86 -51.70 -6.70
CA MET D 407 25.21 -53.01 -6.63
C MET D 407 25.34 -53.55 -5.22
N VAL D 408 24.21 -53.97 -4.63
CA VAL D 408 24.13 -54.42 -3.25
C VAL D 408 23.58 -55.84 -3.21
N ASN D 409 24.37 -56.78 -2.68
CA ASN D 409 23.94 -58.16 -2.45
C ASN D 409 23.22 -58.23 -1.12
N LEU D 410 21.91 -58.50 -1.17
CA LEU D 410 21.09 -58.59 0.04
C LEU D 410 21.18 -59.94 0.74
N ASN D 411 21.81 -60.94 0.14
CA ASN D 411 21.90 -62.27 0.73
C ASN D 411 23.01 -62.40 1.76
N ARG D 412 23.58 -61.30 2.22
CA ARG D 412 24.59 -61.31 3.25
C ARG D 412 23.95 -61.13 4.62
N PRO D 413 24.69 -61.40 5.70
CA PRO D 413 24.18 -61.07 7.03
C PRO D 413 23.82 -59.59 7.13
N MET D 414 22.69 -59.31 7.78
CA MET D 414 22.21 -57.93 7.84
C MET D 414 23.23 -56.96 8.42
N PRO D 415 24.01 -57.30 9.46
CA PRO D 415 25.09 -56.39 9.87
C PRO D 415 26.12 -56.12 8.78
N GLU D 416 26.35 -57.09 7.89
CA GLU D 416 27.17 -56.83 6.72
C GLU D 416 26.45 -55.93 5.73
N VAL D 417 25.13 -56.08 5.61
CA VAL D 417 24.38 -55.26 4.68
C VAL D 417 24.26 -53.83 5.19
N LEU D 418 24.02 -53.66 6.49
CA LEU D 418 23.98 -52.32 7.07
C LEU D 418 25.34 -51.65 7.02
N GLN D 419 26.41 -52.44 7.22
CA GLN D 419 27.76 -51.90 7.13
C GLN D 419 28.07 -51.40 5.72
N GLU D 420 27.65 -52.16 4.71
CA GLU D 420 27.89 -51.73 3.35
C GLU D 420 27.09 -50.48 3.00
N LEU D 421 25.83 -50.42 3.47
CA LEU D 421 25.00 -49.25 3.18
C LEU D 421 25.56 -48.00 3.85
N SER D 422 26.19 -48.17 5.01
CA SER D 422 26.72 -47.03 5.74
C SER D 422 27.87 -46.35 5.02
N LYS D 423 28.45 -46.99 4.00
CA LYS D 423 29.54 -46.38 3.26
C LYS D 423 29.09 -45.31 2.28
N HIS D 424 27.79 -45.18 2.05
CA HIS D 424 27.32 -44.34 0.97
C HIS D 424 26.33 -43.29 1.47
N PRO D 425 26.42 -42.07 0.98
CA PRO D 425 25.51 -41.01 1.41
C PRO D 425 24.16 -41.13 0.70
N VAL D 426 23.16 -40.43 1.23
CA VAL D 426 21.84 -40.39 0.59
C VAL D 426 22.00 -39.79 -0.81
N ARG D 427 20.93 -39.87 -1.62
CA ARG D 427 20.93 -39.61 -3.06
C ARG D 427 21.61 -40.74 -3.83
N THR D 428 22.37 -41.59 -3.14
CA THR D 428 23.06 -42.69 -3.79
C THR D 428 22.08 -43.65 -4.43
N ARG D 429 22.20 -43.82 -5.74
CA ARG D 429 21.39 -44.82 -6.43
C ARG D 429 21.96 -46.21 -6.18
N LEU D 430 21.07 -47.17 -5.94
CA LEU D 430 21.47 -48.53 -5.64
C LEU D 430 20.80 -49.50 -6.61
N SER D 431 21.37 -50.69 -6.73
CA SER D 431 20.76 -51.79 -7.49
C SER D 431 20.87 -53.04 -6.63
N LEU D 432 19.73 -53.53 -6.16
CA LEU D 432 19.67 -54.53 -5.09
C LEU D 432 19.32 -55.91 -5.63
N THR D 433 20.01 -56.93 -5.12
CA THR D 433 19.81 -58.31 -5.52
C THR D 433 19.81 -59.21 -4.29
N GLY D 434 18.80 -60.06 -4.15
CA GLY D 434 18.79 -61.01 -3.07
C GLY D 434 17.40 -61.15 -2.47
N THR D 435 17.38 -61.65 -1.24
CA THR D 435 16.13 -61.94 -0.54
C THR D 435 15.58 -60.68 0.14
N ILE D 436 14.28 -60.49 -0.01
CA ILE D 436 13.54 -59.37 0.56
C ILE D 436 12.26 -59.91 1.17
N ILE D 437 11.89 -59.39 2.36
CA ILE D 437 10.60 -59.65 2.97
C ILE D 437 9.60 -58.59 2.52
N VAL D 438 8.36 -59.00 2.24
CA VAL D 438 7.30 -58.09 1.80
C VAL D 438 6.17 -58.08 2.84
N ALA D 439 5.88 -56.90 3.39
CA ALA D 439 4.84 -56.72 4.39
C ALA D 439 4.45 -55.24 4.42
N ARG D 440 3.15 -54.96 4.45
CA ARG D 440 2.72 -53.56 4.52
C ARG D 440 1.71 -53.30 5.62
N ASP D 441 0.63 -52.56 5.29
CA ASP D 441 -0.24 -51.96 6.31
C ASP D 441 -0.80 -53.02 7.26
N SER D 442 -1.54 -53.99 6.72
CA SER D 442 -2.23 -54.96 7.56
C SER D 442 -1.27 -55.94 8.25
N ALA D 443 -0.23 -56.37 7.55
CA ALA D 443 0.72 -57.30 8.17
C ALA D 443 1.46 -56.61 9.31
N HIS D 444 1.80 -55.33 9.13
CA HIS D 444 2.45 -54.55 10.18
C HIS D 444 1.54 -54.39 11.38
N ALA D 445 0.25 -54.11 11.12
CA ALA D 445 -0.70 -54.01 12.20
C ALA D 445 -0.74 -55.30 13.01
N ARG D 446 -0.70 -56.45 12.33
CA ARG D 446 -0.80 -57.70 13.06
C ARG D 446 0.49 -57.97 13.84
N MET D 447 1.64 -57.61 13.29
CA MET D 447 2.89 -57.80 14.04
C MET D 447 2.95 -56.86 15.23
N ARG D 448 2.40 -55.64 15.11
CA ARG D 448 2.28 -54.75 16.25
C ARG D 448 1.31 -55.30 17.29
N GLU D 449 0.21 -55.93 16.85
CA GLU D 449 -0.69 -56.61 17.78
C GLU D 449 0.03 -57.74 18.49
N MET D 450 0.88 -58.47 17.76
CA MET D 450 1.65 -59.57 18.35
C MET D 450 2.65 -59.08 19.38
N LEU D 451 3.41 -58.03 19.05
CA LEU D 451 4.44 -57.55 19.97
C LEU D 451 3.84 -57.12 21.29
N GLU D 452 2.70 -56.46 21.26
CA GLU D 452 2.08 -56.05 22.51
C GLU D 452 1.52 -57.23 23.28
N ALA D 453 1.35 -58.37 22.63
CA ALA D 453 0.94 -59.60 23.29
C ALA D 453 2.11 -60.35 23.91
N GLY D 454 3.32 -59.78 23.86
CA GLY D 454 4.48 -60.52 24.29
C GLY D 454 4.93 -61.54 23.27
N LYS D 455 4.47 -61.41 22.01
CA LYS D 455 4.89 -62.32 20.95
C LYS D 455 6.11 -61.75 20.24
N PRO D 456 7.08 -62.58 19.92
CA PRO D 456 8.32 -62.06 19.33
C PRO D 456 8.07 -61.53 17.93
N LEU D 457 8.83 -60.49 17.58
CA LEU D 457 8.80 -60.00 16.21
C LEU D 457 9.15 -61.14 15.26
N PRO D 458 8.36 -61.36 14.20
CA PRO D 458 8.66 -62.43 13.25
C PRO D 458 10.12 -62.45 12.84
N GLN D 459 10.68 -63.65 12.78
CA GLN D 459 12.12 -63.78 12.59
C GLN D 459 12.57 -63.27 11.22
N TYR D 460 11.75 -63.42 10.18
CA TYR D 460 12.14 -62.94 8.86
C TYR D 460 12.30 -61.43 8.84
N MET D 461 11.71 -60.72 9.81
CA MET D 461 11.93 -59.29 9.94
C MET D 461 13.36 -58.96 10.35
N LYS D 462 14.07 -59.91 10.96
CA LYS D 462 15.43 -59.71 11.45
C LYS D 462 16.49 -60.26 10.52
N GLU D 463 16.07 -60.87 9.41
CA GLU D 463 16.98 -61.55 8.50
C GLU D 463 17.02 -60.96 7.11
N HIS D 464 16.07 -60.11 6.74
CA HIS D 464 16.01 -59.60 5.38
C HIS D 464 15.53 -58.15 5.39
N PRO D 465 15.83 -57.39 4.33
CA PRO D 465 15.14 -56.11 4.13
C PRO D 465 13.64 -56.32 3.93
N VAL D 466 12.87 -55.29 4.26
CA VAL D 466 11.42 -55.29 4.15
C VAL D 466 11.02 -54.36 3.00
N TYR D 467 10.19 -54.88 2.11
CA TYR D 467 9.63 -54.15 0.99
C TYR D 467 8.17 -53.91 1.31
N TYR D 468 7.75 -52.66 1.41
CA TYR D 468 6.34 -52.40 1.64
C TYR D 468 5.64 -52.48 0.30
N ALA D 469 4.86 -53.54 0.11
CA ALA D 469 4.21 -53.70 -1.18
C ALA D 469 3.11 -54.74 -1.08
N GLY D 470 2.21 -54.70 -2.06
CA GLY D 470 1.18 -55.69 -2.24
C GLY D 470 0.96 -56.01 -3.71
N PRO D 471 1.19 -57.26 -4.10
CA PRO D 471 1.21 -57.61 -5.52
C PRO D 471 -0.18 -57.76 -6.10
N ALA D 472 -0.29 -57.49 -7.40
CA ALA D 472 -1.41 -57.95 -8.19
C ALA D 472 -1.22 -59.42 -8.59
N LYS D 473 -2.27 -60.01 -9.14
CA LYS D 473 -2.25 -61.45 -9.39
C LYS D 473 -1.17 -61.83 -10.40
N GLN D 474 -0.64 -63.04 -10.25
CA GLN D 474 0.46 -63.50 -11.09
C GLN D 474 -0.06 -64.04 -12.42
N PRO D 475 0.36 -63.49 -13.56
CA PRO D 475 -0.10 -64.01 -14.85
C PRO D 475 0.45 -65.40 -15.09
N ASP D 476 -0.29 -66.17 -15.88
CA ASP D 476 0.20 -67.48 -16.29
C ASP D 476 1.54 -67.34 -17.00
N GLY D 477 2.53 -68.10 -16.55
CA GLY D 477 3.83 -68.13 -17.20
C GLY D 477 4.75 -66.98 -16.88
N LEU D 478 4.43 -66.15 -15.90
CA LEU D 478 5.31 -65.06 -15.52
C LEU D 478 5.74 -65.21 -14.06
N PRO D 479 6.93 -64.72 -13.70
CA PRO D 479 7.38 -64.86 -12.30
C PRO D 479 6.61 -63.98 -11.33
N SER D 480 6.04 -62.87 -11.78
CA SER D 480 5.43 -61.95 -10.83
C SER D 480 4.37 -61.13 -11.53
N GLY D 481 3.30 -60.84 -10.80
CA GLY D 481 2.40 -59.76 -11.18
C GLY D 481 2.97 -58.41 -10.79
N SER D 482 2.30 -57.36 -11.26
CA SER D 482 2.65 -56.01 -10.86
C SER D 482 2.83 -55.92 -9.34
N PHE D 483 3.91 -55.30 -8.92
CA PHE D 483 4.40 -55.43 -7.54
C PHE D 483 5.20 -54.19 -7.17
N GLY D 484 4.60 -53.03 -7.34
CA GLY D 484 5.28 -51.81 -6.96
C GLY D 484 5.16 -51.54 -5.47
N PRO D 485 5.84 -50.49 -5.02
CA PRO D 485 5.91 -50.19 -3.59
C PRO D 485 4.69 -49.44 -3.08
N THR D 486 4.37 -49.68 -1.80
CA THR D 486 3.39 -48.89 -1.08
C THR D 486 4.03 -47.63 -0.48
N THR D 487 3.25 -46.56 -0.45
CA THR D 487 3.63 -45.34 0.24
C THR D 487 4.26 -45.64 1.59
N ALA D 488 5.51 -45.21 1.77
CA ALA D 488 6.24 -45.61 2.98
C ALA D 488 5.68 -44.96 4.25
N GLY D 489 5.10 -43.76 4.13
CA GLY D 489 4.70 -43.03 5.33
C GLY D 489 3.67 -43.72 6.21
N ARG D 490 2.80 -44.56 5.62
CA ARG D 490 1.81 -45.28 6.40
C ARG D 490 2.41 -46.33 7.33
N MET D 491 3.70 -46.65 7.21
CA MET D 491 4.39 -47.57 8.11
C MET D 491 5.26 -46.87 9.15
N ASP D 492 5.34 -45.54 9.15
CA ASP D 492 6.15 -44.83 10.14
C ASP D 492 5.87 -45.20 11.59
N PRO D 493 4.61 -45.44 12.04
CA PRO D 493 4.42 -45.82 13.45
C PRO D 493 5.07 -47.16 13.80
N PHE D 494 5.62 -47.84 12.80
CA PHE D 494 6.27 -49.11 13.03
C PHE D 494 7.78 -49.04 12.95
N VAL D 495 8.36 -47.88 12.60
CA VAL D 495 9.80 -47.82 12.35
C VAL D 495 10.56 -48.00 13.65
N ASP D 496 10.35 -47.09 14.62
CA ASP D 496 11.03 -47.14 15.91
C ASP D 496 10.69 -48.41 16.69
N LEU D 497 9.41 -48.77 16.74
CA LEU D 497 9.00 -50.00 17.41
C LEU D 497 9.72 -51.21 16.85
N PHE D 498 9.65 -51.42 15.54
CA PHE D 498 10.21 -52.64 14.99
C PHE D 498 11.73 -52.63 15.09
N GLN D 499 12.37 -51.47 14.87
CA GLN D 499 13.82 -51.40 15.00
C GLN D 499 14.28 -51.56 16.44
N SER D 500 13.43 -51.21 17.41
CA SER D 500 13.73 -51.45 18.81
C SER D 500 13.72 -52.94 19.15
N HIS D 501 13.11 -53.76 18.31
CA HIS D 501 13.12 -55.21 18.47
C HIS D 501 14.11 -55.92 17.55
N GLY D 502 14.97 -55.19 16.85
CA GLY D 502 15.93 -55.82 15.97
C GLY D 502 15.44 -56.14 14.58
N GLY D 503 14.25 -55.66 14.19
CA GLY D 503 13.71 -55.87 12.86
C GLY D 503 13.52 -54.54 12.15
N SER D 504 13.14 -54.62 10.88
CA SER D 504 12.83 -53.42 10.08
C SER D 504 14.03 -52.48 9.97
N MET D 505 15.22 -53.06 9.78
CA MET D 505 16.44 -52.27 9.69
C MET D 505 16.63 -51.64 8.31
N VAL D 506 16.18 -52.32 7.25
CA VAL D 506 16.26 -51.81 5.87
C VAL D 506 14.85 -51.80 5.29
N MET D 507 14.43 -50.64 4.79
CA MET D 507 13.05 -50.44 4.34
C MET D 507 13.05 -49.99 2.88
N LEU D 508 12.28 -50.69 2.04
CA LEU D 508 12.11 -50.35 0.63
C LEU D 508 10.66 -49.99 0.38
N ALA D 509 10.41 -48.75 -0.02
CA ALA D 509 9.06 -48.30 -0.33
C ALA D 509 9.18 -47.05 -1.18
N LYS D 510 8.12 -46.23 -1.19
CA LYS D 510 8.11 -44.98 -1.95
C LYS D 510 7.53 -43.86 -1.11
N GLY D 511 7.95 -42.63 -1.41
CA GLY D 511 7.44 -41.45 -0.76
C GLY D 511 8.35 -40.98 0.37
N ASN D 512 8.23 -39.70 0.72
CA ASN D 512 8.99 -39.19 1.84
C ASN D 512 8.35 -39.63 3.16
N ARG D 513 9.14 -39.62 4.24
CA ARG D 513 8.71 -40.07 5.55
C ARG D 513 8.82 -38.95 6.58
N SER D 514 8.26 -39.20 7.76
CA SER D 514 8.21 -38.17 8.79
C SER D 514 9.59 -37.97 9.41
N LYS D 515 9.72 -36.85 10.12
CA LYS D 515 10.99 -36.55 10.78
C LYS D 515 11.31 -37.54 11.88
N GLN D 516 10.30 -38.27 12.38
CA GLN D 516 10.46 -39.31 13.39
C GLN D 516 10.95 -40.64 12.81
N VAL D 517 11.09 -40.74 11.50
CA VAL D 517 11.65 -41.94 10.88
C VAL D 517 13.16 -41.84 10.77
N THR D 518 13.65 -40.64 10.44
CA THR D 518 15.08 -40.38 10.38
C THR D 518 15.74 -40.63 11.73
N LYS D 519 15.10 -40.21 12.82
CA LYS D 519 15.68 -40.37 14.15
C LYS D 519 15.80 -41.85 14.55
N ALA D 520 14.81 -42.68 14.19
CA ALA D 520 14.91 -44.10 14.48
C ALA D 520 16.02 -44.76 13.67
N CYS D 521 16.12 -44.45 12.38
CA CYS D 521 17.21 -44.98 11.57
C CYS D 521 18.55 -44.44 12.05
N HIS D 522 18.56 -43.20 12.50
CA HIS D 522 19.75 -42.62 13.13
C HIS D 522 20.02 -43.28 14.48
N LYS D 523 18.95 -43.58 15.25
CA LYS D 523 19.07 -44.15 16.59
C LYS D 523 19.46 -45.63 16.56
N TYR D 524 18.93 -46.40 15.61
CA TYR D 524 19.12 -47.84 15.59
C TYR D 524 20.04 -48.30 14.48
N GLY D 525 20.48 -47.40 13.60
CA GLY D 525 21.41 -47.80 12.58
C GLY D 525 20.75 -48.43 11.38
N GLY D 526 19.52 -48.06 11.09
CA GLY D 526 18.80 -48.57 9.96
C GLY D 526 18.78 -47.56 8.82
N PHE D 527 18.09 -47.95 7.76
CA PHE D 527 18.10 -47.24 6.49
C PHE D 527 16.71 -47.30 5.85
N TYR D 528 16.32 -46.23 5.19
CA TYR D 528 15.16 -46.23 4.31
C TYR D 528 15.65 -46.03 2.88
N LEU D 529 15.50 -47.07 2.05
CA LEU D 529 15.84 -47.05 0.63
C LEU D 529 14.58 -46.84 -0.20
N GLY D 530 14.57 -45.81 -1.04
CA GLY D 530 13.41 -45.48 -1.87
C GLY D 530 13.49 -45.95 -3.31
N SER D 531 12.40 -46.50 -3.80
CA SER D 531 12.30 -46.89 -5.21
C SER D 531 11.29 -46.00 -5.93
N ILE D 532 11.35 -46.05 -7.25
CA ILE D 532 10.40 -45.34 -8.10
C ILE D 532 8.99 -45.93 -7.93
N GLY D 533 8.04 -45.09 -7.56
CA GLY D 533 6.64 -45.51 -7.49
C GLY D 533 5.91 -45.27 -8.80
N GLY D 534 5.07 -46.21 -9.16
CA GLY D 534 4.35 -46.10 -10.41
C GLY D 534 4.58 -47.25 -11.37
N PRO D 535 5.88 -47.55 -11.72
CA PRO D 535 6.16 -48.58 -12.75
C PRO D 535 6.21 -50.01 -12.21
N ALA D 536 5.03 -50.51 -11.81
CA ALA D 536 4.94 -51.84 -11.21
C ALA D 536 5.19 -52.95 -12.21
N ALA D 537 4.81 -52.75 -13.47
CA ALA D 537 5.04 -53.76 -14.49
C ALA D 537 6.51 -53.86 -14.84
N VAL D 538 7.24 -52.75 -14.75
CA VAL D 538 8.68 -52.76 -15.02
C VAL D 538 9.41 -53.64 -14.02
N LEU D 539 9.08 -53.47 -12.75
CA LEU D 539 9.74 -54.23 -11.69
C LEU D 539 9.40 -55.72 -11.77
N ALA D 540 8.11 -56.04 -11.93
CA ALA D 540 7.65 -57.42 -12.00
C ALA D 540 8.24 -58.17 -13.19
N GLN D 541 8.47 -57.45 -14.29
CA GLN D 541 9.00 -58.10 -15.49
C GLN D 541 10.50 -58.25 -15.42
N ASN D 542 11.21 -57.25 -14.89
CA ASN D 542 12.65 -57.20 -15.02
C ASN D 542 13.42 -57.52 -13.76
N ALA D 543 12.84 -57.25 -12.59
CA ALA D 543 13.57 -57.33 -11.32
C ALA D 543 13.12 -58.47 -10.42
N ILE D 544 11.84 -58.81 -10.38
CA ILE D 544 11.32 -59.79 -9.43
C ILE D 544 11.39 -61.17 -10.06
N LYS D 545 12.18 -62.06 -9.45
CA LYS D 545 12.49 -63.35 -10.05
C LYS D 545 11.72 -64.49 -9.40
N LYS D 546 11.27 -64.34 -8.16
CA LYS D 546 10.48 -65.38 -7.53
C LYS D 546 9.63 -64.73 -6.45
N VAL D 547 8.40 -65.22 -6.31
CA VAL D 547 7.41 -64.67 -5.41
C VAL D 547 6.83 -65.81 -4.60
N GLU D 548 6.83 -65.64 -3.27
CA GLU D 548 6.30 -66.64 -2.36
C GLU D 548 5.37 -65.97 -1.37
N CYS D 549 4.33 -66.70 -0.98
CA CYS D 549 3.56 -66.31 0.18
C CYS D 549 4.18 -67.04 1.38
N LEU D 550 4.66 -66.28 2.36
CA LEU D 550 5.40 -66.84 3.48
C LEU D 550 4.57 -66.94 4.75
N ASP D 551 3.64 -66.03 4.97
CA ASP D 551 3.02 -65.85 6.27
C ASP D 551 1.76 -65.01 6.04
N MET D 552 0.90 -64.99 7.06
CA MET D 552 -0.32 -64.18 7.03
C MET D 552 -1.18 -64.54 5.82
N LYS D 553 -1.31 -65.84 5.54
CA LYS D 553 -2.07 -66.26 4.37
C LYS D 553 -3.54 -65.86 4.49
N ASP D 554 -3.98 -65.51 5.70
N ASP D 554 -3.99 -65.52 5.70
CA ASP D 554 -5.34 -65.02 5.91
CA ASP D 554 -5.35 -65.01 5.90
C ASP D 554 -5.58 -63.69 5.20
C ASP D 554 -5.57 -63.72 5.13
N LEU D 555 -4.52 -62.92 4.96
CA LEU D 555 -4.64 -61.67 4.23
C LEU D 555 -4.55 -61.93 2.72
N GLY D 556 -4.93 -60.94 1.93
CA GLY D 556 -4.90 -61.11 0.49
C GLY D 556 -3.51 -60.85 -0.04
N MET D 557 -3.35 -59.70 -0.68
CA MET D 557 -2.06 -59.12 -1.03
C MET D 557 -1.36 -58.51 0.18
N GLU D 558 -2.08 -58.29 1.27
CA GLU D 558 -1.48 -57.75 2.47
C GLU D 558 -0.68 -58.80 3.23
N ALA D 559 -0.60 -60.00 2.69
CA ALA D 559 0.18 -61.08 3.27
C ALA D 559 1.66 -60.73 3.33
N VAL D 560 2.39 -61.48 4.15
CA VAL D 560 3.85 -61.44 4.18
C VAL D 560 4.36 -62.30 3.04
N TRP D 561 5.18 -61.72 2.18
CA TRP D 561 5.74 -62.44 1.04
C TRP D 561 7.24 -62.53 1.17
N ARG D 562 7.81 -63.50 0.45
CA ARG D 562 9.26 -63.67 0.30
C ARG D 562 9.57 -63.61 -1.19
N ILE D 563 10.37 -62.65 -1.60
CA ILE D 563 10.69 -62.47 -3.01
C ILE D 563 12.21 -62.46 -3.18
N GLU D 564 12.65 -62.90 -4.35
CA GLU D 564 14.03 -62.77 -4.77
C GLU D 564 14.07 -61.82 -5.95
N VAL D 565 14.82 -60.73 -5.81
CA VAL D 565 14.90 -59.71 -6.85
C VAL D 565 16.34 -59.61 -7.35
N GLU D 566 16.48 -59.18 -8.61
CA GLU D 566 17.78 -58.93 -9.24
C GLU D 566 17.77 -57.54 -9.86
N ASN D 567 18.77 -56.74 -9.49
CA ASN D 567 18.95 -55.40 -10.04
C ASN D 567 17.73 -54.53 -9.79
N PHE D 568 17.21 -54.58 -8.57
CA PHE D 568 16.08 -53.74 -8.16
C PHE D 568 16.60 -52.35 -7.82
N PRO D 569 16.16 -51.30 -8.50
CA PRO D 569 16.73 -49.97 -8.26
C PRO D 569 16.16 -49.29 -7.02
N ALA D 570 17.01 -48.52 -6.37
CA ALA D 570 16.61 -47.80 -5.16
C ALA D 570 17.59 -46.67 -4.92
N PHE D 571 17.12 -45.66 -4.19
CA PHE D 571 17.96 -44.57 -3.71
C PHE D 571 18.01 -44.60 -2.20
N ILE D 572 19.14 -44.21 -1.63
CA ILE D 572 19.17 -43.99 -0.19
C ILE D 572 18.44 -42.69 0.11
N VAL D 573 17.34 -42.79 0.87
CA VAL D 573 16.53 -41.63 1.22
C VAL D 573 16.73 -41.23 2.68
N VAL D 574 16.84 -42.19 3.58
CA VAL D 574 17.22 -41.93 4.98
C VAL D 574 18.34 -42.90 5.33
N ASP D 575 19.41 -42.39 5.93
CA ASP D 575 20.51 -43.26 6.35
C ASP D 575 20.58 -43.41 7.87
N ASP D 576 21.64 -44.07 8.35
CA ASP D 576 21.83 -44.34 9.76
C ASP D 576 22.60 -43.24 10.48
N LYS D 577 22.61 -42.02 9.93
CA LYS D 577 23.39 -40.91 10.49
C LYS D 577 22.57 -39.64 10.63
N GLY D 578 21.26 -39.69 10.44
CA GLY D 578 20.40 -38.52 10.59
C GLY D 578 20.13 -37.71 9.34
N ASN D 579 20.42 -38.25 8.15
CA ASN D 579 20.27 -37.52 6.89
C ASN D 579 19.07 -38.00 6.10
N ASP D 580 18.38 -37.06 5.46
CA ASP D 580 17.22 -37.33 4.61
C ASP D 580 17.49 -36.74 3.24
N PHE D 581 17.25 -37.54 2.19
CA PHE D 581 17.42 -37.20 0.78
C PHE D 581 17.12 -35.73 0.50
N PHE D 582 15.93 -35.28 0.89
CA PHE D 582 15.52 -33.90 0.69
C PHE D 582 15.88 -33.08 1.92
N GLU D 583 16.26 -31.82 1.70
CA GLU D 583 16.53 -30.88 2.77
C GLU D 583 17.61 -31.41 3.72
N GLN D 584 18.60 -32.10 3.15
CA GLN D 584 19.78 -32.55 3.89
C GLN D 584 20.79 -33.13 2.91
FE1 SF4 E . -5.38 32.84 1.99
FE2 SF4 E . -6.40 34.28 4.09
FE3 SF4 E . -4.52 32.35 4.56
FE4 SF4 E . -7.08 31.66 3.83
S1 SF4 E . -6.47 32.73 5.74
S2 SF4 E . -5.12 30.79 3.01
S3 SF4 E . -7.59 33.36 2.40
S4 SF4 E . -4.23 34.25 3.34
C1 GOL F . 10.68 15.91 20.86
O1 GOL F . 10.65 16.99 21.72
C2 GOL F . 10.36 16.46 19.51
O2 GOL F . 9.16 17.04 19.52
C3 GOL F . 10.33 15.28 18.66
O3 GOL F . 9.62 14.32 19.36
C1 GOL G . 0.33 42.68 24.62
O1 GOL G . 0.84 43.93 24.95
C2 GOL G . 1.54 41.88 24.24
O2 GOL G . 2.61 42.42 24.85
C3 GOL G . 1.28 40.44 24.73
O3 GOL G . 2.10 39.55 23.98
C1 GOL H . -16.16 10.06 6.98
O1 GOL H . -15.72 11.37 6.99
C2 GOL H . -15.30 9.31 8.02
O2 GOL H . -14.30 8.57 7.45
C3 GOL H . -14.69 10.40 8.89
O3 GOL H . -13.50 9.82 9.29
C1 GOL I . 3.68 33.32 22.06
O1 GOL I . 3.39 32.14 21.35
C2 GOL I . 5.18 33.62 21.91
O2 GOL I . 5.45 34.91 22.14
C3 GOL I . 5.89 32.74 22.97
O3 GOL I . 7.27 32.93 22.81
C1 GOL J . -19.40 20.13 -5.81
O1 GOL J . -19.12 21.47 -5.81
C2 GOL J . -18.09 19.47 -5.51
O2 GOL J . -17.21 19.72 -6.53
C3 GOL J . -18.41 17.96 -5.37
O3 GOL J . -18.33 17.63 -4.02
OH2 1PE K . 5.67 1.69 24.14
C12 1PE K . 5.56 3.04 24.49
C22 1PE K . 5.35 3.90 23.23
OH3 1PE K . 4.09 3.72 22.66
C13 1PE K . 1.72 3.71 22.85
C23 1PE K . 3.04 4.26 23.39
OH4 1PE K . 1.12 2.90 23.82
C01 JYD L . -7.17 32.96 -1.40
C01 JYD L . -7.19 32.37 -1.30
C02 JYD L . -5.66 33.03 -1.42
C02 JYD L . -5.84 32.99 -1.66
C03 JYD L . -5.21 34.42 -1.03
C03 JYD L . -6.01 34.36 -2.28
C07 JYD L . -7.66 31.82 -2.26
C07 JYD L . -7.71 31.52 -2.46
O04 JYD L . -5.21 35.34 -1.87
O04 JYD L . -6.74 34.50 -3.28
O05 JYD L . -4.84 34.62 0.15
O05 JYD L . -5.38 35.34 -1.80
O08 JYD L . -6.88 31.31 -3.11
O08 JYD L . -6.93 31.23 -3.39
O09 JYD L . -8.83 31.40 -2.11
O09 JYD L . -8.91 31.13 -2.45
S06 JYD L . -5.00 31.95 -0.15
S06 JYD L . -4.90 33.30 -0.15
OH2 1PE M . -9.61 27.22 34.18
C12 1PE M . -10.47 26.92 33.13
C22 1PE M . -10.98 28.26 32.63
OH3 1PE M . -9.99 29.22 32.85
C13 1PE M . -11.06 30.48 31.05
C23 1PE M . -10.26 30.51 32.35
OH4 1PE M . -10.41 31.06 29.94
C14 1PE M . -9.89 30.21 27.70
C24 1PE M . -10.95 30.65 28.70
OH5 1PE M . -10.21 28.96 27.15
C15 1PE M . -9.83 26.61 27.34
C25 1PE M . -9.20 27.99 27.31
OH6 1PE M . -8.87 25.75 27.89
OH3 1PE N . -1.81 46.00 -19.87
C13 1PE N . -0.65 44.18 -20.97
C23 1PE N . -0.59 45.25 -19.90
OH4 1PE N . -1.89 43.50 -20.90
C14 1PE N . -2.13 41.38 -22.02
C24 1PE N . -1.70 42.11 -20.77
OH5 1PE N . -3.27 40.56 -21.74
C15 1PE N . -3.97 38.35 -20.98
C25 1PE N . -3.05 39.16 -21.89
OH6 1PE N . -4.55 39.07 -19.90
OH3 1PE O . -23.48 53.60 -18.70
C13 1PE O . -21.48 53.07 -19.87
C23 1PE O . -22.88 52.61 -19.52
OH4 1PE O . -20.59 51.96 -19.83
C14 1PE O . -18.86 53.56 -19.26
C24 1PE O . -19.23 52.32 -20.03
OH5 1PE O . -18.35 53.23 -17.98
C15 1PE O . -18.59 53.81 -15.68
C25 1PE O . -18.32 54.33 -17.08
OH6 1PE O . -19.03 54.92 -14.91
FE1 SF4 P . 31.90 36.42 -8.39
FE2 SF4 P . 33.01 38.87 -8.83
FE3 SF4 P . 34.51 36.95 -7.59
FE4 SF4 P . 32.35 38.09 -6.27
S1 SF4 P . 34.29 39.14 -6.97
S2 SF4 P . 32.87 35.85 -6.40
S3 SF4 P . 30.90 38.43 -7.99
S4 SF4 P . 33.71 36.92 -9.73
C1 GOL Q . 25.61 10.24 -15.01
O1 GOL Q . 25.76 10.47 -13.62
C2 GOL Q . 24.32 10.96 -15.35
O2 GOL Q . 24.17 11.29 -16.70
C3 GOL Q . 24.40 12.13 -14.47
O3 GOL Q . 25.73 12.33 -14.22
C1 GOL R . 44.31 38.13 9.27
O1 GOL R . 44.17 39.42 8.80
C2 GOL R . 44.12 37.29 8.03
O2 GOL R . 43.08 37.71 7.28
C3 GOL R . 43.88 35.88 8.54
O3 GOL R . 43.49 35.18 7.39
C01 JYD S . 33.72 40.27 -3.15
C01 JYD S . 33.94 40.06 -3.44
C02 JYD S . 32.27 39.85 -3.19
C02 JYD S . 32.46 40.10 -3.15
C03 JYD S . 31.54 40.82 -4.08
C03 JYD S . 31.90 41.50 -3.30
C07 JYD S . 34.42 39.73 -1.92
C07 JYD S . 34.71 39.83 -2.16
O04 JYD S . 31.25 40.48 -5.26
O04 JYD S . 32.25 42.38 -2.48
O05 JYD S . 31.22 41.95 -3.66
O05 JYD S . 31.10 41.77 -4.24
O08 JYD S . 35.69 39.62 -1.94
O08 JYD S . 35.95 40.02 -2.13
O09 JYD S . 33.75 39.42 -0.92
O09 JYD S . 34.07 39.45 -1.14
S06 JYD S . 32.16 38.20 -3.92
S06 JYD S . 31.63 39.06 -4.36
OH2 1PE T . 35.84 -0.94 -12.91
C12 1PE T . 34.73 -0.29 -13.47
C22 1PE T . 34.55 1.15 -12.98
OH3 1PE T . 35.70 1.84 -12.62
C13 1PE T . 37.87 2.47 -13.11
C23 1PE T . 36.50 2.22 -13.69
OH4 1PE T . 38.88 1.82 -13.83
C14 1PE T . 39.87 0.16 -12.51
C24 1PE T . 39.99 1.59 -13.02
OH5 1PE T . 41.03 -0.21 -11.84
C15 1PE T . 40.03 -1.56 -10.17
C25 1PE T . 40.95 -1.54 -11.38
OH6 1PE T . 39.67 -2.87 -9.85
OH3 1PE U . 24.30 42.59 -30.14
C13 1PE U . 23.41 40.58 -31.09
C23 1PE U . 23.27 42.09 -30.98
OH4 1PE U . 23.02 40.10 -32.36
C14 1PE U . 22.56 37.89 -33.16
C24 1PE U . 23.62 38.85 -32.67
OH5 1PE U . 22.38 36.89 -32.16
C15 1PE U . 20.79 35.45 -31.05
C25 1PE U . 21.00 36.70 -31.88
OH6 1PE U . 21.00 35.75 -29.68
FE1 SF4 V . -24.98 -21.21 14.93
FE2 SF4 V . -24.48 -20.82 12.28
FE3 SF4 V . -27.04 -20.58 13.25
FE4 SF4 V . -25.86 -23.05 13.15
S1 SF4 V . -26.39 -21.72 11.38
S2 SF4 V . -27.05 -22.17 14.88
S3 SF4 V . -23.68 -22.49 13.59
S4 SF4 V . -25.24 -19.27 13.78
C1 GOL W . -2.46 -45.27 20.52
O1 GOL W . -2.92 -44.28 19.67
C2 GOL W . -1.16 -45.81 19.90
O2 GOL W . -0.21 -46.13 20.87
C3 GOL W . -0.69 -44.71 18.92
O3 GOL W . -1.63 -44.70 17.91
OH2 1PE X . -43.02 -33.50 30.05
C12 1PE X . -41.87 -32.77 29.73
C22 1PE X . -42.14 -31.94 28.48
OH3 1PE X . -43.15 -32.56 27.71
C13 1PE X . -43.11 -34.04 25.80
C23 1PE X . -42.91 -32.62 26.33
OH4 1PE X . -44.10 -34.04 24.80
C01 JYD Y . -23.56 -17.39 11.40
C02 JYD Y . -22.69 -18.45 10.74
C03 JYD Y . -21.66 -18.94 11.72
C07 JYD Y . -23.95 -16.26 10.46
O04 JYD Y . -22.02 -19.82 12.54
O05 JYD Y . -20.48 -18.49 11.70
O08 JYD Y . -24.90 -15.52 10.76
O09 JYD Y . -23.29 -16.08 9.39
S06 JYD Y . -23.71 -19.90 10.39
OH3 1PE Z . -25.68 -38.57 31.25
C13 1PE Z . -27.06 -39.47 29.51
C23 1PE Z . -26.62 -39.59 30.96
OH4 1PE Z . -26.03 -40.00 28.71
C14 1PE Z . -26.41 -42.33 28.46
C24 1PE Z . -26.48 -40.97 27.81
OH5 1PE Z . -26.68 -43.30 27.48
C15 1PE Z . -26.11 -44.97 29.04
C25 1PE Z . -27.16 -44.49 28.06
OH6 1PE Z . -25.26 -45.86 28.35
OH3 1PE AA . -29.53 -33.93 24.24
C13 1PE AA . -30.03 -36.28 24.26
C23 1PE AA . -29.21 -35.17 24.85
OH4 1PE AA . -29.35 -37.51 24.47
C14 1PE AA . -29.02 -39.65 23.44
C24 1PE AA . -30.02 -38.61 23.90
OH5 1PE AA . -29.29 -39.98 22.11
C15 1PE AA . -30.70 -40.78 20.39
C25 1PE AA . -30.60 -40.43 21.85
OH6 1PE AA . -30.99 -39.56 19.71
FE1 SF4 BA . 0.06 -46.70 -8.29
FE2 SF4 BA . -0.92 -44.15 -8.03
FE3 SF4 BA . 1.53 -44.78 -7.01
FE4 SF4 BA . -0.73 -45.75 -5.81
S1 SF4 BA . -0.11 -43.58 -5.99
S2 SF4 BA . 1.18 -46.93 -6.31
S3 SF4 BA . -2.06 -46.08 -7.66
S4 SF4 BA . 0.93 -44.80 -9.22
C01 JYD CA . -0.02 -48.70 -3.46
C02 JYD CA . -0.96 -47.68 -2.82
C03 JYD CA . -0.20 -46.60 -2.08
C07 JYD CA . -0.69 -50.06 -3.38
O04 JYD CA . 0.22 -46.81 -0.91
O05 JYD CA . -0.03 -45.51 -2.67
O08 JYD CA . -1.72 -50.11 -2.68
O09 JYD CA . -0.24 -51.08 -3.99
S06 JYD CA . -1.82 -46.76 -4.10
OH2 1PE DA . -27.17 -47.29 -35.84
C12 1PE DA . -27.58 -48.03 -36.98
C22 1PE DA . -26.83 -49.35 -37.16
OH3 1PE DA . -26.13 -49.40 -38.37
C13 1PE DA . -23.87 -49.18 -39.20
C23 1PE DA . -24.86 -49.95 -38.33
OH4 1PE DA . -22.63 -49.01 -38.58
C14 1PE DA . -20.86 -47.45 -37.89
C24 1PE DA . -22.07 -47.73 -38.78
OH5 1PE DA . -21.26 -46.64 -36.81
C15 1PE DA . -21.79 -44.42 -36.08
C25 1PE DA . -20.83 -45.31 -36.87
OH6 1PE DA . -23.09 -44.94 -36.16
C16 1PE DA . -24.11 -44.79 -38.35
C26 1PE DA . -23.99 -44.19 -36.95
OH7 1PE DA . -25.45 -45.10 -38.65
#